data_4GSC
#
_entry.id   4GSC
#
_cell.length_a   263.759
_cell.length_b   263.759
_cell.length_c   91.260
_cell.angle_alpha   90.00
_cell.angle_beta   90.00
_cell.angle_gamma   120.00
#
_symmetry.space_group_name_H-M   'P 65'
#
loop_
_entity.id
_entity.type
_entity.pdbx_description
1 polymer 'Insulin-degrading enzyme'
2 non-polymer 'ZINC ION'
3 non-polymer 'methyl N-(carboxymethyl)-N-(2-phenylethyl)glycyl-L-histidinate'
4 water water
#
_entity_poly.entity_id   1
_entity_poly.type   'polypeptide(L)'
_entity_poly.pdbx_seq_one_letter_code
;MHHHHHHAAGIPMNNPAIKRIGNHITKSPEDKREYRGLELANGIKVLLISDPTTDKSSAALDVHIGSLSDPPNIAGLSHF
LQHMLFLGTKKYPKENEYSQFLSEHAGSSNAFTSGEHTNYYFDVSHEHLEGALDRFAQFFLSPLFDESAKDREVNAVDSE
HEKNVMNDAWRLFQLEKATGNPKHPFSKFGTGNKYTLETRPNQEGIDVRQELLKFHSAYYSSNLMAVVVLGRESLDDLTN
LVVKLFSEVENKNVPLPEFPEHPFQEEHLKQLYKIVPIKDIRNLYVTFPIPDLQKYYKSNPGHYLGHLIGHEGPGSLLSE
LKSKGWVNTLVGGQKEGARGFMFFIINVDLTEEGLLHVEDIILHMFQYIQKLRAEGPQEWVFQELKDLNAVAFRFKDKER
PRGYTSKIAGILHYYPLEEVLTAEYLLEEFRPDLIEMVLDKLRPENVRVAIVSKSFEGKTDRTEEWYGTQYKQEAIPDEV
IKKWQNADLNGKFKLPTKNEFIPTNFEILPLEKEATPYPALIKDTAMSKLWFKQDDKFFLPKANLNFEFFSPFAYVDPLH
SNMAYLYLELLKDSLNEYAYAAELAGLSYDLQNTIYGMYLSVKGYNDKQPILLKKIIEKMATFEIDEKRFEIIKEAYMRS
LNNFRAEQPHQHAMYYLRLLMTEVAWTKDELKEALDDVTLPRLKAFIPQLLSRLHIEALLHGNITKQAALGIMQMVEDTL
IEHAHTKPLLPSQLVRYREVQLPDRGWFVYQQRNEVHNNSGIEIYYQTDMQSTSENMFLELFAQIISEPAFNTLRTKEQL
GYIVFSGPRRANGIQGLRFIIQSEKPPHYLESRVEAFLITMEKSIEDMTEEAFQKHIQALAIRRLDKPKKLSAESAKYWG
EIISQQYNFDRDNTEVAYLKTLTKEDIIKFYKEMLAVDAPRRHKVSVHVLAREMDSNPVVGEFPAQNDINLSQAPALPQP
EVIQNMTEFKRGLPLFPLVKPHINFMAAKL
;
_entity_poly.pdbx_strand_id   A,B
#
loop_
_chem_comp.id
_chem_comp.type
_chem_comp.name
_chem_comp.formula
MGW non-polymer 'methyl N-(carboxymethyl)-N-(2-phenylethyl)glycyl-L-histidinate' 'C19 H24 N4 O5'
ZN non-polymer 'ZINC ION' 'Zn 2'
#
# COMPACT_ATOMS: atom_id res chain seq x y z
N MET A 13 15.74 -36.69 11.87
CA MET A 13 16.75 -36.03 12.76
C MET A 13 17.16 -34.65 12.23
N ASN A 14 18.37 -34.57 11.66
CA ASN A 14 19.13 -33.31 11.58
C ASN A 14 18.63 -32.24 10.57
N ASN A 15 19.13 -31.01 10.76
CA ASN A 15 18.70 -29.86 9.99
C ASN A 15 19.90 -29.07 9.45
N PRO A 16 20.03 -28.96 8.12
CA PRO A 16 21.13 -28.20 7.55
C PRO A 16 21.20 -26.76 8.02
N ALA A 17 20.05 -26.13 8.24
CA ALA A 17 20.04 -24.68 8.51
C ALA A 17 20.46 -24.29 9.93
N ILE A 18 20.31 -25.21 10.87
CA ILE A 18 20.64 -24.96 12.26
C ILE A 18 22.00 -25.55 12.65
N LYS A 19 22.84 -24.76 13.31
CA LYS A 19 24.06 -25.30 13.88
C LYS A 19 23.79 -26.06 15.20
N ARG A 20 22.96 -25.51 16.09
CA ARG A 20 22.72 -26.16 17.38
C ARG A 20 21.49 -25.63 18.12
N ILE A 21 20.98 -26.46 19.00
CA ILE A 21 19.85 -26.11 19.85
C ILE A 21 20.30 -26.22 21.29
N GLY A 22 20.27 -25.11 22.03
CA GLY A 22 20.75 -25.12 23.42
C GLY A 22 19.90 -26.00 24.33
N ASN A 23 20.37 -26.32 25.54
CA ASN A 23 19.48 -26.99 26.49
C ASN A 23 18.46 -26.01 27.13
N HIS A 24 17.67 -26.50 28.09
CA HIS A 24 16.73 -25.66 28.84
C HIS A 24 17.25 -24.22 29.09
N ILE A 25 16.50 -23.20 28.65
CA ILE A 25 16.90 -21.83 28.94
C ILE A 25 16.39 -21.41 30.32
N THR A 26 17.30 -21.20 31.25
CA THR A 26 16.88 -21.03 32.63
C THR A 26 15.98 -19.80 32.82
N LYS A 27 14.83 -19.96 33.47
CA LYS A 27 13.87 -18.85 33.62
C LYS A 27 13.30 -18.73 35.02
N SER A 28 12.55 -17.66 35.30
CA SER A 28 11.93 -17.60 36.58
C SER A 28 10.76 -18.51 36.60
N PRO A 29 10.59 -19.27 37.71
CA PRO A 29 9.46 -20.23 37.72
C PRO A 29 8.10 -19.54 37.70
N GLU A 30 8.07 -18.25 37.99
CA GLU A 30 6.87 -17.46 37.85
C GLU A 30 6.58 -17.09 36.40
N ASP A 31 7.51 -17.39 35.49
CA ASP A 31 7.46 -16.85 34.12
C ASP A 31 6.86 -17.94 33.28
N LYS A 32 5.70 -17.66 32.73
CA LYS A 32 4.93 -18.67 32.07
C LYS A 32 5.32 -18.86 30.62
N ARG A 33 6.03 -17.85 30.09
CA ARG A 33 6.49 -17.85 28.68
C ARG A 33 7.39 -19.07 28.45
N GLU A 34 7.42 -19.55 27.22
CA GLU A 34 8.30 -20.65 26.89
C GLU A 34 9.40 -20.20 25.94
N TYR A 35 10.56 -20.84 26.01
CA TYR A 35 11.75 -20.32 25.37
C TYR A 35 12.56 -21.35 24.68
N ARG A 36 13.18 -20.96 23.58
CA ARG A 36 14.12 -21.82 22.92
C ARG A 36 15.18 -20.97 22.21
N GLY A 37 16.44 -21.22 22.52
CA GLY A 37 17.54 -20.62 21.80
C GLY A 37 18.23 -21.63 20.88
N LEU A 38 19.00 -21.07 19.95
CA LEU A 38 19.71 -21.83 18.95
C LEU A 38 20.61 -20.91 18.12
N GLU A 39 21.48 -21.52 17.34
CA GLU A 39 22.40 -20.79 16.49
C GLU A 39 22.15 -21.37 15.15
N LEU A 40 21.86 -20.50 14.19
CA LEU A 40 21.72 -20.92 12.81
C LEU A 40 23.07 -21.40 12.21
N ALA A 41 23.01 -22.01 11.02
CA ALA A 41 24.24 -22.47 10.31
C ALA A 41 25.13 -21.29 9.95
N ASN A 42 24.53 -20.16 9.58
CA ASN A 42 25.33 -18.95 9.41
C ASN A 42 25.83 -18.28 10.69
N GLY A 43 25.43 -18.81 11.85
CA GLY A 43 26.05 -18.40 13.11
C GLY A 43 25.29 -17.31 13.86
N ILE A 44 24.09 -16.99 13.37
CA ILE A 44 23.21 -16.07 14.06
C ILE A 44 22.75 -16.77 15.33
N LYS A 45 22.91 -16.06 16.44
CA LYS A 45 22.40 -16.48 17.71
C LYS A 45 20.94 -16.04 17.72
N VAL A 46 20.05 -16.93 18.11
CA VAL A 46 18.63 -16.62 18.07
C VAL A 46 17.97 -17.13 19.31
N LEU A 47 17.18 -16.29 19.99
CA LEU A 47 16.32 -16.74 21.08
C LEU A 47 14.86 -16.60 20.69
N LEU A 48 14.07 -17.66 20.94
CA LEU A 48 12.65 -17.69 20.58
C LEU A 48 11.72 -17.62 21.79
N ILE A 49 10.70 -16.79 21.71
CA ILE A 49 9.84 -16.72 22.86
C ILE A 49 8.41 -17.01 22.43
N SER A 50 7.80 -18.03 23.06
CA SER A 50 6.39 -18.40 22.88
C SER A 50 5.52 -17.88 24.03
N ASP A 51 4.54 -17.04 23.70
CA ASP A 51 3.57 -16.53 24.68
C ASP A 51 2.20 -16.56 24.04
N PRO A 52 1.44 -17.65 24.27
CA PRO A 52 0.08 -17.78 23.78
C PRO A 52 -0.88 -16.67 24.25
N THR A 53 -0.59 -16.00 25.35
CA THR A 53 -1.49 -14.93 25.81
C THR A 53 -1.26 -13.58 25.08
N THR A 54 -0.17 -13.45 24.35
CA THR A 54 0.31 -12.08 24.12
C THR A 54 -0.46 -11.27 23.11
N ASP A 55 -0.69 -9.98 23.37
CA ASP A 55 -1.50 -9.22 22.40
C ASP A 55 -0.69 -8.71 21.20
N LYS A 56 0.58 -8.45 21.43
CA LYS A 56 1.51 -7.97 20.42
C LYS A 56 2.61 -8.96 20.25
N SER A 57 3.29 -8.90 19.13
CA SER A 57 4.43 -9.77 18.96
C SER A 57 5.55 -8.84 18.69
N SER A 58 6.77 -9.36 18.79
CA SER A 58 7.93 -8.53 18.66
C SER A 58 9.08 -9.32 18.15
N ALA A 59 9.99 -8.62 17.49
CA ALA A 59 11.22 -9.23 17.11
C ALA A 59 12.18 -8.10 17.20
N ALA A 60 13.45 -8.43 17.40
CA ALA A 60 14.54 -7.46 17.38
C ALA A 60 15.75 -8.18 16.87
N LEU A 61 16.64 -7.43 16.21
CA LEU A 61 17.91 -7.93 15.80
C LEU A 61 18.93 -6.93 16.28
N ASP A 62 20.11 -7.44 16.61
CA ASP A 62 21.23 -6.66 17.06
C ASP A 62 22.49 -7.17 16.32
N VAL A 63 23.21 -6.23 15.74
CA VAL A 63 24.42 -6.49 15.02
C VAL A 63 25.43 -5.98 15.96
N HIS A 64 26.52 -6.73 16.12
CA HIS A 64 27.66 -6.25 16.89
C HIS A 64 28.58 -5.22 16.20
N ILE A 65 28.00 -4.23 15.53
CA ILE A 65 28.82 -3.15 15.03
C ILE A 65 28.19 -1.91 15.54
N GLY A 66 28.99 -0.87 15.68
CA GLY A 66 28.47 0.45 15.95
C GLY A 66 29.51 1.50 15.59
N SER A 67 29.37 2.69 16.17
CA SER A 67 30.03 3.83 15.59
C SER A 67 31.55 3.77 15.78
N LEU A 68 32.00 3.03 16.79
CA LEU A 68 33.44 2.74 16.96
C LEU A 68 34.10 2.21 15.68
N SER A 69 33.30 1.64 14.81
CA SER A 69 33.75 1.14 13.56
C SER A 69 33.38 2.02 12.40
N ASP A 70 33.12 3.31 12.59
CA ASP A 70 32.89 4.17 11.41
C ASP A 70 34.20 4.32 10.65
N PRO A 71 34.13 4.41 9.32
CA PRO A 71 35.35 4.89 8.64
C PRO A 71 35.80 6.21 9.29
N PRO A 72 37.14 6.43 9.42
CA PRO A 72 37.65 7.61 10.17
C PRO A 72 37.27 8.87 9.46
N ASN A 73 36.93 8.70 8.21
CA ASN A 73 36.75 9.82 7.32
C ASN A 73 35.30 10.13 7.04
N ILE A 74 34.37 9.48 7.74
CA ILE A 74 32.88 9.68 7.55
C ILE A 74 32.18 9.46 8.89
N ALA A 75 32.25 10.46 9.77
CA ALA A 75 31.82 10.26 11.15
C ALA A 75 30.30 10.20 11.22
N GLY A 76 29.79 9.17 11.89
CA GLY A 76 28.37 8.96 12.12
C GLY A 76 27.81 8.03 11.07
N LEU A 77 28.67 7.40 10.27
CA LEU A 77 28.16 6.51 9.22
C LEU A 77 27.27 5.36 9.66
N SER A 78 27.51 4.66 10.79
CA SER A 78 26.43 3.76 11.28
C SER A 78 25.16 4.40 11.73
N HIS A 79 25.16 5.49 12.52
CA HIS A 79 23.87 6.07 12.91
C HIS A 79 23.19 6.36 11.59
N PHE A 80 23.97 6.73 10.57
CA PHE A 80 23.31 7.02 9.30
C PHE A 80 22.73 5.82 8.61
N LEU A 81 23.48 4.74 8.59
CA LEU A 81 23.03 3.53 7.97
C LEU A 81 21.78 3.11 8.70
N GLN A 82 21.77 3.18 10.04
CA GLN A 82 20.59 2.80 10.80
C GLN A 82 19.36 3.54 10.32
N HIS A 83 19.45 4.86 10.15
CA HIS A 83 18.30 5.60 9.67
C HIS A 83 17.87 5.11 8.29
N MET A 84 18.83 4.84 7.43
CA MET A 84 18.52 4.42 6.05
C MET A 84 17.92 3.05 5.84
N LEU A 85 18.04 2.12 6.78
CA LEU A 85 17.46 0.78 6.55
C LEU A 85 15.93 0.75 6.57
N PHE A 86 15.34 1.73 7.25
CA PHE A 86 13.88 1.84 7.28
C PHE A 86 13.26 2.35 5.93
N LEU A 87 14.08 2.68 4.98
CA LEU A 87 13.60 3.46 3.87
C LEU A 87 13.59 2.76 2.49
N GLY A 88 13.40 1.43 2.50
CA GLY A 88 13.16 0.65 1.29
C GLY A 88 14.15 -0.48 1.13
N THR A 89 13.67 -1.66 0.80
CA THR A 89 14.55 -2.77 0.44
C THR A 89 14.14 -3.25 -0.94
N LYS A 90 14.86 -4.25 -1.47
CA LYS A 90 14.68 -4.71 -2.86
C LYS A 90 13.33 -5.40 -2.94
N LYS A 91 12.99 -6.13 -1.90
CA LYS A 91 11.78 -6.91 -1.83
C LYS A 91 10.54 -6.07 -1.44
N TYR A 92 10.73 -4.91 -0.79
CA TYR A 92 9.61 -4.07 -0.33
C TYR A 92 10.06 -2.66 -0.51
N PRO A 93 10.15 -2.23 -1.79
CA PRO A 93 10.84 -1.02 -2.23
C PRO A 93 10.16 0.27 -1.85
N LYS A 94 8.93 0.23 -1.34
CA LYS A 94 8.27 1.52 -1.14
C LYS A 94 8.75 2.22 0.12
N GLU A 95 9.22 3.44 -0.05
CA GLU A 95 9.95 4.10 1.00
C GLU A 95 9.44 3.82 2.42
N ASN A 96 8.12 3.81 2.63
CA ASN A 96 7.60 3.71 3.98
C ASN A 96 6.75 2.47 4.25
N GLU A 97 6.97 1.45 3.42
CA GLU A 97 6.23 0.20 3.53
C GLU A 97 6.36 -0.36 4.93
N TYR A 98 7.56 -0.29 5.48
CA TYR A 98 7.75 -0.78 6.82
C TYR A 98 6.98 0.02 7.86
N SER A 99 7.12 1.35 7.88
CA SER A 99 6.42 2.06 8.94
C SER A 99 4.90 2.04 8.74
N GLN A 100 4.47 1.76 7.53
CA GLN A 100 3.04 1.81 7.30
C GLN A 100 2.33 0.47 7.54
N PHE A 101 3.01 -0.59 7.13
CA PHE A 101 2.63 -1.91 7.62
C PHE A 101 2.44 -2.00 9.12
N LEU A 102 3.37 -1.42 9.91
CA LEU A 102 3.22 -1.39 11.40
C LEU A 102 2.04 -0.54 11.80
N SER A 103 1.99 0.70 11.38
CA SER A 103 0.91 1.58 11.79
C SER A 103 -0.44 0.91 11.64
N GLU A 104 -0.61 0.20 10.53
CA GLU A 104 -1.85 -0.47 10.20
C GLU A 104 -2.06 -1.82 10.85
N HIS A 105 -1.10 -2.24 11.65
CA HIS A 105 -1.27 -3.51 12.36
C HIS A 105 -1.01 -3.36 13.84
N ALA A 106 -1.11 -2.11 14.31
CA ALA A 106 -0.88 -1.73 15.68
C ALA A 106 0.58 -2.02 16.16
N GLY A 107 1.56 -1.60 15.38
CA GLY A 107 2.93 -1.87 15.74
C GLY A 107 3.64 -0.55 15.77
N SER A 108 4.91 -0.60 16.13
CA SER A 108 5.78 0.55 16.21
C SER A 108 7.15 -0.06 16.14
N SER A 109 8.16 0.79 16.01
CA SER A 109 9.46 0.27 15.73
C SER A 109 10.46 1.31 16.06
N ASN A 110 11.61 0.92 16.58
CA ASN A 110 12.79 1.82 16.64
C ASN A 110 14.15 1.14 16.52
N ALA A 111 15.22 1.94 16.64
CA ALA A 111 16.55 1.40 16.51
C ALA A 111 17.52 2.34 17.18
N PHE A 112 18.67 1.86 17.65
CA PHE A 112 19.69 2.76 18.14
C PHE A 112 21.06 2.25 17.74
N THR A 113 22.04 3.14 17.67
CA THR A 113 23.47 2.81 17.38
C THR A 113 24.29 3.23 18.59
N SER A 114 25.00 2.28 19.20
CA SER A 114 25.99 2.60 20.26
C SER A 114 27.39 2.28 19.70
N GLY A 115 28.44 2.51 20.46
CA GLY A 115 29.77 2.17 19.96
C GLY A 115 29.91 0.78 19.36
N GLU A 116 29.18 -0.22 19.84
CA GLU A 116 29.42 -1.56 19.30
C GLU A 116 28.18 -2.34 18.93
N HIS A 117 27.05 -1.64 18.83
CA HIS A 117 25.83 -2.31 18.55
C HIS A 117 25.00 -1.47 17.69
N THR A 118 24.31 -2.14 16.76
CA THR A 118 23.14 -1.55 16.21
C THR A 118 21.97 -2.51 16.48
N ASN A 119 20.94 -1.96 17.14
CA ASN A 119 19.80 -2.73 17.67
C ASN A 119 18.49 -2.24 16.98
N TYR A 120 17.77 -3.15 16.34
CA TYR A 120 16.58 -2.81 15.56
C TYR A 120 15.37 -3.55 16.13
N TYR A 121 14.30 -2.87 16.49
CA TYR A 121 13.23 -3.64 17.10
C TYR A 121 11.86 -3.15 16.72
N PHE A 122 10.87 -4.05 16.76
CA PHE A 122 9.49 -3.65 16.56
C PHE A 122 8.52 -4.59 17.25
N ASP A 123 7.34 -4.07 17.60
CA ASP A 123 6.12 -4.88 17.84
C ASP A 123 5.00 -4.74 16.77
N VAL A 124 4.04 -5.65 16.81
CA VAL A 124 2.92 -5.65 15.87
C VAL A 124 1.83 -6.47 16.55
N SER A 125 0.57 -6.21 16.23
CA SER A 125 -0.51 -7.13 16.60
C SER A 125 -0.12 -8.62 16.28
N HIS A 126 -0.47 -9.55 17.16
CA HIS A 126 0.10 -10.92 17.12
C HIS A 126 -0.20 -11.69 15.86
N GLU A 127 -1.22 -11.22 15.17
CA GLU A 127 -1.70 -11.86 13.97
C GLU A 127 -0.90 -11.52 12.73
N HIS A 128 0.18 -10.76 12.85
CA HIS A 128 0.87 -10.26 11.68
C HIS A 128 2.33 -10.20 12.02
N LEU A 129 2.77 -11.09 12.89
CA LEU A 129 4.19 -11.29 13.09
C LEU A 129 4.94 -11.48 11.76
N GLU A 130 4.62 -12.57 11.05
CA GLU A 130 5.16 -12.83 9.72
C GLU A 130 5.20 -11.61 8.77
N GLY A 131 4.08 -10.91 8.64
CA GLY A 131 4.01 -9.73 7.83
C GLY A 131 5.10 -8.84 8.28
N ALA A 132 5.06 -8.48 9.55
CA ALA A 132 6.04 -7.56 10.09
C ALA A 132 7.45 -8.16 9.92
N LEU A 133 7.65 -9.37 10.40
CA LEU A 133 8.97 -10.02 10.34
C LEU A 133 9.58 -10.15 8.94
N ASP A 134 8.76 -10.41 7.93
CA ASP A 134 9.30 -10.55 6.60
C ASP A 134 9.85 -9.18 6.16
N ARG A 135 9.06 -8.13 6.33
CA ARG A 135 9.50 -6.82 5.86
C ARG A 135 10.75 -6.46 6.59
N PHE A 136 10.84 -6.90 7.83
CA PHE A 136 11.95 -6.59 8.67
C PHE A 136 13.22 -7.28 8.20
N ALA A 137 13.16 -8.58 7.93
CA ALA A 137 14.35 -9.32 7.60
C ALA A 137 15.03 -8.65 6.45
N GLN A 138 14.27 -8.11 5.50
CA GLN A 138 14.87 -7.44 4.34
C GLN A 138 15.99 -6.44 4.64
N PHE A 139 15.87 -5.69 5.76
CA PHE A 139 16.87 -4.68 6.07
C PHE A 139 18.25 -5.31 6.01
N PHE A 140 18.28 -6.59 6.35
CA PHE A 140 19.54 -7.31 6.53
C PHE A 140 19.96 -8.15 5.33
N LEU A 141 19.27 -7.98 4.21
CA LEU A 141 19.58 -8.70 3.00
C LEU A 141 19.82 -7.83 1.80
N SER A 142 18.99 -6.79 1.60
CA SER A 142 19.07 -5.96 0.35
C SER A 142 18.31 -4.64 0.47
N PRO A 143 18.79 -3.75 1.33
CA PRO A 143 18.29 -2.40 1.42
C PRO A 143 18.64 -1.67 0.16
N LEU A 144 17.85 -0.68 -0.24
CA LEU A 144 18.10 0.02 -1.50
C LEU A 144 19.05 1.20 -1.38
N PHE A 145 19.21 1.75 -0.18
CA PHE A 145 19.79 3.07 0.07
C PHE A 145 19.48 4.03 -1.07
N ASP A 146 18.21 4.37 -1.20
CA ASP A 146 17.75 5.14 -2.33
C ASP A 146 18.39 6.49 -2.32
N GLU A 147 18.88 6.91 -3.47
CA GLU A 147 19.65 8.16 -3.60
C GLU A 147 18.90 9.40 -3.09
N SER A 148 17.64 9.55 -3.45
CA SER A 148 16.90 10.72 -2.96
C SER A 148 16.45 10.52 -1.50
N ALA A 149 16.39 9.28 -1.04
CA ALA A 149 16.15 8.99 0.36
C ALA A 149 17.32 9.46 1.21
N LYS A 150 18.53 9.07 0.79
CA LYS A 150 19.75 9.48 1.45
C LYS A 150 19.87 11.00 1.58
N ASP A 151 19.51 11.68 0.50
CA ASP A 151 19.54 13.13 0.45
C ASP A 151 18.63 13.77 1.41
N ARG A 152 17.48 13.13 1.62
CA ARG A 152 16.51 13.68 2.52
C ARG A 152 16.90 13.29 3.93
N GLU A 153 17.10 12.01 4.18
CA GLU A 153 17.31 11.57 5.53
C GLU A 153 18.51 12.20 6.23
N VAL A 154 19.50 12.59 5.45
CA VAL A 154 20.67 13.27 6.02
C VAL A 154 20.26 14.47 6.89
N ASN A 155 19.12 15.11 6.56
CA ASN A 155 18.64 16.21 7.41
C ASN A 155 18.13 15.79 8.83
N ALA A 156 17.53 14.62 8.90
CA ALA A 156 16.93 14.19 10.14
C ALA A 156 18.04 13.90 11.12
N VAL A 157 19.19 13.47 10.60
CA VAL A 157 20.34 13.11 11.46
C VAL A 157 21.05 14.35 11.93
N ASP A 158 21.21 15.31 11.00
CA ASP A 158 21.66 16.64 11.35
C ASP A 158 20.81 17.20 12.46
N SER A 159 19.49 17.09 12.33
CA SER A 159 18.57 17.45 13.41
C SER A 159 18.68 16.66 14.72
N GLU A 160 18.98 15.33 14.64
CA GLU A 160 19.17 14.53 15.86
C GLU A 160 20.23 15.37 16.51
N HIS A 161 21.30 15.69 15.79
CA HIS A 161 22.44 16.33 16.40
C HIS A 161 22.12 17.72 16.93
N GLU A 162 21.39 18.55 16.18
CA GLU A 162 21.14 19.93 16.69
C GLU A 162 20.53 19.95 18.06
N LYS A 163 19.61 19.02 18.34
CA LYS A 163 18.97 19.01 19.62
C LYS A 163 19.96 18.67 20.71
N ASN A 164 20.91 17.79 20.40
CA ASN A 164 21.90 17.33 21.38
C ASN A 164 22.98 18.35 21.66
N VAL A 165 23.10 19.32 20.77
CA VAL A 165 24.22 20.23 20.79
C VAL A 165 24.25 21.08 22.03
N MET A 166 23.12 21.61 22.46
CA MET A 166 23.12 22.50 23.62
C MET A 166 22.72 21.75 24.87
N ASN A 167 22.85 20.44 24.80
CA ASN A 167 22.51 19.61 25.92
C ASN A 167 23.73 19.16 26.75
N ASP A 168 23.80 19.67 27.99
CA ASP A 168 24.98 19.48 28.85
C ASP A 168 25.45 18.06 29.05
N ALA A 169 24.53 17.08 29.10
CA ALA A 169 24.96 15.67 29.11
C ALA A 169 25.53 15.16 27.78
N TRP A 170 25.13 15.68 26.63
CA TRP A 170 25.78 15.18 25.43
C TRP A 170 27.20 15.73 25.23
N ARG A 171 27.34 17.03 25.51
CA ARG A 171 28.59 17.73 25.44
C ARG A 171 29.61 17.03 26.31
N LEU A 172 29.28 16.82 27.58
CA LEU A 172 30.16 16.09 28.49
C LEU A 172 30.52 14.72 27.94
N PHE A 173 29.52 13.97 27.53
CA PHE A 173 29.78 12.65 26.98
C PHE A 173 30.86 12.63 25.87
N GLN A 174 30.76 13.57 24.91
CA GLN A 174 31.73 13.72 23.79
C GLN A 174 33.05 14.33 24.21
N LEU A 175 33.00 15.43 24.99
CA LEU A 175 34.22 15.95 25.55
C LEU A 175 35.08 14.89 26.28
N GLU A 176 34.46 13.93 26.94
CA GLU A 176 35.30 12.92 27.54
C GLU A 176 36.08 12.24 26.43
N LYS A 177 35.44 11.86 25.34
CA LYS A 177 36.15 11.15 24.27
C LYS A 177 37.22 12.02 23.60
N ALA A 178 37.09 13.33 23.74
CA ALA A 178 38.00 14.23 23.04
C ALA A 178 39.25 14.57 23.85
N THR A 179 39.36 14.06 25.06
CA THR A 179 40.49 14.37 25.91
C THR A 179 41.30 13.10 26.20
N GLY A 180 40.80 11.95 25.75
CA GLY A 180 41.60 10.76 25.65
C GLY A 180 42.40 10.76 24.36
N ASN A 181 43.14 9.67 24.15
CA ASN A 181 44.02 9.53 23.01
C ASN A 181 43.28 9.71 21.70
N PRO A 182 43.49 10.85 21.03
CA PRO A 182 42.72 11.09 19.81
C PRO A 182 42.94 10.02 18.77
N LYS A 183 44.02 9.25 18.85
CA LYS A 183 44.25 8.16 17.90
C LYS A 183 43.21 7.05 18.03
N HIS A 184 42.59 6.95 19.21
CA HIS A 184 41.69 5.81 19.55
C HIS A 184 40.30 5.91 18.94
N PRO A 185 39.73 4.78 18.55
CA PRO A 185 38.37 4.89 18.07
C PRO A 185 37.38 5.53 19.08
N PHE A 186 37.56 5.30 20.37
CA PHE A 186 36.80 5.99 21.41
C PHE A 186 36.63 7.49 21.21
N SER A 187 37.57 8.12 20.52
CA SER A 187 37.52 9.57 20.28
C SER A 187 36.61 9.98 19.12
N LYS A 188 36.03 9.01 18.41
CA LYS A 188 35.10 9.29 17.28
C LYS A 188 33.80 9.99 17.64
N PHE A 189 33.20 10.63 16.65
CA PHE A 189 31.94 11.35 16.85
C PHE A 189 30.86 10.57 16.15
N GLY A 190 30.05 9.85 16.96
CA GLY A 190 29.13 8.82 16.53
C GLY A 190 27.78 9.25 16.00
N THR A 191 27.25 10.39 16.43
CA THR A 191 26.02 10.87 15.80
C THR A 191 26.24 11.06 14.33
N GLY A 192 27.12 11.97 13.93
CA GLY A 192 27.26 12.41 12.55
C GLY A 192 26.43 13.66 12.34
N ASN A 193 26.62 14.34 11.21
CA ASN A 193 25.70 15.38 10.80
C ASN A 193 25.80 15.73 9.32
N LYS A 194 25.01 16.72 8.87
CA LYS A 194 24.95 17.13 7.48
C LYS A 194 26.35 17.36 7.03
N TYR A 195 27.08 18.18 7.78
CA TYR A 195 28.45 18.49 7.39
C TYR A 195 29.27 17.19 7.16
N THR A 196 29.23 16.25 8.10
CA THR A 196 30.10 15.09 8.03
C THR A 196 29.55 14.00 7.14
N LEU A 197 28.30 14.10 6.76
CA LEU A 197 27.62 13.01 6.14
C LEU A 197 27.24 13.33 4.70
N GLU A 198 27.23 14.60 4.32
CA GLU A 198 27.12 14.93 2.88
C GLU A 198 28.11 16.05 2.53
N THR A 199 28.02 17.22 3.16
CA THR A 199 28.84 18.36 2.75
C THR A 199 30.29 17.90 2.53
N ARG A 200 30.88 17.34 3.57
CA ARG A 200 32.28 17.03 3.50
C ARG A 200 32.55 15.86 2.59
N PRO A 201 31.76 14.79 2.70
CA PRO A 201 31.95 13.73 1.73
C PRO A 201 31.88 14.17 0.25
N ASN A 202 30.99 15.12 -0.06
CA ASN A 202 30.91 15.68 -1.39
C ASN A 202 32.21 16.36 -1.76
N GLN A 203 32.68 17.22 -0.84
CA GLN A 203 33.95 17.91 -0.98
C GLN A 203 35.09 16.92 -1.23
N GLU A 204 34.98 15.72 -0.69
CA GLU A 204 36.09 14.78 -0.81
C GLU A 204 35.82 13.68 -1.81
N GLY A 205 34.90 13.97 -2.72
CA GLY A 205 34.57 13.06 -3.82
C GLY A 205 34.04 11.68 -3.47
N ILE A 206 33.62 11.53 -2.21
CA ILE A 206 32.98 10.33 -1.67
C ILE A 206 31.54 10.15 -2.19
N ASP A 207 31.27 8.95 -2.69
CA ASP A 207 29.95 8.53 -3.14
C ASP A 207 29.30 7.75 -2.00
N VAL A 208 28.49 8.47 -1.23
CA VAL A 208 27.96 7.92 0.02
C VAL A 208 27.09 6.67 -0.16
N ARG A 209 26.17 6.66 -1.13
CA ARG A 209 25.44 5.43 -1.35
C ARG A 209 26.43 4.25 -1.41
N GLN A 210 27.51 4.37 -2.18
CA GLN A 210 28.51 3.30 -2.22
C GLN A 210 29.06 2.98 -0.83
N GLU A 211 29.42 4.02 -0.08
CA GLU A 211 30.09 3.79 1.21
C GLU A 211 29.15 3.05 2.14
N LEU A 212 27.88 3.46 2.16
CA LEU A 212 26.81 2.72 2.81
C LEU A 212 26.64 1.26 2.34
N LEU A 213 26.71 1.01 1.03
CA LEU A 213 26.61 -0.33 0.55
C LEU A 213 27.77 -1.15 1.05
N LYS A 214 28.95 -0.50 1.13
CA LYS A 214 30.22 -1.19 1.37
C LYS A 214 30.25 -1.67 2.82
N PHE A 215 29.80 -0.77 3.68
CA PHE A 215 29.79 -0.96 5.10
C PHE A 215 28.77 -2.03 5.47
N HIS A 216 27.62 -1.97 4.81
CA HIS A 216 26.59 -2.94 5.05
C HIS A 216 27.12 -4.32 4.75
N SER A 217 27.92 -4.33 3.70
CA SER A 217 28.40 -5.51 3.05
C SER A 217 29.56 -6.11 3.81
N ALA A 218 30.45 -5.24 4.28
CA ALA A 218 31.54 -5.60 5.17
C ALA A 218 30.94 -6.10 6.48
N TYR A 219 30.27 -5.24 7.25
CA TYR A 219 29.96 -5.59 8.65
C TYR A 219 28.63 -6.27 8.99
N TYR A 220 27.62 -6.03 8.20
CA TYR A 220 26.36 -6.63 8.53
C TYR A 220 26.45 -8.11 8.19
N SER A 221 27.38 -8.82 8.82
CA SER A 221 27.58 -10.26 8.56
C SER A 221 26.73 -11.11 9.50
N SER A 222 26.23 -12.26 9.05
CA SER A 222 25.47 -13.11 9.93
C SER A 222 26.16 -13.50 11.24
N ASN A 223 27.49 -13.59 11.25
CA ASN A 223 28.15 -14.16 12.45
C ASN A 223 28.05 -13.17 13.65
N LEU A 224 27.97 -11.90 13.29
CA LEU A 224 27.92 -10.82 14.22
C LEU A 224 26.49 -10.44 14.63
N MET A 225 25.53 -11.36 14.39
CA MET A 225 24.09 -11.06 14.58
C MET A 225 23.38 -11.90 15.61
N ALA A 226 22.53 -11.22 16.39
CA ALA A 226 21.62 -11.91 17.28
C ALA A 226 20.20 -11.44 17.05
N VAL A 227 19.28 -12.39 17.06
CA VAL A 227 17.87 -12.17 16.74
C VAL A 227 16.96 -12.66 17.82
N VAL A 228 15.96 -11.87 18.21
CA VAL A 228 14.93 -12.38 19.15
C VAL A 228 13.51 -12.26 18.58
N VAL A 229 12.70 -13.31 18.76
CA VAL A 229 11.33 -13.25 18.27
C VAL A 229 10.36 -13.84 19.27
N LEU A 230 9.35 -13.05 19.60
CA LEU A 230 8.36 -13.38 20.61
C LEU A 230 7.03 -13.31 19.88
N GLY A 231 6.32 -14.45 19.80
CA GLY A 231 5.04 -14.51 19.10
C GLY A 231 4.06 -15.44 19.78
N ARG A 232 2.85 -15.49 19.26
CA ARG A 232 1.86 -16.40 19.82
C ARG A 232 2.15 -17.88 19.50
N GLU A 233 2.94 -18.13 18.48
CA GLU A 233 3.10 -19.46 17.92
C GLU A 233 3.88 -20.39 18.83
N SER A 234 3.84 -21.68 18.53
CA SER A 234 4.64 -22.68 19.24
C SER A 234 6.13 -22.41 19.06
N LEU A 235 6.96 -23.01 19.92
CA LEU A 235 8.41 -22.93 19.70
C LEU A 235 8.82 -23.56 18.36
N ASP A 236 8.22 -24.71 18.01
CA ASP A 236 8.49 -25.31 16.70
C ASP A 236 8.09 -24.42 15.51
N ASP A 237 6.94 -23.74 15.66
CA ASP A 237 6.47 -22.80 14.62
C ASP A 237 7.46 -21.65 14.47
N LEU A 238 7.80 -20.98 15.58
CA LEU A 238 8.79 -19.92 15.54
C LEU A 238 10.14 -20.36 14.96
N THR A 239 10.62 -21.54 15.32
CA THR A 239 11.84 -22.03 14.73
C THR A 239 11.83 -22.06 13.18
N ASN A 240 10.84 -22.72 12.60
CA ASN A 240 10.70 -22.72 11.16
C ASN A 240 10.65 -21.34 10.55
N LEU A 241 9.94 -20.45 11.22
CA LEU A 241 9.85 -19.08 10.81
C LEU A 241 11.20 -18.39 10.73
N VAL A 242 11.98 -18.46 11.81
CA VAL A 242 13.20 -17.67 11.85
C VAL A 242 14.23 -18.27 10.91
N VAL A 243 14.22 -19.61 10.84
CA VAL A 243 15.02 -20.33 9.88
C VAL A 243 14.65 -19.88 8.47
N LYS A 244 13.36 -19.81 8.13
CA LYS A 244 13.05 -19.46 6.77
C LYS A 244 13.62 -18.12 6.44
N LEU A 245 13.26 -17.05 7.18
CA LEU A 245 13.67 -15.70 6.76
C LEU A 245 15.09 -15.29 7.04
N PHE A 246 15.76 -15.96 7.95
CA PHE A 246 17.12 -15.55 8.32
C PHE A 246 18.33 -16.40 7.84
N SER A 247 18.06 -17.54 7.21
CA SER A 247 19.16 -18.37 6.76
C SER A 247 19.82 -17.84 5.50
N GLU A 248 19.09 -17.09 4.71
CA GLU A 248 19.74 -16.49 3.58
C GLU A 248 20.62 -15.26 3.92
N VAL A 249 20.73 -14.86 5.19
CA VAL A 249 21.65 -13.76 5.54
C VAL A 249 23.03 -14.29 5.39
N GLU A 250 23.87 -13.55 4.68
CA GLU A 250 25.19 -14.02 4.27
C GLU A 250 26.24 -14.02 5.38
N ASN A 251 27.04 -15.09 5.44
CA ASN A 251 28.19 -15.11 6.35
C ASN A 251 29.54 -14.64 5.78
N LYS A 252 29.82 -13.34 5.88
CA LYS A 252 31.11 -12.77 5.47
C LYS A 252 32.19 -12.92 6.57
N ASN A 253 31.86 -13.62 7.66
CA ASN A 253 32.84 -14.09 8.64
C ASN A 253 33.75 -13.11 9.35
N VAL A 254 33.31 -11.88 9.55
CA VAL A 254 34.13 -10.81 10.18
C VAL A 254 34.54 -11.09 11.61
N PRO A 255 35.84 -10.85 11.92
CA PRO A 255 36.28 -10.79 13.28
C PRO A 255 35.59 -9.60 13.99
N LEU A 256 35.21 -9.85 15.23
CA LEU A 256 34.64 -8.90 16.13
C LEU A 256 35.68 -7.89 16.55
N PRO A 257 35.34 -6.59 16.48
CA PRO A 257 36.31 -5.62 16.95
C PRO A 257 36.62 -5.74 18.43
N GLU A 258 37.89 -5.56 18.79
CA GLU A 258 38.46 -5.47 20.17
C GLU A 258 39.22 -4.17 20.31
N PHE A 259 39.34 -3.71 21.55
CA PHE A 259 40.02 -2.46 21.87
C PHE A 259 40.80 -2.68 23.18
N PRO A 260 41.90 -3.45 23.11
CA PRO A 260 42.60 -3.85 24.34
C PRO A 260 43.33 -2.65 24.99
N GLU A 261 43.69 -1.63 24.19
CA GLU A 261 44.31 -0.38 24.69
C GLU A 261 43.33 0.56 25.37
N HIS A 262 43.53 0.91 26.62
CA HIS A 262 42.65 1.94 27.15
C HIS A 262 42.85 3.26 26.38
N PRO A 263 41.77 4.03 26.10
CA PRO A 263 42.05 5.34 25.48
C PRO A 263 42.58 6.41 26.44
N PHE A 264 42.70 6.07 27.71
CA PHE A 264 43.27 6.97 28.69
C PHE A 264 44.59 6.36 29.07
N GLN A 265 45.66 6.92 28.51
CA GLN A 265 46.99 6.40 28.73
C GLN A 265 47.66 7.24 29.79
N GLU A 266 48.96 7.03 30.01
CA GLU A 266 49.71 7.83 30.98
C GLU A 266 49.42 9.32 30.91
N GLU A 267 49.67 9.94 29.76
CA GLU A 267 49.58 11.39 29.62
C GLU A 267 48.21 11.96 30.00
N HIS A 268 47.21 11.11 29.82
CA HIS A 268 45.82 11.41 30.14
C HIS A 268 45.43 11.20 31.62
N LEU A 269 46.24 10.52 32.42
CA LEU A 269 45.96 10.44 33.85
C LEU A 269 46.45 11.70 34.57
N LYS A 270 46.04 11.84 35.85
CA LYS A 270 46.25 13.06 36.67
C LYS A 270 46.01 14.37 35.91
N GLN A 271 44.91 14.42 35.16
CA GLN A 271 44.46 15.65 34.51
C GLN A 271 43.25 16.28 35.22
N LEU A 272 43.04 17.59 35.06
CA LEU A 272 41.86 18.26 35.64
C LEU A 272 41.21 19.09 34.57
N TYR A 273 39.89 19.04 34.45
CA TYR A 273 39.27 19.85 33.42
C TYR A 273 38.36 20.82 34.06
N LYS A 274 38.29 22.03 33.54
CA LYS A 274 37.34 23.02 34.04
C LYS A 274 36.41 23.28 32.90
N ILE A 275 35.14 23.03 33.10
CA ILE A 275 34.26 23.03 31.96
C ILE A 275 33.11 23.96 32.21
N VAL A 276 32.75 24.74 31.19
CA VAL A 276 31.62 25.63 31.26
C VAL A 276 30.33 24.90 30.85
N PRO A 277 29.29 24.96 31.68
CA PRO A 277 28.02 24.33 31.28
C PRO A 277 27.09 25.31 30.55
N ILE A 278 26.03 24.79 29.92
CA ILE A 278 24.99 25.60 29.32
C ILE A 278 24.01 26.00 30.43
N LYS A 279 23.66 25.02 31.26
CA LYS A 279 22.83 25.28 32.42
C LYS A 279 23.69 25.78 33.56
N ASP A 280 23.07 26.40 34.55
CA ASP A 280 23.73 26.71 35.80
C ASP A 280 23.77 25.51 36.77
N ILE A 281 24.71 24.60 36.53
CA ILE A 281 24.87 23.39 37.31
C ILE A 281 26.31 23.27 37.76
N ARG A 282 26.56 22.68 38.92
CA ARG A 282 27.93 22.43 39.39
C ARG A 282 28.07 20.94 39.71
N ASN A 283 28.90 20.24 38.93
CA ASN A 283 29.24 18.91 39.34
C ASN A 283 30.71 18.65 39.19
N LEU A 284 31.14 17.63 39.92
CA LEU A 284 32.49 17.11 39.86
C LEU A 284 32.50 15.65 39.41
N TYR A 285 33.32 15.35 38.37
CA TYR A 285 33.36 14.00 37.75
C TYR A 285 34.69 13.43 38.02
N VAL A 286 34.73 12.34 38.78
CA VAL A 286 35.96 11.66 39.09
C VAL A 286 35.88 10.31 38.39
N THR A 287 36.92 10.01 37.63
CA THR A 287 36.97 8.80 36.82
C THR A 287 38.38 8.11 36.78
N PHE A 288 38.41 6.80 37.08
CA PHE A 288 39.60 5.99 36.90
C PHE A 288 39.41 4.99 35.76
N PRO A 289 40.40 4.80 34.89
CA PRO A 289 40.29 3.69 33.94
C PRO A 289 40.54 2.38 34.61
N ILE A 290 39.80 1.38 34.20
CA ILE A 290 39.96 0.04 34.70
C ILE A 290 39.84 -0.88 33.49
N PRO A 291 40.31 -2.12 33.62
CA PRO A 291 40.09 -3.09 32.56
C PRO A 291 38.58 -3.38 32.33
N ASP A 292 38.29 -4.29 31.41
CA ASP A 292 36.96 -4.77 31.12
C ASP A 292 36.66 -5.94 32.07
N LEU A 293 35.73 -5.72 32.99
CA LEU A 293 35.29 -6.74 33.90
C LEU A 293 34.18 -7.62 33.37
N GLN A 294 33.82 -7.47 32.10
CA GLN A 294 32.60 -8.13 31.62
C GLN A 294 32.71 -9.62 31.83
N LYS A 295 33.88 -10.18 31.56
CA LYS A 295 34.09 -11.60 31.78
C LYS A 295 33.86 -12.06 33.21
N TYR A 296 34.09 -11.19 34.19
CA TYR A 296 33.89 -11.52 35.58
C TYR A 296 32.45 -11.42 36.02
N TYR A 297 31.54 -11.59 35.08
CA TYR A 297 30.16 -11.33 35.35
C TYR A 297 29.57 -12.28 36.38
N LYS A 298 30.24 -13.33 36.77
CA LYS A 298 29.56 -14.27 37.65
C LYS A 298 29.86 -13.94 39.10
N SER A 299 30.83 -13.05 39.32
CA SER A 299 31.17 -12.57 40.66
C SER A 299 30.99 -11.03 40.72
N ASN A 300 31.30 -10.39 39.60
CA ASN A 300 30.93 -9.00 39.40
C ASN A 300 31.50 -8.05 40.43
N PRO A 301 32.82 -7.94 40.48
CA PRO A 301 33.61 -7.05 41.33
C PRO A 301 33.22 -5.59 41.28
N GLY A 302 33.06 -5.00 40.11
CA GLY A 302 32.72 -3.55 40.07
C GLY A 302 31.31 -3.24 40.59
N HIS A 303 30.47 -4.26 40.71
CA HIS A 303 29.12 -4.05 41.17
C HIS A 303 29.24 -3.95 42.69
N TYR A 304 29.98 -4.90 43.27
CA TYR A 304 30.26 -4.97 44.70
C TYR A 304 30.82 -3.66 45.22
N LEU A 305 31.83 -3.13 44.53
CA LEU A 305 32.37 -1.81 44.92
C LEU A 305 31.42 -0.65 44.64
N GLY A 306 30.64 -0.77 43.57
CA GLY A 306 29.73 0.30 43.20
C GLY A 306 28.69 0.39 44.29
N HIS A 307 28.26 -0.78 44.76
CA HIS A 307 27.27 -0.84 45.80
C HIS A 307 27.72 -0.08 46.99
N LEU A 308 29.02 -0.12 47.25
CA LEU A 308 29.62 0.37 48.48
C LEU A 308 29.93 1.87 48.39
N ILE A 309 30.64 2.26 47.34
CA ILE A 309 30.96 3.65 47.12
C ILE A 309 29.68 4.46 46.92
N GLY A 310 28.79 3.98 46.04
CA GLY A 310 27.51 4.66 45.79
C GLY A 310 26.49 4.61 46.91
N HIS A 311 26.78 3.86 47.98
CA HIS A 311 25.83 3.71 49.11
C HIS A 311 25.46 5.08 49.68
N GLU A 312 24.22 5.20 50.16
CA GLU A 312 23.61 6.46 50.64
C GLU A 312 23.19 6.35 52.09
N GLY A 313 23.43 5.19 52.70
CA GLY A 313 23.03 4.90 54.08
C GLY A 313 23.86 5.55 55.17
N PRO A 314 23.55 5.26 56.46
CA PRO A 314 24.37 5.79 57.55
C PRO A 314 25.76 5.25 57.46
N GLY A 315 26.77 6.07 57.68
CA GLY A 315 28.14 5.60 57.60
C GLY A 315 28.76 5.83 56.25
N SER A 316 27.93 6.21 55.28
CA SER A 316 28.29 6.22 53.89
C SER A 316 29.15 7.41 53.53
N LEU A 317 29.77 7.34 52.36
CA LEU A 317 30.50 8.46 51.77
C LEU A 317 29.64 9.70 51.55
N LEU A 318 28.51 9.51 50.85
CA LEU A 318 27.59 10.60 50.60
C LEU A 318 27.16 11.18 51.93
N SER A 319 26.87 10.37 52.96
CA SER A 319 26.43 10.92 54.24
C SER A 319 27.33 12.05 54.70
N GLU A 320 28.64 11.82 54.62
CA GLU A 320 29.56 12.79 55.11
C GLU A 320 29.64 14.04 54.24
N LEU A 321 29.68 13.90 52.92
CA LEU A 321 29.83 15.07 52.04
C LEU A 321 28.58 15.92 52.19
N LYS A 322 27.49 15.23 52.48
CA LYS A 322 26.21 15.86 52.66
C LYS A 322 26.22 16.62 53.97
N SER A 323 26.72 16.02 55.05
CA SER A 323 26.80 16.70 56.36
C SER A 323 27.70 17.93 56.32
N LYS A 324 28.77 17.84 55.57
CA LYS A 324 29.68 18.93 55.42
C LYS A 324 29.10 20.03 54.49
N GLY A 325 27.86 19.85 54.02
CA GLY A 325 27.20 20.77 53.09
C GLY A 325 27.92 20.95 51.78
N TRP A 326 28.71 19.94 51.40
CA TRP A 326 29.47 19.96 50.16
C TRP A 326 28.78 19.38 48.91
N VAL A 327 28.10 18.26 49.05
CA VAL A 327 27.45 17.64 47.90
C VAL A 327 26.07 17.18 48.28
N ASN A 328 25.15 17.30 47.32
CA ASN A 328 23.75 16.90 47.54
C ASN A 328 23.43 15.47 47.13
N THR A 329 24.04 15.01 46.03
CA THR A 329 23.79 13.68 45.51
C THR A 329 25.08 13.09 45.00
N LEU A 330 25.15 11.77 44.96
CA LEU A 330 26.34 11.03 44.54
C LEU A 330 25.98 9.84 43.65
N VAL A 331 26.72 9.63 42.56
CA VAL A 331 26.68 8.32 41.89
C VAL A 331 28.06 7.71 41.70
N GLY A 332 28.19 6.39 41.85
CA GLY A 332 29.49 5.71 41.71
C GLY A 332 29.42 4.22 41.35
N GLY A 333 30.37 3.81 40.53
CA GLY A 333 30.51 2.39 40.18
C GLY A 333 31.04 2.25 38.78
N GLN A 334 30.91 1.08 38.21
CA GLN A 334 31.45 0.83 36.90
C GLN A 334 30.57 1.45 35.87
N LYS A 335 31.18 1.83 34.75
CA LYS A 335 30.54 2.55 33.66
C LYS A 335 31.12 1.90 32.44
N GLU A 336 30.30 1.48 31.50
CA GLU A 336 30.79 0.70 30.37
C GLU A 336 31.62 1.52 29.41
N GLY A 337 32.54 0.81 28.74
CA GLY A 337 33.45 1.40 27.76
C GLY A 337 33.16 0.68 26.47
N ALA A 338 34.01 -0.28 26.11
CA ALA A 338 33.74 -1.21 25.04
C ALA A 338 34.51 -2.51 25.37
N ARG A 339 34.52 -3.46 24.44
CA ARG A 339 35.33 -4.69 24.57
C ARG A 339 36.75 -4.24 24.83
N GLY A 340 37.25 -4.48 26.03
CA GLY A 340 38.65 -4.21 26.33
C GLY A 340 38.91 -3.09 27.30
N PHE A 341 37.90 -2.26 27.60
CA PHE A 341 38.06 -1.19 28.59
C PHE A 341 36.79 -0.68 29.31
N MET A 342 36.94 -0.30 30.57
CA MET A 342 35.86 0.26 31.32
C MET A 342 36.36 1.44 32.13
N PHE A 343 35.49 1.98 32.94
CA PHE A 343 35.84 3.11 33.78
C PHE A 343 35.20 2.83 35.09
N PHE A 344 35.65 3.52 36.09
CA PHE A 344 34.99 3.38 37.32
C PHE A 344 34.76 4.77 37.75
N ILE A 345 33.54 5.14 38.05
CA ILE A 345 33.35 6.58 38.28
C ILE A 345 32.85 6.91 39.69
N ILE A 346 32.99 8.19 40.03
CA ILE A 346 32.29 8.74 41.17
C ILE A 346 32.03 10.18 40.87
N ASN A 347 30.75 10.53 40.69
CA ASN A 347 30.34 11.90 40.32
C ASN A 347 29.41 12.46 41.37
N VAL A 348 29.61 13.70 41.78
CA VAL A 348 28.69 14.36 42.71
C VAL A 348 28.25 15.69 42.16
N ASP A 349 27.09 16.19 42.57
CA ASP A 349 26.77 17.63 42.36
C ASP A 349 27.44 18.44 43.47
N LEU A 350 27.35 19.77 43.39
CA LEU A 350 28.22 20.58 44.25
C LEU A 350 27.47 21.76 44.75
N THR A 351 27.38 21.91 46.06
CA THR A 351 26.79 23.12 46.60
C THR A 351 27.74 24.26 46.35
N GLU A 352 27.28 25.50 46.46
CA GLU A 352 28.19 26.67 46.42
C GLU A 352 29.44 26.47 47.26
N GLU A 353 29.26 26.14 48.54
CA GLU A 353 30.38 25.77 49.41
C GLU A 353 31.22 24.64 48.76
N GLY A 354 30.56 23.53 48.43
CA GLY A 354 31.24 22.38 47.81
C GLY A 354 32.19 22.75 46.69
N LEU A 355 31.83 23.74 45.89
CA LEU A 355 32.64 24.12 44.74
C LEU A 355 34.02 24.64 45.16
N LEU A 356 34.16 25.07 46.42
CA LEU A 356 35.43 25.62 46.92
C LEU A 356 36.22 24.60 47.72
N HIS A 357 35.72 23.37 47.78
CA HIS A 357 36.35 22.34 48.54
C HIS A 357 36.50 21.07 47.71
N VAL A 358 36.62 21.26 46.42
CA VAL A 358 36.79 20.11 45.54
C VAL A 358 37.96 19.21 45.95
N GLU A 359 39.07 19.81 46.37
CA GLU A 359 40.20 18.96 46.74
C GLU A 359 39.88 18.13 47.99
N ASP A 360 39.21 18.77 48.96
CA ASP A 360 38.80 18.09 50.16
C ASP A 360 37.82 16.96 49.84
N ILE A 361 36.88 17.20 48.93
CA ILE A 361 35.92 16.17 48.60
C ILE A 361 36.64 14.97 48.02
N ILE A 362 37.64 15.20 47.19
CA ILE A 362 38.38 14.06 46.64
C ILE A 362 39.19 13.30 47.68
N LEU A 363 39.65 13.98 48.74
CA LEU A 363 40.37 13.29 49.81
C LEU A 363 39.44 12.36 50.49
N HIS A 364 38.28 12.91 50.85
CA HIS A 364 37.28 12.13 51.53
C HIS A 364 36.97 10.92 50.70
N MET A 365 37.02 11.12 49.38
CA MET A 365 36.72 10.07 48.46
C MET A 365 37.74 8.99 48.64
N PHE A 366 39.01 9.38 48.72
CA PHE A 366 40.06 8.38 48.90
C PHE A 366 40.16 7.83 50.30
N GLN A 367 39.78 8.63 51.29
CA GLN A 367 39.75 8.13 52.66
C GLN A 367 38.75 7.01 52.67
N TYR A 368 37.67 7.18 51.92
CA TYR A 368 36.62 6.16 51.91
C TYR A 368 37.16 4.91 51.24
N ILE A 369 37.83 5.06 50.10
CA ILE A 369 38.38 3.92 49.36
C ILE A 369 39.37 3.17 50.24
N GLN A 370 40.24 3.92 50.92
CA GLN A 370 41.11 3.35 51.96
C GLN A 370 40.36 2.46 52.96
N LYS A 371 39.27 2.99 53.51
CA LYS A 371 38.53 2.22 54.47
C LYS A 371 38.20 0.86 53.86
N LEU A 372 37.94 0.81 52.55
CA LEU A 372 37.64 -0.51 52.03
C LEU A 372 38.88 -1.43 52.02
N ARG A 373 40.05 -0.91 51.64
CA ARG A 373 41.28 -1.72 51.68
C ARG A 373 41.48 -2.24 53.09
N ALA A 374 41.44 -1.34 54.07
CA ALA A 374 41.62 -1.74 55.48
C ALA A 374 40.70 -2.86 55.92
N GLU A 375 39.54 -2.97 55.31
CA GLU A 375 38.50 -3.81 55.86
C GLU A 375 38.44 -5.18 55.21
N GLY A 376 39.09 -5.34 54.06
CA GLY A 376 39.00 -6.56 53.24
C GLY A 376 37.67 -6.74 52.53
N PRO A 377 37.60 -7.64 51.52
CA PRO A 377 36.35 -8.13 50.89
C PRO A 377 35.38 -8.69 51.91
N GLN A 378 34.08 -8.71 51.68
CA GLN A 378 33.08 -9.10 52.70
C GLN A 378 32.05 -10.09 52.18
N GLU A 379 32.15 -11.35 52.56
CA GLU A 379 31.32 -12.35 51.93
C GLU A 379 29.88 -12.02 52.16
N TRP A 380 29.56 -11.37 53.27
CA TRP A 380 28.14 -11.15 53.65
C TRP A 380 27.57 -10.03 52.71
N VAL A 381 28.39 -9.03 52.41
CA VAL A 381 27.96 -8.01 51.48
C VAL A 381 27.67 -8.65 50.13
N PHE A 382 28.53 -9.59 49.73
CA PHE A 382 28.28 -10.33 48.49
C PHE A 382 27.02 -11.18 48.57
N GLN A 383 26.78 -11.85 49.70
CA GLN A 383 25.51 -12.59 49.90
C GLN A 383 24.28 -11.72 49.78
N GLU A 384 24.34 -10.53 50.37
CA GLU A 384 23.18 -9.67 50.38
C GLU A 384 22.81 -9.36 48.95
N LEU A 385 23.76 -8.81 48.19
CA LEU A 385 23.59 -8.54 46.77
C LEU A 385 23.02 -9.74 45.99
N LYS A 386 23.59 -10.90 46.26
CA LYS A 386 23.18 -12.13 45.67
C LYS A 386 21.73 -12.41 45.98
N ASP A 387 21.32 -12.26 47.24
CA ASP A 387 19.97 -12.60 47.66
C ASP A 387 18.93 -11.71 47.08
N LEU A 388 19.17 -10.42 47.14
CA LEU A 388 18.43 -9.46 46.39
C LEU A 388 18.36 -9.82 44.90
N ASN A 389 19.47 -10.14 44.24
CA ASN A 389 19.32 -10.47 42.84
C ASN A 389 18.48 -11.72 42.62
N ALA A 390 18.62 -12.76 43.41
CA ALA A 390 17.68 -13.89 43.30
C ALA A 390 16.19 -13.53 43.56
N VAL A 391 15.92 -12.65 44.53
CA VAL A 391 14.53 -12.23 44.75
C VAL A 391 14.03 -11.37 43.57
N ALA A 392 14.71 -10.24 43.29
CA ALA A 392 14.50 -9.51 42.06
C ALA A 392 14.23 -10.46 40.86
N PHE A 393 15.01 -11.52 40.70
CA PHE A 393 14.88 -12.19 39.42
C PHE A 393 13.59 -13.00 39.38
N ARG A 394 13.46 -13.86 40.37
CA ARG A 394 12.29 -14.68 40.52
C ARG A 394 11.00 -13.92 40.36
N PHE A 395 10.84 -12.78 41.02
CA PHE A 395 9.61 -12.03 40.87
C PHE A 395 9.74 -10.83 39.96
N LYS A 396 10.60 -10.88 38.96
CA LYS A 396 10.64 -9.78 38.02
C LYS A 396 9.23 -9.57 37.43
N ASP A 397 8.81 -8.32 37.21
CA ASP A 397 7.57 -8.02 36.44
C ASP A 397 7.76 -8.47 34.99
N LYS A 398 6.74 -9.05 34.41
CA LYS A 398 6.81 -9.44 33.01
C LYS A 398 6.83 -8.19 32.08
N GLU A 399 7.62 -8.23 31.02
CA GLU A 399 7.97 -7.05 30.24
C GLU A 399 7.16 -6.80 28.97
N ARG A 400 7.03 -5.56 28.56
CA ARG A 400 6.46 -5.22 27.27
C ARG A 400 7.38 -5.84 26.19
N PRO A 401 6.79 -6.50 25.17
CA PRO A 401 7.62 -7.40 24.33
C PRO A 401 8.71 -6.76 23.48
N ARG A 402 8.49 -5.54 23.01
CA ARG A 402 9.46 -4.80 22.20
C ARG A 402 10.73 -4.58 23.03
N GLY A 403 10.56 -4.03 24.24
CA GLY A 403 11.67 -3.78 25.12
C GLY A 403 12.42 -5.05 25.45
N TYR A 404 11.68 -6.15 25.60
CA TYR A 404 12.27 -7.40 25.99
C TYR A 404 13.14 -7.97 24.89
N THR A 405 12.58 -8.08 23.70
CA THR A 405 13.33 -8.52 22.53
C THR A 405 14.57 -7.63 22.25
N SER A 406 14.38 -6.31 22.29
CA SER A 406 15.50 -5.45 22.11
C SER A 406 16.61 -5.77 23.11
N LYS A 407 16.28 -5.72 24.41
CA LYS A 407 17.21 -6.15 25.45
C LYS A 407 17.94 -7.51 25.28
N ILE A 408 17.21 -8.60 25.05
CA ILE A 408 17.87 -9.92 24.93
C ILE A 408 18.70 -10.07 23.65
N ALA A 409 18.29 -9.39 22.58
CA ALA A 409 19.12 -9.39 21.38
C ALA A 409 20.52 -8.87 21.67
N GLY A 410 20.62 -7.88 22.57
CA GLY A 410 21.90 -7.28 22.95
C GLY A 410 22.70 -8.33 23.69
N ILE A 411 22.16 -8.87 24.78
CA ILE A 411 22.94 -9.80 25.57
C ILE A 411 23.14 -11.22 24.97
N LEU A 412 22.42 -11.56 23.90
CA LEU A 412 22.80 -12.75 23.19
C LEU A 412 24.30 -12.72 22.81
N HIS A 413 24.89 -11.52 22.70
CA HIS A 413 26.31 -11.40 22.37
C HIS A 413 27.25 -11.57 23.56
N TYR A 414 26.77 -11.92 24.74
CA TYR A 414 27.70 -11.89 25.88
C TYR A 414 27.62 -13.13 26.72
N TYR A 415 26.54 -13.88 26.61
CA TYR A 415 26.29 -14.93 27.55
C TYR A 415 25.86 -16.17 26.79
N PRO A 416 26.21 -17.35 27.32
CA PRO A 416 25.78 -18.59 26.69
C PRO A 416 24.25 -18.58 26.58
N LEU A 417 23.70 -19.25 25.57
CA LEU A 417 22.26 -19.16 25.32
C LEU A 417 21.48 -19.30 26.64
N GLU A 418 21.88 -20.32 27.41
CA GLU A 418 21.18 -20.78 28.59
C GLU A 418 21.11 -19.74 29.73
N GLU A 419 22.13 -18.90 29.82
CA GLU A 419 22.17 -17.92 30.87
C GLU A 419 21.64 -16.57 30.43
N VAL A 420 20.95 -16.48 29.30
CA VAL A 420 20.64 -15.15 28.78
C VAL A 420 19.61 -14.45 29.63
N LEU A 421 18.77 -15.23 30.29
CA LEU A 421 17.69 -14.64 31.01
C LEU A 421 18.22 -14.18 32.34
N THR A 422 19.08 -15.02 32.90
CA THR A 422 19.62 -14.84 34.24
C THR A 422 20.98 -14.17 34.35
N ALA A 423 21.76 -14.16 33.28
CA ALA A 423 23.10 -13.56 33.35
C ALA A 423 23.17 -12.26 34.19
N GLU A 424 22.41 -11.23 33.80
CA GLU A 424 22.37 -9.97 34.53
C GLU A 424 21.78 -9.97 35.96
N TYR A 425 21.36 -11.13 36.46
CA TYR A 425 20.85 -11.21 37.81
C TYR A 425 21.64 -12.13 38.71
N LEU A 426 21.77 -13.39 38.34
CA LEU A 426 22.34 -14.36 39.27
C LEU A 426 23.86 -14.15 39.35
N LEU A 427 24.32 -13.98 40.61
CA LEU A 427 25.74 -13.87 41.04
C LEU A 427 26.12 -15.17 41.71
N GLU A 428 27.34 -15.64 41.47
CA GLU A 428 27.60 -17.03 41.77
C GLU A 428 28.90 -17.28 42.48
N GLU A 429 29.84 -16.37 42.34
CA GLU A 429 31.20 -16.60 42.74
C GLU A 429 31.68 -15.49 43.59
N PHE A 430 32.12 -15.82 44.79
CA PHE A 430 32.75 -14.81 45.62
C PHE A 430 34.25 -14.67 45.24
N ARG A 431 34.70 -13.42 45.05
CA ARG A 431 36.05 -13.18 44.53
C ARG A 431 36.77 -12.08 45.26
N PRO A 432 37.23 -12.39 46.46
CA PRO A 432 37.99 -11.32 47.12
C PRO A 432 39.17 -10.86 46.27
N ASP A 433 39.79 -11.75 45.49
CA ASP A 433 40.91 -11.33 44.65
C ASP A 433 40.58 -10.22 43.62
N LEU A 434 39.49 -10.41 42.90
CA LEU A 434 39.04 -9.43 41.93
C LEU A 434 38.61 -8.17 42.62
N ILE A 435 37.94 -8.31 43.77
CA ILE A 435 37.59 -7.10 44.48
C ILE A 435 38.83 -6.25 44.82
N GLU A 436 39.82 -6.86 45.43
CA GLU A 436 41.15 -6.28 45.64
C GLU A 436 41.77 -5.67 44.39
N MET A 437 41.90 -6.50 43.36
CA MET A 437 42.37 -6.12 42.03
C MET A 437 41.72 -4.79 41.51
N VAL A 438 40.43 -4.62 41.68
CA VAL A 438 39.81 -3.43 41.17
C VAL A 438 40.07 -2.27 42.08
N LEU A 439 39.98 -2.53 43.38
CA LEU A 439 40.34 -1.57 44.43
C LEU A 439 41.71 -0.93 44.19
N ASP A 440 42.68 -1.77 43.86
CA ASP A 440 44.02 -1.29 43.65
C ASP A 440 44.18 -0.40 42.39
N LYS A 441 43.13 -0.32 41.59
CA LYS A 441 43.16 0.62 40.47
C LYS A 441 42.50 1.94 40.80
N LEU A 442 41.88 2.06 41.95
CA LEU A 442 41.23 3.31 42.30
C LEU A 442 42.14 4.10 43.17
N ARG A 443 43.04 4.84 42.51
CA ARG A 443 44.19 5.49 43.17
C ARG A 443 44.53 6.87 42.54
N PRO A 444 45.00 7.83 43.38
CA PRO A 444 45.32 9.16 42.87
C PRO A 444 46.33 9.09 41.73
N GLU A 445 47.25 8.11 41.78
CA GLU A 445 48.20 7.89 40.67
C GLU A 445 47.51 7.82 39.33
N ASN A 446 46.29 7.27 39.26
CA ASN A 446 45.62 7.29 37.97
C ASN A 446 44.19 7.83 37.87
N VAL A 447 43.99 9.04 38.39
CA VAL A 447 42.69 9.63 38.49
C VAL A 447 42.50 10.72 37.44
N ARG A 448 41.28 10.91 36.94
CA ARG A 448 40.97 12.13 36.15
C ARG A 448 39.81 12.87 36.81
N VAL A 449 39.87 14.19 36.79
CA VAL A 449 38.97 15.07 37.51
C VAL A 449 38.39 16.16 36.59
N ALA A 450 37.06 16.31 36.61
CA ALA A 450 36.37 17.34 35.81
C ALA A 450 35.43 18.23 36.67
N ILE A 451 35.59 19.55 36.57
CA ILE A 451 34.71 20.40 37.32
C ILE A 451 33.83 21.18 36.33
N VAL A 452 32.53 21.25 36.63
CA VAL A 452 31.60 21.88 35.72
C VAL A 452 30.92 22.97 36.46
N SER A 453 31.22 24.19 36.05
CA SER A 453 30.71 25.35 36.73
C SER A 453 30.75 26.54 35.85
N LYS A 454 29.76 27.43 36.03
CA LYS A 454 29.77 28.78 35.45
C LYS A 454 30.95 29.65 35.87
N SER A 455 31.49 29.44 37.07
CA SER A 455 32.69 30.16 37.47
C SER A 455 33.85 30.11 36.40
N PHE A 456 33.95 29.04 35.61
CA PHE A 456 35.00 28.96 34.58
C PHE A 456 34.70 29.74 33.31
N GLU A 457 33.60 30.49 33.32
CA GLU A 457 33.23 31.31 32.18
C GLU A 457 34.23 32.43 32.03
N GLY A 458 34.71 32.58 30.80
CA GLY A 458 35.76 33.55 30.49
C GLY A 458 37.17 32.98 30.60
N LYS A 459 37.45 32.15 31.59
CA LYS A 459 38.82 31.71 31.81
C LYS A 459 39.24 30.34 31.31
N THR A 460 38.62 29.88 30.22
CA THR A 460 39.03 28.64 29.54
C THR A 460 39.78 29.02 28.26
N ASP A 461 40.68 28.13 27.79
CA ASP A 461 41.47 28.39 26.57
C ASP A 461 41.24 27.39 25.44
N ARG A 462 40.25 26.54 25.60
CA ARG A 462 40.04 25.44 24.66
C ARG A 462 38.59 25.29 24.25
N THR A 463 38.40 24.56 23.18
CA THR A 463 37.10 24.39 22.58
C THR A 463 36.97 22.99 21.99
N GLU A 464 35.91 22.27 22.39
CA GLU A 464 35.57 20.99 21.74
C GLU A 464 34.97 21.21 20.35
N GLU A 465 35.52 20.49 19.39
CA GLU A 465 35.18 20.62 17.97
C GLU A 465 33.69 20.36 17.63
N TRP A 466 33.07 19.31 18.16
CA TRP A 466 31.68 18.98 17.75
C TRP A 466 30.56 19.80 18.38
N TYR A 467 30.64 20.09 19.68
CA TYR A 467 29.57 20.72 20.40
C TYR A 467 29.92 22.13 20.77
N GLY A 468 31.21 22.40 20.83
CA GLY A 468 31.69 23.74 21.05
C GLY A 468 31.89 24.04 22.51
N THR A 469 32.16 23.02 23.32
CA THR A 469 32.32 23.18 24.77
C THR A 469 33.58 23.94 25.11
N GLN A 470 33.47 24.95 25.97
CA GLN A 470 34.66 25.71 26.43
C GLN A 470 35.24 24.99 27.59
N TYR A 471 36.50 24.59 27.52
CA TYR A 471 37.14 24.06 28.73
C TYR A 471 38.61 24.47 28.89
N LYS A 472 39.17 24.06 30.03
CA LYS A 472 40.57 24.25 30.38
C LYS A 472 41.07 22.89 30.87
N GLN A 473 42.33 22.56 30.54
CA GLN A 473 42.99 21.32 30.99
C GLN A 473 44.26 21.64 31.76
N GLU A 474 44.53 20.93 32.85
CA GLU A 474 45.73 21.14 33.66
C GLU A 474 46.21 19.86 34.24
N ALA A 475 47.46 19.83 34.69
CA ALA A 475 47.91 18.70 35.51
C ALA A 475 47.52 18.98 36.94
N ILE A 476 47.07 17.93 37.61
CA ILE A 476 46.99 17.99 39.05
C ILE A 476 48.43 18.18 39.53
N PRO A 477 48.65 19.17 40.43
CA PRO A 477 49.94 19.40 41.05
C PRO A 477 50.32 18.20 41.89
N ASP A 478 51.58 17.75 41.75
CA ASP A 478 52.12 16.52 42.37
C ASP A 478 51.96 16.41 43.89
N GLU A 479 51.98 17.53 44.61
CA GLU A 479 51.74 17.43 46.06
C GLU A 479 50.25 17.31 46.39
N VAL A 480 49.40 17.71 45.44
CA VAL A 480 47.97 17.45 45.57
C VAL A 480 47.74 15.93 45.49
N ILE A 481 48.30 15.30 44.44
CA ILE A 481 48.30 13.86 44.30
C ILE A 481 48.77 13.15 45.57
N LYS A 482 49.92 13.59 46.13
CA LYS A 482 50.49 12.98 47.36
C LYS A 482 49.58 13.11 48.55
N LYS A 483 49.13 14.34 48.73
CA LYS A 483 48.18 14.63 49.76
C LYS A 483 47.03 13.58 49.76
N TRP A 484 46.55 13.20 48.55
CA TRP A 484 45.47 12.22 48.42
C TRP A 484 45.98 10.84 48.64
N GLN A 485 47.11 10.52 48.03
CA GLN A 485 47.78 9.24 48.30
C GLN A 485 47.96 8.90 49.76
N ASN A 486 48.12 9.94 50.58
CA ASN A 486 48.21 9.75 52.03
C ASN A 486 46.91 9.94 52.73
N ALA A 487 45.86 9.30 52.23
CA ALA A 487 44.60 9.34 52.93
C ALA A 487 44.63 8.35 54.10
N ASP A 488 44.60 8.90 55.30
CA ASP A 488 44.37 8.18 56.58
C ASP A 488 42.98 7.56 56.56
N LEU A 489 42.66 6.76 57.59
CA LEU A 489 41.26 6.48 57.88
C LEU A 489 40.61 7.74 58.45
N ASN A 490 39.30 7.79 58.31
CA ASN A 490 38.44 8.86 58.80
C ASN A 490 37.32 8.07 59.49
N GLY A 491 37.06 8.37 60.76
CA GLY A 491 36.13 7.56 61.53
C GLY A 491 34.67 7.84 61.24
N LYS A 492 34.40 8.92 60.50
CA LYS A 492 33.05 9.16 60.04
C LYS A 492 32.52 8.11 59.03
N PHE A 493 33.38 7.21 58.56
CA PHE A 493 33.02 6.21 57.54
C PHE A 493 32.93 4.78 58.08
N LYS A 494 31.76 4.19 57.85
CA LYS A 494 31.49 2.79 58.19
C LYS A 494 30.92 2.02 56.99
N LEU A 495 31.14 0.73 56.98
CA LEU A 495 30.41 -0.12 56.05
C LEU A 495 28.90 -0.05 56.42
N PRO A 496 27.98 -0.40 55.47
CA PRO A 496 26.59 -0.56 55.85
C PRO A 496 26.43 -1.75 56.76
N THR A 497 25.40 -1.75 57.61
CA THR A 497 25.12 -2.92 58.44
C THR A 497 24.15 -3.82 57.65
N LYS A 498 23.78 -5.02 58.16
CA LYS A 498 22.73 -5.88 57.52
C LYS A 498 21.53 -4.99 57.11
N ASN A 499 20.99 -5.25 55.91
CA ASN A 499 19.77 -4.58 55.43
C ASN A 499 18.43 -5.18 55.94
N GLU A 500 17.81 -4.49 56.91
CA GLU A 500 16.54 -4.92 57.50
C GLU A 500 15.34 -4.89 56.56
N PHE A 501 15.45 -4.20 55.43
CA PHE A 501 14.30 -4.10 54.53
C PHE A 501 14.04 -5.26 53.60
N ILE A 502 15.02 -6.16 53.58
CA ILE A 502 15.02 -7.32 52.73
C ILE A 502 13.81 -8.18 53.05
N PRO A 503 12.92 -8.40 52.07
CA PRO A 503 11.68 -9.12 52.30
C PRO A 503 11.91 -10.60 52.50
N THR A 504 11.13 -11.21 53.37
CA THR A 504 11.21 -12.63 53.55
C THR A 504 9.85 -13.26 53.34
N ASN A 505 8.80 -12.45 53.33
CA ASN A 505 7.46 -12.99 53.21
C ASN A 505 6.84 -12.81 51.83
N PHE A 506 6.83 -13.87 51.04
CA PHE A 506 6.47 -13.80 49.61
C PHE A 506 5.12 -14.45 49.27
N GLU A 507 4.27 -14.60 50.26
CA GLU A 507 3.11 -15.41 50.09
C GLU A 507 2.09 -14.61 49.39
N ILE A 508 1.46 -15.24 48.42
CA ILE A 508 0.44 -14.65 47.60
C ILE A 508 -0.86 -15.02 48.28
N LEU A 509 -1.48 -14.07 48.98
CA LEU A 509 -2.71 -14.29 49.76
C LEU A 509 -3.84 -14.79 48.86
N PRO A 510 -4.65 -15.80 49.31
CA PRO A 510 -5.67 -16.38 48.37
C PRO A 510 -6.70 -15.34 47.91
N LEU A 511 -7.19 -15.47 46.69
CA LEU A 511 -8.17 -14.49 46.17
C LEU A 511 -9.48 -14.60 46.97
N GLU A 512 -10.00 -13.47 47.44
CA GLU A 512 -11.14 -13.45 48.37
C GLU A 512 -12.46 -13.65 47.66
N LYS A 513 -13.50 -14.08 48.40
CA LYS A 513 -14.83 -14.36 47.83
C LYS A 513 -15.48 -13.10 47.22
N GLU A 514 -15.33 -11.93 47.88
CA GLU A 514 -15.90 -10.66 47.34
C GLU A 514 -14.96 -9.83 46.40
N ALA A 515 -13.78 -10.36 46.05
CA ALA A 515 -12.83 -9.73 45.07
C ALA A 515 -13.47 -9.35 43.74
N THR A 516 -13.02 -8.23 43.16
CA THR A 516 -13.72 -7.62 42.00
C THR A 516 -12.84 -7.37 40.77
N PRO A 517 -13.42 -7.43 39.54
CA PRO A 517 -12.52 -7.24 38.37
C PRO A 517 -11.93 -5.82 38.28
N TYR A 518 -12.63 -4.80 38.80
CA TYR A 518 -12.10 -3.42 38.91
C TYR A 518 -12.02 -2.88 40.34
N PRO A 519 -11.26 -1.78 40.55
CA PRO A 519 -11.16 -1.30 41.93
C PRO A 519 -12.53 -0.92 42.48
N ALA A 520 -12.74 -1.23 43.74
CA ALA A 520 -14.04 -1.04 44.34
C ALA A 520 -13.92 0.11 45.31
N LEU A 521 -14.92 0.98 45.37
CA LEU A 521 -14.88 2.09 46.32
C LEU A 521 -15.25 1.52 47.67
N ILE A 522 -14.28 1.27 48.53
CA ILE A 522 -14.58 0.54 49.75
C ILE A 522 -14.62 1.39 50.98
N LYS A 523 -14.50 2.71 50.81
CA LYS A 523 -14.69 3.67 51.89
C LYS A 523 -14.84 5.08 51.35
N ASP A 524 -15.80 5.82 51.88
CA ASP A 524 -16.19 7.05 51.25
C ASP A 524 -16.55 8.15 52.22
N THR A 525 -15.60 8.59 53.02
CA THR A 525 -15.90 9.53 54.08
C THR A 525 -15.46 10.94 53.73
N ALA A 526 -15.59 11.87 54.69
CA ALA A 526 -15.17 13.27 54.47
C ALA A 526 -13.63 13.35 54.34
N MET A 527 -12.96 12.55 55.16
CA MET A 527 -11.54 12.39 55.10
C MET A 527 -10.97 11.67 53.85
N SER A 528 -11.62 10.62 53.34
CA SER A 528 -10.95 9.79 52.29
C SER A 528 -11.79 8.88 51.45
N LYS A 529 -11.58 8.91 50.14
CA LYS A 529 -12.08 7.83 49.31
C LYS A 529 -10.99 6.78 49.17
N LEU A 530 -11.31 5.53 49.49
CA LEU A 530 -10.39 4.43 49.28
C LEU A 530 -10.91 3.52 48.17
N TRP A 531 -10.22 3.57 47.02
CA TRP A 531 -10.43 2.62 45.93
C TRP A 531 -9.54 1.44 46.13
N PHE A 532 -10.04 0.24 45.82
CA PHE A 532 -9.35 -1.01 46.21
C PHE A 532 -9.56 -2.19 45.28
N LYS A 533 -8.44 -2.84 45.00
CA LYS A 533 -8.47 -4.11 44.34
C LYS A 533 -7.38 -5.07 44.79
N GLN A 534 -7.76 -6.29 45.23
CA GLN A 534 -6.81 -7.41 45.35
C GLN A 534 -6.46 -7.85 43.95
N ASP A 535 -5.25 -8.33 43.73
CA ASP A 535 -4.74 -8.54 42.38
C ASP A 535 -5.27 -9.86 41.89
N ASP A 536 -5.99 -9.90 40.78
CA ASP A 536 -6.47 -11.18 40.24
C ASP A 536 -5.65 -11.72 39.06
N LYS A 537 -4.45 -11.19 38.79
CA LYS A 537 -3.81 -11.35 37.47
C LYS A 537 -2.33 -11.75 37.45
N PHE A 538 -1.51 -11.03 38.23
CA PHE A 538 -0.04 -11.21 38.19
C PHE A 538 0.59 -12.04 39.30
N PHE A 539 -0.04 -12.03 40.48
CA PHE A 539 0.32 -12.91 41.62
C PHE A 539 1.79 -12.82 42.13
N LEU A 540 2.36 -11.62 42.15
CA LEU A 540 3.69 -11.48 42.66
C LEU A 540 3.54 -10.82 44.02
N PRO A 541 4.51 -11.01 44.96
CA PRO A 541 4.20 -10.49 46.30
C PRO A 541 4.47 -9.02 46.33
N LYS A 542 3.69 -8.26 45.58
CA LYS A 542 3.94 -6.84 45.47
C LYS A 542 2.69 -6.02 45.52
N ALA A 543 2.80 -4.76 45.94
CA ALA A 543 1.65 -3.85 45.86
C ALA A 543 1.98 -2.41 45.47
N ASN A 544 1.00 -1.73 44.91
CA ASN A 544 1.11 -0.29 44.76
C ASN A 544 0.08 0.41 45.64
N LEU A 545 0.51 1.43 46.36
CA LEU A 545 -0.38 2.21 47.19
C LEU A 545 -0.16 3.63 46.80
N ASN A 546 -1.21 4.22 46.26
CA ASN A 546 -1.18 5.52 45.68
C ASN A 546 -2.06 6.47 46.48
N PHE A 547 -1.56 7.62 46.93
CA PHE A 547 -2.47 8.63 47.52
C PHE A 547 -2.45 10.01 46.83
N GLU A 548 -3.62 10.63 46.55
CA GLU A 548 -3.65 12.08 46.30
C GLU A 548 -4.15 12.71 47.59
N PHE A 549 -3.36 13.64 48.13
CA PHE A 549 -3.80 14.49 49.24
C PHE A 549 -4.21 15.79 48.65
N PHE A 550 -5.45 16.25 48.93
CA PHE A 550 -5.88 17.58 48.46
C PHE A 550 -5.78 18.63 49.51
N SER A 551 -5.06 19.70 49.18
CA SER A 551 -5.17 20.97 49.89
C SER A 551 -5.22 22.08 48.90
N PRO A 552 -6.12 23.06 49.14
CA PRO A 552 -6.16 24.32 48.35
C PRO A 552 -5.01 25.26 48.65
N PHE A 553 -4.28 25.01 49.73
CA PHE A 553 -3.10 25.78 50.06
C PHE A 553 -1.84 25.33 49.42
N ALA A 554 -1.89 24.33 48.55
CA ALA A 554 -0.70 23.82 47.89
C ALA A 554 -0.38 24.63 46.66
N TYR A 555 -1.42 25.20 46.08
CA TYR A 555 -1.22 25.99 44.88
C TYR A 555 -1.93 27.35 44.95
N VAL A 556 -2.38 27.77 46.14
CA VAL A 556 -3.12 29.02 46.27
C VAL A 556 -2.42 30.17 45.51
N ASP A 557 -1.11 30.36 45.70
CA ASP A 557 -0.34 31.40 45.01
C ASP A 557 1.07 30.96 44.68
N PRO A 558 1.84 31.78 43.95
CA PRO A 558 3.20 31.30 43.72
C PRO A 558 4.02 30.95 44.94
N LEU A 559 4.01 31.78 45.95
CA LEU A 559 4.80 31.46 47.16
C LEU A 559 4.36 30.14 47.80
N HIS A 560 3.05 29.85 47.78
CA HIS A 560 2.59 28.67 48.47
C HIS A 560 3.04 27.52 47.66
N SER A 561 3.05 27.72 46.38
CA SER A 561 3.50 26.67 45.54
C SER A 561 4.97 26.39 45.75
N ASN A 562 5.81 27.41 45.76
CA ASN A 562 7.18 27.16 46.14
C ASN A 562 7.24 26.43 47.48
N MET A 563 6.54 26.91 48.47
CA MET A 563 6.70 26.27 49.75
C MET A 563 6.37 24.75 49.78
N ALA A 564 5.35 24.35 49.02
CA ALA A 564 4.91 22.97 49.00
C ALA A 564 6.08 22.16 48.48
N TYR A 565 6.66 22.64 47.36
CA TYR A 565 7.79 21.99 46.75
C TYR A 565 8.89 21.83 47.79
N LEU A 566 9.46 22.93 48.23
CA LEU A 566 10.58 22.86 49.15
C LEU A 566 10.33 21.86 50.28
N TYR A 567 9.15 21.95 50.84
CA TYR A 567 8.86 21.12 51.96
C TYR A 567 8.99 19.65 51.59
N LEU A 568 8.31 19.27 50.50
CA LEU A 568 8.45 17.91 50.03
C LEU A 568 9.90 17.55 49.62
N GLU A 569 10.70 18.48 49.08
CA GLU A 569 12.09 18.12 48.82
C GLU A 569 12.87 17.83 50.10
N LEU A 570 12.75 18.72 51.09
CA LEU A 570 13.42 18.56 52.40
C LEU A 570 13.05 17.30 53.15
N LEU A 571 11.80 16.89 53.03
CA LEU A 571 11.38 15.72 53.68
C LEU A 571 12.07 14.57 53.01
N LYS A 572 12.06 14.53 51.67
CA LYS A 572 12.76 13.47 50.96
C LYS A 572 14.23 13.49 51.33
N ASP A 573 14.83 14.64 51.32
CA ASP A 573 16.22 14.68 51.69
C ASP A 573 16.46 14.17 53.12
N SER A 574 15.57 14.49 54.04
CA SER A 574 15.77 14.01 55.41
C SER A 574 15.66 12.48 55.49
N LEU A 575 14.73 11.98 54.70
CA LEU A 575 14.45 10.57 54.72
C LEU A 575 15.41 9.69 53.95
N ASN A 576 16.25 10.29 53.09
CA ASN A 576 17.04 9.54 52.16
C ASN A 576 17.79 8.43 52.86
N GLU A 577 18.70 8.79 53.79
CA GLU A 577 19.44 7.76 54.53
C GLU A 577 18.64 6.51 54.90
N TYR A 578 17.40 6.69 55.34
CA TYR A 578 16.64 5.59 55.86
C TYR A 578 15.89 4.85 54.75
N ALA A 579 15.41 5.64 53.78
CA ALA A 579 14.67 5.11 52.64
C ALA A 579 15.53 4.24 51.74
N TYR A 580 16.85 4.49 51.73
CA TYR A 580 17.74 3.91 50.75
C TYR A 580 17.83 2.38 50.88
N ALA A 581 18.08 1.89 52.09
CA ALA A 581 17.98 0.45 52.36
C ALA A 581 16.72 -0.12 51.67
N ALA A 582 15.61 0.60 51.76
CA ALA A 582 14.34 0.06 51.34
C ALA A 582 14.39 -0.07 49.87
N GLU A 583 14.99 0.92 49.25
CA GLU A 583 15.09 0.95 47.82
C GLU A 583 15.90 -0.25 47.27
N LEU A 584 17.05 -0.54 47.84
CA LEU A 584 17.73 -1.76 47.48
C LEU A 584 16.90 -3.00 47.82
N ALA A 585 15.92 -2.93 48.70
CA ALA A 585 15.17 -4.14 48.93
C ALA A 585 13.95 -4.12 48.03
N GLY A 586 13.97 -3.20 47.07
CA GLY A 586 12.92 -3.19 46.04
C GLY A 586 11.59 -2.68 46.57
N LEU A 587 11.68 -1.74 47.50
CA LEU A 587 10.55 -1.07 48.06
C LEU A 587 10.80 0.41 47.82
N SER A 588 10.07 1.02 46.92
CA SER A 588 10.40 2.39 46.68
C SER A 588 9.21 3.31 46.89
N TYR A 589 9.49 4.61 46.92
CA TYR A 589 8.44 5.61 47.10
C TYR A 589 8.67 6.88 46.28
N ASP A 590 7.58 7.41 45.78
CA ASP A 590 7.61 8.65 45.04
C ASP A 590 6.74 9.71 45.76
N LEU A 591 7.17 10.96 45.73
CA LEU A 591 6.49 11.97 46.54
C LEU A 591 6.80 13.35 46.03
N GLN A 592 5.75 14.05 45.65
CA GLN A 592 5.89 15.32 45.02
C GLN A 592 4.60 16.14 45.23
N ASN A 593 4.71 17.45 45.03
CA ASN A 593 3.60 18.39 45.12
C ASN A 593 2.94 18.48 43.79
N THR A 594 1.64 18.81 43.79
CA THR A 594 0.82 18.91 42.58
C THR A 594 0.09 20.20 42.65
N ILE A 595 -0.63 20.53 41.61
CA ILE A 595 -1.41 21.78 41.62
C ILE A 595 -2.64 21.63 42.50
N TYR A 596 -2.82 20.44 43.10
CA TYR A 596 -3.94 20.12 43.99
C TYR A 596 -3.52 19.80 45.41
N GLY A 597 -2.24 19.85 45.72
CA GLY A 597 -1.76 19.28 46.99
C GLY A 597 -0.65 18.31 46.63
N MET A 598 -0.60 17.14 47.28
CA MET A 598 0.52 16.19 47.12
C MET A 598 0.13 14.80 46.72
N TYR A 599 1.10 14.11 46.14
CA TYR A 599 0.91 12.78 45.63
C TYR A 599 1.96 11.92 46.26
N LEU A 600 1.56 10.73 46.65
CA LEU A 600 2.47 9.82 47.33
C LEU A 600 2.16 8.47 46.79
N SER A 601 3.14 7.85 46.18
CA SER A 601 3.07 6.45 45.78
C SER A 601 4.16 5.66 46.46
N VAL A 602 3.77 4.47 46.95
CA VAL A 602 4.71 3.47 47.52
C VAL A 602 4.56 2.18 46.75
N LYS A 603 5.54 1.78 45.95
CA LYS A 603 5.46 0.50 45.22
C LYS A 603 6.56 -0.47 45.69
N GLY A 604 6.34 -1.79 45.48
CA GLY A 604 7.36 -2.83 45.67
C GLY A 604 6.78 -4.03 46.39
N TYR A 605 7.65 -4.88 46.94
CA TYR A 605 7.21 -5.98 47.83
C TYR A 605 6.43 -5.43 49.04
N ASN A 606 5.34 -6.11 49.34
CA ASN A 606 4.39 -5.69 50.30
C ASN A 606 4.79 -6.04 51.70
N ASP A 607 5.56 -7.12 51.90
CA ASP A 607 6.20 -7.46 53.18
C ASP A 607 6.67 -6.35 54.11
N LYS A 608 7.23 -5.28 53.62
CA LYS A 608 7.63 -4.26 54.57
C LYS A 608 7.06 -2.88 54.25
N GLN A 609 6.17 -2.87 53.27
CA GLN A 609 5.50 -1.67 52.85
C GLN A 609 4.88 -0.83 54.00
N PRO A 610 4.06 -1.47 54.88
CA PRO A 610 3.40 -0.81 56.01
C PRO A 610 4.36 0.01 56.86
N ILE A 611 5.59 -0.51 57.00
CA ILE A 611 6.60 0.12 57.81
C ILE A 611 7.07 1.38 57.14
N LEU A 612 7.44 1.28 55.87
CA LEU A 612 7.97 2.45 55.17
C LEU A 612 6.91 3.56 55.10
N LEU A 613 5.68 3.20 54.69
CA LEU A 613 4.56 4.19 54.68
C LEU A 613 4.43 4.92 55.99
N LYS A 614 4.41 4.15 57.07
CA LYS A 614 4.24 4.73 58.37
C LYS A 614 5.33 5.75 58.60
N LYS A 615 6.57 5.41 58.31
CA LYS A 615 7.63 6.37 58.58
C LYS A 615 7.40 7.66 57.78
N ILE A 616 6.93 7.54 56.53
CA ILE A 616 6.75 8.71 55.68
C ILE A 616 5.71 9.68 56.27
N ILE A 617 4.54 9.14 56.57
CA ILE A 617 3.47 9.95 57.18
C ILE A 617 3.91 10.46 58.53
N GLU A 618 4.38 9.60 59.44
CA GLU A 618 4.94 10.13 60.67
C GLU A 618 5.91 11.34 60.41
N LYS A 619 6.77 11.23 59.39
CA LYS A 619 7.78 12.24 59.16
C LYS A 619 7.16 13.50 58.64
N MET A 620 6.34 13.35 57.63
CA MET A 620 5.52 14.42 57.07
C MET A 620 4.83 15.35 58.11
N ALA A 621 4.38 14.77 59.22
CA ALA A 621 3.49 15.44 60.16
C ALA A 621 4.20 15.93 61.36
N THR A 622 5.50 15.72 61.45
CA THR A 622 6.26 15.99 62.66
C THR A 622 7.57 16.54 62.20
N PHE A 623 7.52 17.19 61.04
CA PHE A 623 8.74 17.53 60.36
C PHE A 623 9.49 18.69 61.04
N GLU A 624 10.79 18.49 61.23
CA GLU A 624 11.65 19.52 61.81
C GLU A 624 12.73 19.92 60.82
N ILE A 625 12.56 21.08 60.17
CA ILE A 625 13.57 21.55 59.20
C ILE A 625 14.90 21.77 59.88
N ASP A 626 15.96 21.85 59.08
CA ASP A 626 17.30 22.07 59.59
C ASP A 626 17.62 23.21 58.65
N GLU A 627 17.91 24.37 59.24
CA GLU A 627 18.38 25.58 58.57
C GLU A 627 19.30 25.39 57.40
N LYS A 628 20.41 24.73 57.66
CA LYS A 628 21.46 24.47 56.67
C LYS A 628 21.16 23.83 55.30
N ARG A 629 20.27 22.85 55.35
CA ARG A 629 19.74 22.10 54.21
C ARG A 629 18.71 22.86 53.43
N PHE A 630 17.78 23.44 54.18
CA PHE A 630 16.82 24.42 53.66
C PHE A 630 17.51 25.45 52.77
N GLU A 631 18.66 25.94 53.22
CA GLU A 631 19.37 26.94 52.49
C GLU A 631 19.95 26.34 51.18
N ILE A 632 20.27 25.06 51.18
CA ILE A 632 20.95 24.48 50.02
C ILE A 632 19.95 24.10 48.97
N ILE A 633 18.84 23.54 49.45
CA ILE A 633 17.78 23.11 48.56
C ILE A 633 17.08 24.30 47.91
N LYS A 634 16.83 25.35 48.71
CA LYS A 634 16.29 26.60 48.18
C LYS A 634 17.15 27.06 47.00
N GLU A 635 18.46 27.20 47.23
CA GLU A 635 19.38 27.56 46.18
C GLU A 635 19.35 26.58 44.98
N ALA A 636 19.29 25.27 45.21
CA ALA A 636 19.16 24.36 44.03
C ALA A 636 17.89 24.65 43.21
N TYR A 637 16.85 25.07 43.93
CA TYR A 637 15.55 25.15 43.35
C TYR A 637 15.51 26.36 42.45
N MET A 638 16.16 27.42 42.91
CA MET A 638 16.21 28.68 42.19
C MET A 638 16.84 28.38 40.84
N ARG A 639 17.94 27.65 40.89
CA ARG A 639 18.66 27.34 39.70
C ARG A 639 17.82 26.59 38.69
N SER A 640 17.08 25.57 39.15
CA SER A 640 16.33 24.75 38.19
C SER A 640 15.17 25.52 37.52
N LEU A 641 14.53 26.43 38.28
CA LEU A 641 13.63 27.40 37.70
C LEU A 641 14.34 28.25 36.60
N ASN A 642 15.51 28.81 36.91
CA ASN A 642 16.30 29.43 35.86
C ASN A 642 16.60 28.48 34.71
N ASN A 643 16.96 27.25 35.04
CA ASN A 643 17.50 26.39 34.00
C ASN A 643 16.46 26.05 32.94
N PHE A 644 15.20 26.33 33.27
CA PHE A 644 14.18 26.06 32.30
C PHE A 644 14.47 26.76 31.02
N ARG A 645 15.08 27.96 31.09
CA ARG A 645 15.35 28.79 29.90
C ARG A 645 16.25 28.10 28.89
N ALA A 646 16.78 26.95 29.32
CA ALA A 646 17.62 26.10 28.52
C ALA A 646 17.00 24.75 28.10
N GLU A 647 15.71 24.51 28.30
CA GLU A 647 15.09 23.34 27.74
C GLU A 647 14.92 23.50 26.26
N GLN A 648 14.80 22.39 25.56
CA GLN A 648 14.60 22.44 24.10
C GLN A 648 13.31 23.19 23.71
N PRO A 649 13.31 23.83 22.52
CA PRO A 649 12.19 24.66 22.01
C PRO A 649 10.77 24.04 22.05
N HIS A 650 10.69 22.75 21.84
CA HIS A 650 9.39 22.15 21.76
C HIS A 650 8.86 21.95 23.17
N GLN A 651 9.76 21.83 24.14
CA GLN A 651 9.31 21.71 25.52
C GLN A 651 8.74 23.04 25.99
N HIS A 652 9.43 24.13 25.64
CA HIS A 652 8.93 25.46 25.90
C HIS A 652 7.53 25.58 25.34
N ALA A 653 7.35 25.16 24.10
CA ALA A 653 6.09 25.31 23.40
C ALA A 653 5.01 24.58 24.15
N MET A 654 5.26 23.33 24.53
CA MET A 654 4.28 22.62 25.37
C MET A 654 4.05 23.33 26.71
N TYR A 655 5.09 23.88 27.32
CA TYR A 655 4.91 24.50 28.62
C TYR A 655 3.93 25.70 28.52
N TYR A 656 4.23 26.61 27.60
CA TYR A 656 3.36 27.70 27.31
C TYR A 656 1.91 27.28 27.03
N LEU A 657 1.69 26.30 26.16
CA LEU A 657 0.31 25.91 25.93
C LEU A 657 -0.41 25.51 27.24
N ARG A 658 0.22 24.68 28.07
CA ARG A 658 -0.34 24.33 29.38
C ARG A 658 -0.68 25.59 30.16
N LEU A 659 0.27 26.52 30.27
CA LEU A 659 0.00 27.81 30.92
C LEU A 659 -1.20 28.56 30.35
N LEU A 660 -1.31 28.54 29.02
CA LEU A 660 -2.37 29.24 28.33
C LEU A 660 -3.73 28.62 28.54
N MET A 661 -3.83 27.29 28.51
CA MET A 661 -5.14 26.64 28.52
C MET A 661 -5.75 26.25 29.87
N THR A 662 -5.03 26.41 30.98
CA THR A 662 -5.55 26.10 32.34
C THR A 662 -6.04 27.37 33.02
N GLU A 663 -7.11 27.20 33.78
CA GLU A 663 -7.76 28.26 34.51
C GLU A 663 -6.73 28.91 35.38
N VAL A 664 -5.96 28.11 36.11
CA VAL A 664 -4.94 28.64 37.06
C VAL A 664 -3.58 27.91 36.87
N ALA A 665 -2.50 28.67 36.82
CA ALA A 665 -1.14 28.19 36.48
C ALA A 665 -0.25 29.33 36.89
N TRP A 666 0.81 29.03 37.63
CA TRP A 666 1.79 30.00 38.03
C TRP A 666 3.03 29.83 37.16
N THR A 667 3.41 30.85 36.38
CA THR A 667 4.60 30.71 35.50
C THR A 667 5.89 30.48 36.29
N LYS A 668 6.95 30.02 35.59
CA LYS A 668 8.31 29.87 36.15
C LYS A 668 8.83 31.23 36.64
N ASP A 669 8.55 32.28 35.89
CA ASP A 669 8.94 33.66 36.27
C ASP A 669 8.30 34.08 37.57
N GLU A 670 7.03 33.75 37.73
CA GLU A 670 6.30 34.16 38.92
C GLU A 670 6.73 33.37 40.13
N LEU A 671 7.21 32.14 39.90
CA LEU A 671 7.64 31.28 40.99
C LEU A 671 8.99 31.71 41.48
N LYS A 672 9.78 32.21 40.54
CA LYS A 672 11.16 32.59 40.74
C LYS A 672 11.22 33.83 41.59
N GLU A 673 10.44 34.82 41.21
CA GLU A 673 10.35 36.07 41.94
C GLU A 673 9.91 35.81 43.38
N ALA A 674 8.86 35.02 43.51
CA ALA A 674 8.27 34.71 44.79
C ALA A 674 9.18 33.85 45.66
N LEU A 675 10.22 33.29 45.06
CA LEU A 675 11.08 32.43 45.83
C LEU A 675 11.91 33.15 46.91
N ASP A 676 12.31 34.40 46.64
CA ASP A 676 13.07 35.15 47.63
C ASP A 676 12.29 35.51 48.87
N ASP A 677 10.97 35.57 48.78
CA ASP A 677 10.16 35.81 49.97
C ASP A 677 9.98 34.60 50.89
N VAL A 678 10.68 33.51 50.62
CA VAL A 678 10.48 32.26 51.34
C VAL A 678 11.52 32.07 52.47
N THR A 679 11.20 32.50 53.68
CA THR A 679 12.14 32.34 54.79
C THR A 679 11.76 31.14 55.64
N LEU A 680 12.76 30.61 56.36
CA LEU A 680 12.51 29.49 57.28
C LEU A 680 11.26 29.65 58.19
N PRO A 681 11.04 30.86 58.77
CA PRO A 681 9.83 31.03 59.57
C PRO A 681 8.53 30.82 58.80
N ARG A 682 8.47 31.32 57.54
CA ARG A 682 7.25 31.24 56.70
C ARG A 682 6.93 29.78 56.31
N LEU A 683 7.98 28.99 56.10
CA LEU A 683 7.84 27.57 55.82
C LEU A 683 7.40 26.82 57.03
N LYS A 684 8.11 26.98 58.15
CA LYS A 684 7.73 26.36 59.43
C LYS A 684 6.24 26.51 59.70
N ALA A 685 5.73 27.74 59.50
CA ALA A 685 4.29 28.04 59.63
C ALA A 685 3.36 27.47 58.53
N PHE A 686 3.86 27.29 57.30
CA PHE A 686 3.07 26.78 56.18
C PHE A 686 2.75 25.32 56.37
N ILE A 687 3.73 24.53 56.81
CA ILE A 687 3.53 23.07 56.91
C ILE A 687 2.33 22.62 57.78
N PRO A 688 2.22 23.15 59.00
CA PRO A 688 1.05 22.79 59.80
C PRO A 688 -0.21 23.30 59.16
N GLN A 689 -0.13 24.44 58.48
CA GLN A 689 -1.30 25.02 57.83
C GLN A 689 -1.81 24.03 56.80
N LEU A 690 -0.93 23.64 55.86
CA LEU A 690 -1.29 22.74 54.74
C LEU A 690 -1.81 21.36 55.16
N LEU A 691 -1.28 20.84 56.24
CA LEU A 691 -1.77 19.59 56.81
C LEU A 691 -3.04 19.67 57.67
N SER A 692 -3.57 20.87 57.93
CA SER A 692 -4.70 20.99 58.84
C SER A 692 -6.01 20.57 58.19
N ARG A 693 -6.31 20.99 56.97
CA ARG A 693 -7.44 20.34 56.26
C ARG A 693 -6.98 19.65 55.00
N LEU A 694 -7.35 18.38 54.87
CA LEU A 694 -7.07 17.58 53.68
C LEU A 694 -8.19 16.67 53.27
N HIS A 695 -8.03 16.09 52.10
CA HIS A 695 -8.87 15.00 51.66
C HIS A 695 -7.94 14.01 50.94
N ILE A 696 -8.16 12.72 51.14
CA ILE A 696 -7.30 11.70 50.57
C ILE A 696 -8.10 10.82 49.63
N GLU A 697 -7.68 10.70 48.37
CA GLU A 697 -8.24 9.67 47.48
C GLU A 697 -7.10 8.70 47.16
N ALA A 698 -7.35 7.42 47.38
CA ALA A 698 -6.30 6.44 47.42
C ALA A 698 -6.67 5.25 46.55
N LEU A 699 -5.65 4.68 45.92
CA LEU A 699 -5.81 3.42 45.20
C LEU A 699 -4.87 2.46 45.86
N LEU A 700 -5.40 1.44 46.54
CA LEU A 700 -4.56 0.35 47.01
C LEU A 700 -4.81 -0.91 46.19
N HIS A 701 -3.75 -1.47 45.60
CA HIS A 701 -3.83 -2.50 44.53
C HIS A 701 -2.66 -3.41 44.61
N GLY A 702 -2.89 -4.71 44.82
CA GLY A 702 -1.81 -5.72 44.74
C GLY A 702 -2.04 -6.98 45.56
N ASN A 703 -0.97 -7.59 46.09
CA ASN A 703 -1.04 -8.76 46.97
C ASN A 703 -1.51 -8.36 48.35
N ILE A 704 -2.73 -7.83 48.46
CA ILE A 704 -3.28 -7.38 49.75
C ILE A 704 -4.78 -7.52 49.92
N THR A 705 -5.21 -7.62 51.17
CA THR A 705 -6.62 -7.90 51.43
C THR A 705 -7.44 -6.63 51.65
N LYS A 706 -8.76 -6.79 51.55
CA LYS A 706 -9.66 -5.66 51.80
C LYS A 706 -9.41 -5.09 53.20
N GLN A 707 -9.29 -5.94 54.21
CA GLN A 707 -9.15 -5.38 55.49
C GLN A 707 -7.76 -4.89 55.72
N ALA A 708 -6.79 -5.41 54.99
CA ALA A 708 -5.45 -4.80 55.11
C ALA A 708 -5.51 -3.36 54.54
N ALA A 709 -6.29 -3.22 53.48
CA ALA A 709 -6.31 -1.97 52.81
C ALA A 709 -6.99 -0.88 53.69
N LEU A 710 -8.06 -1.26 54.40
CA LEU A 710 -8.78 -0.31 55.25
C LEU A 710 -7.90 0.07 56.39
N GLY A 711 -7.09 -0.89 56.83
CA GLY A 711 -6.20 -0.66 57.96
C GLY A 711 -5.06 0.28 57.63
N ILE A 712 -4.50 0.10 56.43
CA ILE A 712 -3.42 0.95 55.92
C ILE A 712 -3.90 2.37 55.70
N MET A 713 -5.09 2.51 55.11
CA MET A 713 -5.65 3.83 54.90
C MET A 713 -6.00 4.47 56.23
N GLN A 714 -6.59 3.72 57.15
CA GLN A 714 -6.88 4.31 58.44
C GLN A 714 -5.61 4.69 59.13
N MET A 715 -4.58 3.91 58.93
CA MET A 715 -3.34 4.22 59.58
C MET A 715 -2.77 5.58 59.14
N VAL A 716 -2.90 5.85 57.84
CA VAL A 716 -2.43 7.10 57.33
C VAL A 716 -3.21 8.25 58.01
N GLU A 717 -4.53 8.20 57.87
CA GLU A 717 -5.42 9.14 58.51
C GLU A 717 -5.07 9.30 59.95
N ASP A 718 -5.03 8.19 60.71
CA ASP A 718 -4.77 8.25 62.19
C ASP A 718 -3.47 8.95 62.59
N THR A 719 -2.45 8.81 61.76
CA THR A 719 -1.15 9.43 61.96
C THR A 719 -1.23 10.95 61.77
N LEU A 720 -2.02 11.38 60.79
CA LEU A 720 -2.14 12.80 60.50
C LEU A 720 -2.99 13.52 61.56
N ILE A 721 -4.12 12.90 61.93
CA ILE A 721 -4.88 13.28 63.11
C ILE A 721 -3.95 13.40 64.32
N GLU A 722 -3.30 12.32 64.74
CA GLU A 722 -2.50 12.39 65.96
C GLU A 722 -1.42 13.45 65.93
N HIS A 723 -0.85 13.71 64.77
CA HIS A 723 0.32 14.54 64.75
C HIS A 723 0.11 15.90 64.10
N ALA A 724 -0.88 16.00 63.23
CA ALA A 724 -1.10 17.25 62.54
C ALA A 724 -2.43 17.92 62.93
N HIS A 725 -3.26 17.22 63.68
CA HIS A 725 -4.60 17.69 64.06
C HIS A 725 -5.54 17.87 62.88
N THR A 726 -5.20 17.24 61.75
CA THR A 726 -5.99 17.26 60.51
C THR A 726 -7.51 17.10 60.67
N LYS A 727 -8.25 17.86 59.87
CA LYS A 727 -9.72 17.82 59.81
C LYS A 727 -10.14 17.68 58.35
N PRO A 728 -11.32 17.08 58.11
CA PRO A 728 -11.78 16.89 56.73
C PRO A 728 -11.86 18.21 55.97
N LEU A 729 -12.06 18.14 54.67
CA LEU A 729 -12.20 19.29 53.83
C LEU A 729 -13.62 19.20 53.28
N LEU A 730 -14.23 20.29 52.87
CA LEU A 730 -15.66 20.25 52.43
C LEU A 730 -15.76 19.89 50.94
N PRO A 731 -16.89 19.25 50.50
CA PRO A 731 -16.99 18.84 49.08
C PRO A 731 -16.92 20.00 48.10
N SER A 732 -17.54 21.14 48.44
CA SER A 732 -17.46 22.31 47.54
C SER A 732 -16.04 22.86 47.40
N GLN A 733 -15.12 22.44 48.29
CA GLN A 733 -13.70 22.85 48.25
C GLN A 733 -12.88 22.02 47.29
N LEU A 734 -13.32 20.76 47.08
CA LEU A 734 -12.70 19.76 46.19
C LEU A 734 -12.92 20.34 44.76
N VAL A 735 -12.09 21.32 44.42
CA VAL A 735 -12.24 22.03 43.15
C VAL A 735 -11.23 21.57 42.07
N ARG A 736 -11.74 21.25 40.89
CA ARG A 736 -10.84 21.01 39.78
C ARG A 736 -10.81 22.16 38.77
N TYR A 737 -9.68 22.34 38.13
CA TYR A 737 -9.49 23.45 37.23
C TYR A 737 -10.00 23.14 35.84
N ARG A 738 -10.55 24.15 35.18
CA ARG A 738 -11.24 24.01 33.90
C ARG A 738 -10.37 24.42 32.74
N GLU A 739 -10.66 23.94 31.56
CA GLU A 739 -9.89 24.39 30.43
C GLU A 739 -10.57 25.56 29.70
N VAL A 740 -9.80 26.55 29.27
CA VAL A 740 -10.34 27.64 28.46
C VAL A 740 -11.10 27.18 27.22
N GLN A 741 -12.26 27.78 26.99
CA GLN A 741 -13.09 27.44 25.84
C GLN A 741 -12.89 28.44 24.70
N LEU A 742 -12.27 27.98 23.61
CA LEU A 742 -12.01 28.83 22.46
C LEU A 742 -13.27 29.03 21.62
N PRO A 743 -13.45 30.22 21.02
CA PRO A 743 -14.59 30.48 20.12
C PRO A 743 -14.50 29.79 18.76
N ASP A 744 -15.66 29.36 18.25
CA ASP A 744 -15.79 28.91 16.87
C ASP A 744 -15.11 29.88 15.93
N ARG A 745 -14.44 29.35 14.92
CA ARG A 745 -13.66 30.13 13.94
C ARG A 745 -12.51 30.92 14.52
N GLY A 746 -12.19 30.67 15.80
CA GLY A 746 -11.10 31.36 16.47
C GLY A 746 -9.75 30.81 16.10
N TRP A 747 -8.73 31.69 16.11
CA TRP A 747 -7.32 31.31 15.93
C TRP A 747 -6.43 32.33 16.59
N PHE A 748 -5.76 31.88 17.63
CA PHE A 748 -4.84 32.70 18.41
C PHE A 748 -3.45 32.15 18.29
N VAL A 749 -2.49 33.03 18.42
CA VAL A 749 -1.09 32.69 18.44
C VAL A 749 -0.42 33.38 19.59
N TYR A 750 0.45 32.65 20.29
CA TYR A 750 1.32 33.19 21.29
C TYR A 750 2.74 32.92 20.88
N GLN A 751 3.60 33.94 20.92
CA GLN A 751 4.98 33.80 20.43
C GLN A 751 6.04 34.07 21.51
N GLN A 752 7.05 33.23 21.62
CA GLN A 752 8.21 33.55 22.46
C GLN A 752 9.56 33.22 21.80
N ARG A 753 10.67 33.68 22.37
CA ARG A 753 11.98 33.29 21.86
C ARG A 753 12.68 32.30 22.82
N ASN A 754 13.25 31.23 22.29
CA ASN A 754 14.17 30.39 23.02
C ASN A 754 15.55 31.02 22.96
N GLU A 755 16.08 31.41 24.10
CA GLU A 755 17.31 32.19 24.05
C GLU A 755 18.59 31.30 23.95
N VAL A 756 18.56 30.08 24.50
CA VAL A 756 19.66 29.12 24.34
C VAL A 756 19.77 28.46 22.97
N HIS A 757 18.76 27.69 22.54
CA HIS A 757 18.83 26.80 21.34
C HIS A 757 18.64 27.43 19.97
N ASN A 758 19.27 26.88 18.95
CA ASN A 758 19.05 27.49 17.65
C ASN A 758 18.08 26.75 16.74
N ASN A 759 17.11 26.07 17.32
CA ASN A 759 15.98 25.61 16.54
C ASN A 759 14.83 26.48 17.00
N SER A 760 13.69 26.38 16.33
CA SER A 760 12.43 26.93 16.79
C SER A 760 11.48 25.81 17.16
N GLY A 761 10.49 26.11 17.98
CA GLY A 761 9.49 25.10 18.37
C GLY A 761 8.05 25.48 18.08
N ILE A 762 7.16 24.50 17.98
CA ILE A 762 5.77 24.82 17.70
C ILE A 762 4.85 23.75 18.30
N GLU A 763 3.70 24.17 18.84
CA GLU A 763 2.63 23.25 19.14
C GLU A 763 1.41 23.87 18.50
N ILE A 764 0.59 23.06 17.84
CA ILE A 764 -0.64 23.53 17.25
C ILE A 764 -1.77 22.68 17.81
N TYR A 765 -2.74 23.33 18.43
CA TYR A 765 -3.80 22.62 19.05
C TYR A 765 -5.13 23.02 18.38
N TYR A 766 -5.88 22.00 17.96
CA TYR A 766 -7.21 22.14 17.43
C TYR A 766 -7.96 21.55 18.59
N GLN A 767 -8.73 22.40 19.28
CA GLN A 767 -9.51 21.93 20.40
C GLN A 767 -10.81 21.37 19.85
N THR A 768 -11.37 20.32 20.44
CA THR A 768 -12.67 19.84 20.00
C THR A 768 -13.96 19.84 20.83
N ASP A 769 -14.17 18.88 21.71
CA ASP A 769 -15.21 19.04 22.71
C ASP A 769 -14.82 18.49 24.06
N MET A 770 -15.74 18.33 25.02
CA MET A 770 -15.36 17.61 26.22
C MET A 770 -14.99 16.20 25.81
N GLN A 771 -14.37 15.46 26.70
CA GLN A 771 -14.21 14.05 26.46
C GLN A 771 -15.56 13.38 26.63
N SER A 772 -15.86 12.47 25.72
CA SER A 772 -17.00 11.59 25.87
C SER A 772 -16.83 10.37 24.95
N THR A 773 -17.53 9.30 25.25
CA THR A 773 -17.42 8.14 24.40
C THR A 773 -17.33 8.45 22.91
N SER A 774 -18.28 9.24 22.39
CA SER A 774 -18.22 9.47 20.94
C SER A 774 -17.12 10.47 20.53
N GLU A 775 -17.01 11.57 21.26
CA GLU A 775 -15.99 12.54 20.97
C GLU A 775 -14.58 11.91 21.02
N ASN A 776 -14.34 11.05 22.02
CA ASN A 776 -13.09 10.33 22.17
C ASN A 776 -12.77 9.45 21.01
N MET A 777 -13.70 8.62 20.61
CA MET A 777 -13.37 7.74 19.49
C MET A 777 -13.22 8.42 18.13
N PHE A 778 -13.93 9.53 17.90
CA PHE A 778 -13.74 10.30 16.68
C PHE A 778 -12.31 10.76 16.60
N LEU A 779 -11.90 11.50 17.64
CA LEU A 779 -10.58 12.13 17.69
C LEU A 779 -9.52 11.05 17.63
N GLU A 780 -9.72 9.97 18.42
CA GLU A 780 -8.76 8.89 18.40
C GLU A 780 -8.57 8.23 17.06
N LEU A 781 -9.65 7.86 16.35
CA LEU A 781 -9.51 7.27 15.01
C LEU A 781 -8.89 8.25 13.99
N PHE A 782 -9.28 9.50 14.05
CA PHE A 782 -8.65 10.46 13.23
C PHE A 782 -7.14 10.38 13.43
N ALA A 783 -6.72 10.51 14.69
CA ALA A 783 -5.30 10.38 15.10
C ALA A 783 -4.67 9.18 14.40
N GLN A 784 -5.24 8.02 14.59
CA GLN A 784 -4.66 6.79 14.11
C GLN A 784 -4.44 6.81 12.59
N ILE A 785 -5.40 7.37 11.88
CA ILE A 785 -5.32 7.41 10.44
C ILE A 785 -4.20 8.33 10.04
N ILE A 786 -4.05 9.45 10.73
CA ILE A 786 -3.06 10.38 10.27
C ILE A 786 -1.71 10.15 10.92
N SER A 787 -1.65 9.22 11.86
CA SER A 787 -0.50 9.10 12.72
C SER A 787 0.79 8.94 11.95
N GLU A 788 0.87 7.90 11.11
CA GLU A 788 2.11 7.72 10.38
C GLU A 788 2.22 8.60 9.12
N PRO A 789 1.13 8.82 8.35
CA PRO A 789 1.23 9.80 7.29
C PRO A 789 1.81 11.15 7.74
N ALA A 790 1.53 11.58 8.95
CA ALA A 790 2.07 12.84 9.47
C ALA A 790 3.57 12.77 9.52
N PHE A 791 4.07 11.81 10.27
CA PHE A 791 5.49 11.54 10.36
C PHE A 791 6.13 11.47 8.94
N ASN A 792 5.56 10.60 8.12
CA ASN A 792 6.05 10.41 6.78
C ASN A 792 6.05 11.64 5.86
N THR A 793 4.99 12.46 5.90
CA THR A 793 4.96 13.72 5.13
C THR A 793 5.87 14.80 5.75
N LEU A 794 5.65 15.05 7.04
CA LEU A 794 6.31 16.16 7.75
C LEU A 794 7.76 15.93 8.07
N ARG A 795 8.19 14.67 8.19
CA ARG A 795 9.60 14.43 8.47
C ARG A 795 10.31 13.74 7.33
N THR A 796 9.91 12.52 7.01
CA THR A 796 10.53 11.78 5.94
C THR A 796 10.55 12.50 4.59
N LYS A 797 9.41 12.98 4.14
CA LYS A 797 9.37 13.75 2.92
C LYS A 797 9.85 15.17 3.07
N GLU A 798 9.19 15.97 3.88
CA GLU A 798 9.53 17.40 3.85
C GLU A 798 10.69 17.72 4.78
N GLN A 799 11.11 16.72 5.54
CA GLN A 799 12.31 16.80 6.35
C GLN A 799 12.32 18.10 7.09
N LEU A 800 11.33 18.25 7.96
CA LEU A 800 11.15 19.46 8.71
C LEU A 800 11.77 19.46 10.06
N GLY A 801 12.23 18.32 10.55
CA GLY A 801 12.67 18.24 11.93
C GLY A 801 12.90 16.80 12.22
N TYR A 802 13.58 16.56 13.33
CA TYR A 802 13.67 15.23 13.94
C TYR A 802 12.38 15.04 14.77
N ILE A 803 12.05 16.03 15.59
CA ILE A 803 10.85 15.97 16.34
C ILE A 803 9.67 16.37 15.46
N VAL A 804 8.76 15.41 15.29
CA VAL A 804 7.50 15.55 14.57
C VAL A 804 6.53 14.62 15.31
N PHE A 805 5.48 15.19 15.93
CA PHE A 805 4.56 14.43 16.73
C PHE A 805 3.12 14.88 16.45
N SER A 806 2.18 13.93 16.43
CA SER A 806 0.75 14.26 16.30
C SER A 806 -0.06 13.27 17.11
N GLY A 807 -1.18 13.72 17.68
CA GLY A 807 -2.03 12.79 18.41
C GLY A 807 -3.03 13.57 19.22
N PRO A 808 -3.89 12.86 19.95
CA PRO A 808 -4.83 13.45 20.93
C PRO A 808 -4.14 14.33 21.97
N ARG A 809 -4.64 15.51 22.28
CA ARG A 809 -4.32 16.15 23.57
C ARG A 809 -5.45 15.90 24.54
N ARG A 810 -5.14 15.88 25.84
CA ARG A 810 -6.22 15.73 26.85
C ARG A 810 -5.82 16.48 28.10
N ALA A 811 -6.68 17.36 28.56
CA ALA A 811 -6.42 18.01 29.84
C ALA A 811 -7.73 18.52 30.39
N ASN A 812 -7.91 18.35 31.69
CA ASN A 812 -9.06 18.93 32.38
C ASN A 812 -10.35 18.45 31.72
N GLY A 813 -10.31 17.20 31.22
CA GLY A 813 -11.48 16.56 30.59
C GLY A 813 -11.83 17.12 29.21
N ILE A 814 -11.02 18.02 28.70
CA ILE A 814 -11.20 18.49 27.37
C ILE A 814 -10.14 17.84 26.48
N GLN A 815 -10.28 18.05 25.16
CA GLN A 815 -9.44 17.36 24.19
C GLN A 815 -9.37 18.04 22.82
N GLY A 816 -8.53 17.48 21.94
CA GLY A 816 -8.15 18.16 20.70
C GLY A 816 -6.97 17.47 20.04
N LEU A 817 -6.54 18.02 18.92
CA LEU A 817 -5.53 17.38 18.11
C LEU A 817 -4.37 18.28 18.29
N ARG A 818 -3.16 17.73 18.38
CA ARG A 818 -2.00 18.60 18.36
C ARG A 818 -0.92 18.09 17.44
N PHE A 819 -0.10 19.04 17.02
CA PHE A 819 1.11 18.78 16.26
C PHE A 819 2.30 19.41 17.01
N ILE A 820 3.40 18.68 17.12
CA ILE A 820 4.56 19.29 17.70
C ILE A 820 5.75 19.04 16.81
N ILE A 821 6.39 20.14 16.40
CA ILE A 821 7.57 20.11 15.56
C ILE A 821 8.70 20.99 16.14
N GLN A 822 9.91 20.45 16.21
CA GLN A 822 11.13 21.22 16.40
C GLN A 822 11.85 21.31 15.04
N SER A 823 12.10 22.52 14.55
CA SER A 823 12.66 22.61 13.23
C SER A 823 13.59 23.78 13.10
N GLU A 824 14.39 23.70 12.04
CA GLU A 824 15.21 24.81 11.68
C GLU A 824 14.35 25.96 11.04
N LYS A 825 13.26 25.60 10.35
CA LYS A 825 12.50 26.59 9.57
C LYS A 825 11.56 27.41 10.49
N PRO A 826 11.16 28.65 10.10
CA PRO A 826 10.32 29.48 11.00
C PRO A 826 8.97 28.85 11.30
N PRO A 827 8.29 29.25 12.38
CA PRO A 827 6.94 28.73 12.59
C PRO A 827 5.91 29.15 11.54
N HIS A 828 5.86 30.41 11.09
CA HIS A 828 4.81 30.71 10.07
C HIS A 828 4.85 29.58 9.05
N TYR A 829 6.06 29.13 8.73
CA TYR A 829 6.31 28.07 7.74
C TYR A 829 5.83 26.69 8.18
N LEU A 830 6.18 26.31 9.40
CA LEU A 830 5.69 25.09 10.02
C LEU A 830 4.19 24.97 9.98
N GLU A 831 3.48 26.06 10.28
CA GLU A 831 2.02 26.08 10.28
C GLU A 831 1.42 25.64 8.95
N SER A 832 1.93 26.23 7.89
CA SER A 832 1.33 26.02 6.61
C SER A 832 1.65 24.62 6.12
N ARG A 833 2.81 24.11 6.45
CA ARG A 833 3.08 22.75 6.00
C ARG A 833 2.23 21.69 6.70
N VAL A 834 1.72 22.02 7.90
CA VAL A 834 0.77 21.17 8.60
C VAL A 834 -0.59 21.34 7.97
N GLU A 835 -0.88 22.57 7.63
CA GLU A 835 -2.18 22.88 7.10
C GLU A 835 -2.37 22.28 5.69
N ALA A 836 -1.29 22.33 4.89
CA ALA A 836 -1.22 21.58 3.65
C ALA A 836 -1.37 20.13 3.98
N PHE A 837 -0.72 19.65 5.04
CA PHE A 837 -0.82 18.24 5.37
C PHE A 837 -2.27 17.79 5.58
N LEU A 838 -3.01 18.60 6.34
CA LEU A 838 -4.34 18.25 6.80
C LEU A 838 -5.32 18.00 5.64
N ILE A 839 -5.05 18.66 4.50
CA ILE A 839 -5.80 18.48 3.23
C ILE A 839 -5.46 17.22 2.39
N THR A 840 -4.16 16.99 2.17
CA THR A 840 -3.61 15.75 1.74
C THR A 840 -4.41 14.68 2.49
N MET A 841 -4.71 14.96 3.75
CA MET A 841 -5.38 13.98 4.59
C MET A 841 -6.88 13.78 4.36
N GLU A 842 -7.67 14.87 4.29
CA GLU A 842 -9.13 14.71 4.01
C GLU A 842 -9.26 14.00 2.68
N LYS A 843 -8.45 14.50 1.74
CA LYS A 843 -8.55 14.08 0.37
C LYS A 843 -8.05 12.63 0.17
N SER A 844 -7.25 12.11 1.10
CA SER A 844 -6.81 10.71 1.02
C SER A 844 -7.65 9.77 1.89
N ILE A 845 -8.48 10.35 2.76
CA ILE A 845 -9.51 9.53 3.40
C ILE A 845 -10.64 9.26 2.39
N GLU A 846 -11.10 10.32 1.69
CA GLU A 846 -11.95 10.14 0.51
C GLU A 846 -11.46 8.98 -0.38
N ASP A 847 -10.22 9.03 -0.83
CA ASP A 847 -9.62 7.99 -1.67
C ASP A 847 -9.46 6.58 -1.11
N MET A 848 -9.47 6.38 0.20
CA MET A 848 -9.10 5.03 0.72
C MET A 848 -10.22 4.01 0.62
N THR A 849 -9.83 2.73 0.60
CA THR A 849 -10.81 1.65 0.60
C THR A 849 -11.55 1.55 1.92
N GLU A 850 -12.64 0.79 1.91
CA GLU A 850 -13.43 0.53 3.08
C GLU A 850 -12.62 -0.36 3.96
N GLU A 851 -11.94 -1.31 3.33
CA GLU A 851 -11.04 -2.18 4.05
C GLU A 851 -9.93 -1.39 4.72
N ALA A 852 -9.13 -0.65 3.97
CA ALA A 852 -8.11 0.19 4.61
C ALA A 852 -8.73 0.85 5.83
N PHE A 853 -9.94 1.37 5.67
CA PHE A 853 -10.57 2.07 6.79
C PHE A 853 -10.86 1.15 7.98
N GLN A 854 -11.30 -0.09 7.73
CA GLN A 854 -11.60 -1.06 8.79
C GLN A 854 -10.33 -1.52 9.53
N LYS A 855 -9.21 -1.57 8.80
CA LYS A 855 -7.92 -1.96 9.31
C LYS A 855 -7.49 -0.99 10.39
N HIS A 856 -7.62 0.29 10.04
CA HIS A 856 -7.39 1.36 10.97
C HIS A 856 -8.21 1.21 12.27
N ILE A 857 -9.48 0.85 12.14
CA ILE A 857 -10.30 0.64 13.30
C ILE A 857 -9.66 -0.50 14.08
N GLN A 858 -9.41 -1.59 13.38
CA GLN A 858 -8.90 -2.76 14.01
C GLN A 858 -7.59 -2.43 14.74
N ALA A 859 -6.69 -1.66 14.12
CA ALA A 859 -5.43 -1.34 14.73
C ALA A 859 -5.66 -0.57 16.06
N LEU A 860 -6.34 0.59 16.02
CA LEU A 860 -6.74 1.33 17.21
C LEU A 860 -7.38 0.43 18.23
N ALA A 861 -8.17 -0.53 17.76
CA ALA A 861 -8.82 -1.48 18.63
C ALA A 861 -7.85 -2.31 19.47
N ILE A 862 -6.89 -2.98 18.82
CA ILE A 862 -5.90 -3.80 19.53
C ILE A 862 -5.12 -2.92 20.48
N ARG A 863 -4.74 -1.74 19.99
CA ARG A 863 -3.96 -0.78 20.74
C ARG A 863 -4.63 -0.44 22.06
N ARG A 864 -5.92 -0.13 22.01
CA ARG A 864 -6.63 0.17 23.23
C ARG A 864 -6.90 -1.04 24.10
N LEU A 865 -7.05 -2.20 23.49
CA LEU A 865 -7.38 -3.41 24.27
C LEU A 865 -6.18 -4.18 24.82
N ASP A 866 -4.96 -3.74 24.49
CA ASP A 866 -3.68 -4.34 24.92
C ASP A 866 -3.64 -4.50 26.41
N LYS A 867 -3.51 -5.73 26.89
CA LYS A 867 -3.58 -6.03 28.34
C LYS A 867 -2.30 -5.61 29.06
N PRO A 868 -2.41 -4.94 30.24
CA PRO A 868 -1.27 -4.69 31.11
C PRO A 868 -0.55 -5.99 31.41
N LYS A 869 0.78 -5.90 31.35
CA LYS A 869 1.62 -7.08 31.55
C LYS A 869 2.09 -7.17 33.02
N LYS A 870 2.01 -6.06 33.73
CA LYS A 870 2.49 -5.95 35.11
C LYS A 870 1.67 -5.00 36.00
N LEU A 871 1.68 -5.30 37.30
CA LEU A 871 0.85 -4.62 38.23
C LEU A 871 0.81 -3.12 37.96
N SER A 872 1.96 -2.49 38.01
CA SER A 872 1.90 -1.02 37.96
C SER A 872 1.32 -0.42 36.66
N ALA A 873 1.29 -1.22 35.59
CA ALA A 873 0.70 -0.71 34.38
C ALA A 873 -0.82 -0.67 34.56
N GLU A 874 -1.37 -1.68 35.25
CA GLU A 874 -2.80 -1.77 35.53
C GLU A 874 -3.11 -0.69 36.59
N SER A 875 -2.25 -0.58 37.60
CA SER A 875 -2.43 0.47 38.57
C SER A 875 -2.51 1.79 37.88
N ALA A 876 -1.66 1.99 36.88
CA ALA A 876 -1.64 3.24 36.14
C ALA A 876 -3.02 3.58 35.52
N LYS A 877 -3.61 2.62 34.79
CA LYS A 877 -4.86 2.84 34.12
C LYS A 877 -5.90 3.30 35.10
N TYR A 878 -6.02 2.59 36.20
CA TYR A 878 -6.98 2.90 37.25
C TYR A 878 -6.70 4.27 37.81
N TRP A 879 -5.44 4.55 38.07
CA TRP A 879 -5.12 5.78 38.67
C TRP A 879 -5.49 6.91 37.71
N GLY A 880 -5.48 6.61 36.42
CA GLY A 880 -5.79 7.57 35.36
C GLY A 880 -7.25 7.92 35.47
N GLU A 881 -8.06 6.87 35.66
CA GLU A 881 -9.50 6.99 35.86
C GLU A 881 -9.86 7.76 37.13
N ILE A 882 -8.97 7.80 38.09
CA ILE A 882 -9.29 8.38 39.36
C ILE A 882 -8.87 9.83 39.47
N ILE A 883 -7.76 10.20 38.87
CA ILE A 883 -7.34 11.57 39.04
C ILE A 883 -8.18 12.40 38.08
N SER A 884 -8.57 11.83 36.94
CA SER A 884 -9.41 12.56 35.99
C SER A 884 -10.88 12.61 36.52
N GLN A 885 -11.08 11.99 37.69
CA GLN A 885 -12.40 11.78 38.28
C GLN A 885 -13.47 11.37 37.28
N GLN A 886 -13.17 10.40 36.45
CA GLN A 886 -14.15 9.82 35.55
C GLN A 886 -14.53 8.41 35.97
N TYR A 887 -13.62 7.75 36.69
CA TYR A 887 -13.88 6.46 37.24
C TYR A 887 -14.51 5.46 36.26
N ASN A 888 -14.08 5.51 35.00
CA ASN A 888 -14.67 4.65 33.96
C ASN A 888 -13.80 3.41 33.71
N PHE A 889 -13.74 2.56 34.72
CA PHE A 889 -12.78 1.45 34.76
C PHE A 889 -12.94 0.41 33.68
N ASP A 890 -13.96 0.53 32.85
CA ASP A 890 -14.16 -0.50 31.88
C ASP A 890 -14.38 0.22 30.52
N ARG A 891 -13.88 1.45 30.54
CA ARG A 891 -13.89 2.32 29.41
C ARG A 891 -13.42 1.61 28.19
N ASP A 892 -12.36 0.81 28.32
CA ASP A 892 -11.74 0.15 27.14
C ASP A 892 -12.71 -0.75 26.30
N ASN A 893 -13.49 -1.61 26.94
CA ASN A 893 -14.53 -2.31 26.20
C ASN A 893 -15.61 -1.41 25.63
N THR A 894 -16.11 -0.52 26.48
CA THR A 894 -17.09 0.45 26.10
C THR A 894 -16.64 1.30 24.92
N GLU A 895 -15.52 1.99 25.05
CA GLU A 895 -15.03 2.85 23.96
C GLU A 895 -14.73 2.06 22.65
N VAL A 896 -14.23 0.83 22.82
CA VAL A 896 -13.89 0.00 21.68
C VAL A 896 -15.18 -0.45 21.02
N ALA A 897 -16.17 -0.83 21.84
CA ALA A 897 -17.44 -1.34 21.31
C ALA A 897 -18.02 -0.30 20.38
N TYR A 898 -18.10 0.91 20.89
CA TYR A 898 -18.60 2.02 20.11
C TYR A 898 -17.82 2.32 18.84
N LEU A 899 -16.51 2.30 18.95
CA LEU A 899 -15.61 2.61 17.83
C LEU A 899 -15.87 1.73 16.59
N LYS A 900 -16.18 0.45 16.81
CA LYS A 900 -16.36 -0.54 15.74
C LYS A 900 -17.48 -0.11 14.82
N THR A 901 -18.23 0.89 15.29
CA THR A 901 -19.46 1.37 14.70
C THR A 901 -19.25 2.42 13.64
N LEU A 902 -18.05 2.97 13.53
CA LEU A 902 -17.92 4.22 12.79
C LEU A 902 -17.67 3.99 11.32
N THR A 903 -17.96 5.00 10.48
CA THR A 903 -17.76 4.86 9.03
C THR A 903 -17.00 6.00 8.38
N LYS A 904 -16.38 5.69 7.24
CA LYS A 904 -15.75 6.73 6.46
C LYS A 904 -16.50 8.05 6.50
N GLU A 905 -17.84 8.06 6.43
CA GLU A 905 -18.61 9.33 6.48
C GLU A 905 -18.59 10.01 7.87
N ASP A 906 -18.91 9.24 8.93
CA ASP A 906 -18.76 9.76 10.31
C ASP A 906 -17.46 10.57 10.47
N ILE A 907 -16.37 10.05 9.93
CA ILE A 907 -15.08 10.68 10.14
C ILE A 907 -14.93 11.96 9.34
N ILE A 908 -15.24 11.89 8.05
CA ILE A 908 -15.30 13.08 7.20
C ILE A 908 -16.14 14.25 7.84
N LYS A 909 -17.34 13.96 8.36
CA LYS A 909 -18.18 15.04 8.86
C LYS A 909 -17.54 15.66 10.07
N PHE A 910 -17.00 14.81 10.95
CA PHE A 910 -16.29 15.26 12.14
C PHE A 910 -15.16 16.20 11.73
N TYR A 911 -14.32 15.75 10.79
CA TYR A 911 -13.22 16.54 10.28
C TYR A 911 -13.65 17.88 9.71
N LYS A 912 -14.79 17.84 9.00
CA LYS A 912 -15.35 19.01 8.35
C LYS A 912 -16.02 19.97 9.34
N GLU A 913 -16.51 19.42 10.44
CA GLU A 913 -17.13 20.29 11.43
C GLU A 913 -16.09 21.00 12.32
N MET A 914 -15.07 20.25 12.77
CA MET A 914 -14.12 20.69 13.82
C MET A 914 -12.73 21.08 13.35
N LEU A 915 -12.26 20.45 12.26
CA LEU A 915 -10.87 20.59 11.83
C LEU A 915 -10.59 21.34 10.54
N ALA A 916 -11.23 21.05 9.41
CA ALA A 916 -10.82 21.67 8.12
C ALA A 916 -10.68 23.16 8.23
N VAL A 917 -9.77 23.73 7.43
CA VAL A 917 -9.54 25.22 7.43
C VAL A 917 -10.77 26.20 7.57
N ASP A 918 -11.90 25.79 7.00
CA ASP A 918 -13.11 26.59 6.95
C ASP A 918 -14.23 25.82 7.67
N ALA A 919 -13.80 24.95 8.58
CA ALA A 919 -14.71 24.34 9.53
C ALA A 919 -15.39 25.43 10.40
N PRO A 920 -16.72 25.32 10.57
CA PRO A 920 -17.56 26.12 11.47
C PRO A 920 -17.14 26.11 12.94
N ARG A 921 -16.43 25.06 13.36
CA ARG A 921 -16.05 24.91 14.77
C ARG A 921 -14.57 24.61 14.97
N ARG A 922 -13.75 25.23 14.13
CA ARG A 922 -12.32 25.14 14.26
C ARG A 922 -11.91 26.05 15.40
N HIS A 923 -11.17 25.49 16.36
CA HIS A 923 -10.63 26.24 17.50
C HIS A 923 -9.12 26.04 17.57
N LYS A 924 -8.37 26.87 16.89
CA LYS A 924 -6.96 26.67 16.74
C LYS A 924 -6.14 27.60 17.65
N VAL A 925 -5.27 27.03 18.47
CA VAL A 925 -4.22 27.81 19.12
C VAL A 925 -2.87 27.24 18.77
N SER A 926 -1.96 28.19 18.55
CA SER A 926 -0.61 27.91 18.15
C SER A 926 0.32 28.67 19.05
N VAL A 927 1.25 27.91 19.67
CA VAL A 927 2.43 28.44 20.32
C VAL A 927 3.56 28.46 19.32
N HIS A 928 4.16 29.64 19.11
CA HIS A 928 5.38 29.80 18.29
C HIS A 928 6.61 30.10 19.15
N VAL A 929 7.51 29.14 19.31
CA VAL A 929 8.78 29.38 19.99
C VAL A 929 9.88 29.61 18.94
N LEU A 930 10.37 30.86 18.83
CA LEU A 930 11.42 31.20 17.86
C LEU A 930 12.83 30.85 18.35
N ALA A 931 13.71 30.56 17.38
CA ALA A 931 15.11 30.21 17.61
C ALA A 931 15.92 31.35 18.23
N ARG A 932 17.09 31.02 18.76
CA ARG A 932 18.04 32.01 19.22
C ARG A 932 18.15 33.16 18.21
N GLU A 933 18.36 32.83 16.93
CA GLU A 933 18.79 33.84 15.97
C GLU A 933 17.72 34.61 15.16
N MET A 934 16.48 34.13 15.07
CA MET A 934 15.41 34.76 14.23
C MET A 934 14.97 36.13 14.72
N ASP A 935 13.96 36.75 14.08
CA ASP A 935 13.36 37.98 14.69
C ASP A 935 11.82 38.27 14.46
N SER A 936 11.14 37.44 13.64
CA SER A 936 9.74 37.69 13.15
C SER A 936 9.61 39.08 12.51
N ASN A 950 8.79 18.26 -4.98
CA ASN A 950 7.92 19.43 -4.98
C ASN A 950 6.58 19.18 -4.26
N LEU A 951 6.24 20.13 -3.39
CA LEU A 951 5.34 19.97 -2.26
C LEU A 951 3.91 20.39 -2.55
N SER A 952 3.01 19.90 -1.70
CA SER A 952 1.58 20.14 -1.86
C SER A 952 1.20 21.59 -1.63
N GLN A 953 -0.09 21.80 -1.68
CA GLN A 953 -0.72 23.09 -1.64
C GLN A 953 -1.07 23.46 -0.19
N ALA A 954 -0.61 24.64 0.26
CA ALA A 954 -0.98 25.24 1.57
C ALA A 954 -2.18 26.17 1.42
N PRO A 955 -3.26 25.95 2.18
CA PRO A 955 -4.44 26.79 2.08
C PRO A 955 -4.20 28.18 2.69
N ALA A 956 -4.75 29.25 2.10
CA ALA A 956 -4.54 30.60 2.63
C ALA A 956 -5.23 30.73 3.99
N LEU A 957 -4.48 31.26 4.97
CA LEU A 957 -4.92 31.25 6.38
C LEU A 957 -5.36 32.63 6.89
N PRO A 958 -6.40 32.68 7.76
CA PRO A 958 -6.76 33.97 8.34
C PRO A 958 -5.68 34.48 9.24
N GLN A 959 -5.57 35.82 9.32
CA GLN A 959 -4.75 36.50 10.29
C GLN A 959 -5.18 36.11 11.71
N PRO A 960 -4.21 35.64 12.51
CA PRO A 960 -4.44 35.15 13.88
C PRO A 960 -4.56 36.33 14.79
N GLU A 961 -5.06 36.14 16.00
CA GLU A 961 -5.04 37.19 17.00
C GLU A 961 -3.85 36.94 17.91
N VAL A 962 -2.84 37.79 17.85
CA VAL A 962 -1.64 37.55 18.63
C VAL A 962 -1.87 37.70 20.14
N ILE A 963 -1.62 36.65 20.93
CA ILE A 963 -1.80 36.76 22.37
C ILE A 963 -0.72 37.64 23.06
N GLN A 964 -1.17 38.79 23.54
CA GLN A 964 -0.30 39.79 24.10
C GLN A 964 0.06 39.38 25.52
N ASN A 965 -0.95 38.92 26.25
CA ASN A 965 -0.92 38.86 27.70
C ASN A 965 -1.77 37.69 28.19
N MET A 966 -1.16 36.75 28.90
CA MET A 966 -1.84 35.51 29.27
C MET A 966 -3.11 35.73 30.07
N THR A 967 -3.01 36.43 31.19
CA THR A 967 -4.16 36.77 32.04
C THR A 967 -5.31 37.37 31.21
N GLU A 968 -5.00 38.40 30.41
CA GLU A 968 -6.02 39.09 29.66
C GLU A 968 -6.79 38.16 28.74
N PHE A 969 -6.06 37.33 28.00
CA PHE A 969 -6.64 36.41 27.07
C PHE A 969 -7.61 35.47 27.81
N LYS A 970 -7.20 34.97 28.98
CA LYS A 970 -8.07 34.09 29.78
C LYS A 970 -9.26 34.79 30.40
N ARG A 971 -9.07 36.03 30.87
CA ARG A 971 -10.17 36.84 31.35
C ARG A 971 -11.22 36.97 30.27
N GLY A 972 -10.80 36.98 29.02
CA GLY A 972 -11.71 37.21 27.91
C GLY A 972 -12.45 36.00 27.36
N LEU A 973 -12.38 34.85 28.00
CA LEU A 973 -12.99 33.63 27.43
C LEU A 973 -13.80 32.74 28.39
N PRO A 974 -14.76 31.98 27.84
CA PRO A 974 -15.48 31.08 28.74
C PRO A 974 -14.56 29.97 29.27
N LEU A 975 -14.90 29.38 30.41
CA LEU A 975 -14.27 28.13 30.78
C LEU A 975 -15.27 27.03 30.54
N PHE A 976 -14.80 25.87 30.08
CA PHE A 976 -15.64 24.65 29.88
C PHE A 976 -16.20 24.09 31.16
N PRO A 977 -17.20 23.22 31.06
CA PRO A 977 -17.50 22.54 32.33
C PRO A 977 -16.41 21.55 32.63
N LEU A 978 -16.46 20.97 33.82
CA LEU A 978 -15.73 19.75 34.17
C LEU A 978 -16.57 18.61 33.64
N VAL A 979 -15.91 17.51 33.26
CA VAL A 979 -16.63 16.28 32.94
C VAL A 979 -17.39 15.69 34.19
N LYS A 980 -18.40 14.85 33.92
CA LYS A 980 -19.19 14.23 34.98
C LYS A 980 -18.62 12.83 35.32
N PRO A 981 -18.59 12.45 36.61
CA PRO A 981 -18.18 11.09 37.06
C PRO A 981 -19.07 9.92 36.56
N HIS A 982 -18.89 8.74 37.14
CA HIS A 982 -19.48 7.45 36.68
C HIS A 982 -20.05 6.58 37.83
N ILE A 983 -21.17 5.90 37.57
N ASN B 15 -37.68 10.97 0.11
CA ASN B 15 -38.47 10.27 -0.94
C ASN B 15 -38.73 8.82 -0.49
N PRO B 16 -40.01 8.35 -0.55
CA PRO B 16 -40.23 6.99 -0.05
C PRO B 16 -40.08 5.91 -1.15
N ALA B 17 -39.66 6.35 -2.34
CA ALA B 17 -39.31 5.47 -3.48
C ALA B 17 -37.84 4.99 -3.49
N ILE B 18 -36.98 5.70 -2.76
CA ILE B 18 -35.58 5.31 -2.58
C ILE B 18 -35.39 4.71 -1.21
N LYS B 19 -34.95 3.46 -1.13
CA LYS B 19 -34.74 2.84 0.17
C LYS B 19 -33.56 3.53 0.84
N ARG B 20 -32.38 3.47 0.21
CA ARG B 20 -31.15 4.09 0.74
C ARG B 20 -30.33 4.88 -0.30
N ILE B 21 -29.68 5.97 0.13
CA ILE B 21 -28.70 6.68 -0.70
C ILE B 21 -27.31 6.36 -0.18
N GLY B 22 -26.39 6.17 -1.12
CA GLY B 22 -25.04 5.65 -0.86
C GLY B 22 -23.97 6.70 -0.66
N ASN B 23 -23.02 6.33 0.18
CA ASN B 23 -22.24 7.27 0.96
C ASN B 23 -21.23 8.33 0.44
N HIS B 24 -20.18 7.84 -0.18
CA HIS B 24 -19.39 8.40 -1.25
C HIS B 24 -18.93 7.12 -1.91
N ILE B 25 -18.80 7.20 -3.22
CA ILE B 25 -18.26 6.10 -3.98
C ILE B 25 -16.78 6.37 -4.21
N THR B 26 -15.95 5.49 -3.63
CA THR B 26 -14.49 5.57 -3.70
C THR B 26 -14.19 5.52 -5.19
N LYS B 27 -13.48 6.54 -5.68
CA LYS B 27 -13.08 6.63 -7.07
C LYS B 27 -11.59 6.97 -7.21
N SER B 28 -11.10 6.99 -8.45
CA SER B 28 -9.72 7.31 -8.71
C SER B 28 -9.55 8.74 -8.33
N PRO B 29 -8.46 9.06 -7.61
CA PRO B 29 -8.22 10.49 -7.28
C PRO B 29 -8.24 11.39 -8.54
N GLU B 30 -7.99 10.78 -9.71
CA GLU B 30 -7.85 11.46 -11.00
C GLU B 30 -9.15 11.52 -11.84
N ASP B 31 -10.19 10.83 -11.36
CA ASP B 31 -11.52 10.78 -11.99
C ASP B 31 -12.33 12.07 -11.74
N LYS B 32 -12.57 12.80 -12.83
CA LYS B 32 -13.43 13.99 -12.82
C LYS B 32 -14.95 13.77 -12.67
N ARG B 33 -15.46 12.63 -13.13
CA ARG B 33 -16.87 12.26 -12.94
C ARG B 33 -17.31 12.19 -11.47
N GLU B 34 -18.60 12.48 -11.24
CA GLU B 34 -19.21 12.39 -9.91
C GLU B 34 -20.16 11.20 -9.87
N TYR B 35 -20.29 10.61 -8.70
CA TYR B 35 -21.00 9.36 -8.57
C TYR B 35 -21.90 9.33 -7.35
N ARG B 36 -23.16 8.90 -7.52
CA ARG B 36 -24.05 8.57 -6.39
C ARG B 36 -24.63 7.16 -6.50
N GLY B 37 -24.53 6.43 -5.41
CA GLY B 37 -25.13 5.09 -5.33
C GLY B 37 -26.52 5.16 -4.74
N LEU B 38 -27.38 4.20 -5.06
CA LEU B 38 -28.67 4.09 -4.37
C LEU B 38 -29.40 2.76 -4.57
N GLU B 39 -30.26 2.43 -3.61
CA GLU B 39 -31.09 1.25 -3.64
C GLU B 39 -32.53 1.71 -3.64
N LEU B 40 -33.23 1.38 -4.71
CA LEU B 40 -34.62 1.77 -4.81
C LEU B 40 -35.50 0.93 -3.87
N ALA B 41 -36.70 1.47 -3.56
CA ALA B 41 -37.67 0.82 -2.66
C ALA B 41 -38.08 -0.55 -3.21
N ASN B 42 -38.09 -0.70 -4.54
CA ASN B 42 -38.29 -2.02 -5.17
C ASN B 42 -37.08 -2.99 -5.18
N GLY B 43 -35.93 -2.60 -4.62
CA GLY B 43 -34.75 -3.49 -4.57
C GLY B 43 -33.70 -3.31 -5.66
N ILE B 44 -34.02 -2.53 -6.69
CA ILE B 44 -33.07 -2.21 -7.76
C ILE B 44 -31.88 -1.46 -7.21
N LYS B 45 -30.69 -2.06 -7.31
CA LYS B 45 -29.38 -1.44 -7.03
C LYS B 45 -28.99 -0.55 -8.23
N VAL B 46 -28.66 0.73 -7.96
CA VAL B 46 -28.41 1.77 -9.00
C VAL B 46 -27.11 2.52 -8.78
N LEU B 47 -26.45 2.90 -9.88
CA LEU B 47 -25.30 3.84 -9.86
C LEU B 47 -25.50 4.99 -10.85
N LEU B 48 -25.36 6.20 -10.34
CA LEU B 48 -25.49 7.38 -11.15
C LEU B 48 -24.13 7.97 -11.34
N ILE B 49 -23.84 8.33 -12.58
CA ILE B 49 -22.56 8.91 -12.99
C ILE B 49 -22.87 10.22 -13.66
N SER B 50 -22.38 11.31 -13.07
CA SER B 50 -22.54 12.61 -13.68
C SER B 50 -21.22 13.07 -14.29
N ASP B 51 -21.27 13.43 -15.57
CA ASP B 51 -20.11 13.94 -16.25
C ASP B 51 -20.59 15.07 -17.16
N PRO B 52 -20.53 16.29 -16.64
CA PRO B 52 -20.97 17.49 -17.35
C PRO B 52 -20.31 17.71 -18.73
N THR B 53 -19.27 16.97 -19.07
CA THR B 53 -18.59 17.18 -20.36
C THR B 53 -18.91 16.13 -21.47
N THR B 54 -19.40 14.94 -21.09
CA THR B 54 -19.57 13.83 -22.06
C THR B 54 -20.42 14.08 -23.30
N ASP B 55 -19.99 13.55 -24.44
CA ASP B 55 -20.74 13.75 -25.70
C ASP B 55 -21.92 12.78 -25.88
N LYS B 56 -21.79 11.62 -25.25
CA LYS B 56 -22.80 10.56 -25.30
C LYS B 56 -23.14 10.23 -23.86
N SER B 57 -24.43 10.18 -23.56
CA SER B 57 -24.86 9.72 -22.23
C SER B 57 -25.16 8.23 -22.39
N SER B 58 -25.44 7.51 -21.31
CA SER B 58 -25.61 6.06 -21.46
C SER B 58 -26.23 5.34 -20.25
N ALA B 59 -26.81 4.18 -20.54
CA ALA B 59 -27.39 3.35 -19.52
C ALA B 59 -27.27 1.88 -19.84
N ALA B 60 -27.24 1.11 -18.79
CA ALA B 60 -27.28 -0.33 -18.88
C ALA B 60 -28.05 -0.84 -17.65
N LEU B 61 -28.66 -2.00 -17.82
CA LEU B 61 -29.30 -2.71 -16.73
C LEU B 61 -28.93 -4.18 -16.83
N ASP B 62 -28.58 -4.75 -15.69
CA ASP B 62 -28.21 -6.11 -15.62
C ASP B 62 -29.16 -6.82 -14.69
N VAL B 63 -29.81 -7.89 -15.20
CA VAL B 63 -30.60 -8.88 -14.43
C VAL B 63 -29.87 -10.17 -14.11
N HIS B 64 -29.89 -10.55 -12.85
CA HIS B 64 -29.08 -11.67 -12.38
C HIS B 64 -29.64 -13.06 -12.68
N ILE B 65 -30.23 -13.14 -13.87
CA ILE B 65 -30.72 -14.38 -14.40
C ILE B 65 -30.18 -14.51 -15.81
N GLY B 66 -29.87 -15.75 -16.20
CA GLY B 66 -29.34 -16.03 -17.52
C GLY B 66 -29.72 -17.41 -17.92
N SER B 67 -28.97 -17.99 -18.84
CA SER B 67 -29.41 -19.24 -19.45
C SER B 67 -29.29 -20.47 -18.53
N LEU B 68 -28.48 -20.34 -17.50
CA LEU B 68 -28.40 -21.37 -16.48
C LEU B 68 -29.80 -21.69 -15.81
N SER B 69 -30.80 -20.89 -16.18
CA SER B 69 -32.16 -20.89 -15.67
C SER B 69 -33.16 -21.17 -16.77
N ASP B 70 -32.66 -21.51 -17.97
CA ASP B 70 -33.55 -21.88 -19.03
C ASP B 70 -34.39 -23.08 -18.54
N PRO B 71 -35.69 -23.17 -18.90
CA PRO B 71 -36.36 -24.45 -18.62
C PRO B 71 -35.73 -25.54 -19.47
N PRO B 72 -35.52 -26.73 -18.89
CA PRO B 72 -34.76 -27.83 -19.46
C PRO B 72 -35.39 -28.33 -20.73
N ASN B 73 -36.68 -28.07 -20.89
CA ASN B 73 -37.39 -28.53 -22.04
C ASN B 73 -37.33 -27.51 -23.14
N ILE B 74 -36.78 -26.32 -22.86
CA ILE B 74 -36.66 -25.29 -23.90
C ILE B 74 -35.29 -24.59 -23.93
N ALA B 75 -34.24 -25.33 -24.26
CA ALA B 75 -32.89 -24.80 -24.30
C ALA B 75 -32.89 -23.51 -25.14
N GLY B 76 -32.41 -22.39 -24.59
CA GLY B 76 -32.21 -21.16 -25.36
C GLY B 76 -33.10 -20.00 -24.97
N LEU B 77 -34.12 -20.30 -24.17
CA LEU B 77 -35.14 -19.34 -23.85
C LEU B 77 -34.66 -17.95 -23.45
N SER B 78 -33.72 -17.87 -22.51
CA SER B 78 -33.28 -16.55 -22.05
C SER B 78 -32.47 -15.70 -23.07
N HIS B 79 -31.69 -16.34 -23.94
CA HIS B 79 -31.05 -15.62 -25.06
C HIS B 79 -32.19 -15.11 -25.95
N PHE B 80 -33.16 -15.98 -26.15
CA PHE B 80 -34.24 -15.61 -27.02
C PHE B 80 -34.97 -14.41 -26.47
N LEU B 81 -35.26 -14.42 -25.18
CA LEU B 81 -36.05 -13.37 -24.59
C LEU B 81 -35.29 -12.05 -24.80
N GLN B 82 -33.98 -12.11 -24.56
CA GLN B 82 -33.07 -11.01 -24.87
C GLN B 82 -33.23 -10.45 -26.30
N HIS B 83 -33.19 -11.30 -27.34
CA HIS B 83 -33.47 -10.83 -28.69
C HIS B 83 -34.84 -10.17 -28.69
N MET B 84 -35.79 -10.82 -28.06
CA MET B 84 -37.16 -10.37 -28.17
C MET B 84 -37.39 -9.00 -27.60
N LEU B 85 -36.88 -8.72 -26.42
CA LEU B 85 -37.18 -7.43 -25.82
C LEU B 85 -36.99 -6.19 -26.72
N PHE B 86 -36.19 -6.31 -27.77
CA PHE B 86 -35.90 -5.14 -28.58
C PHE B 86 -37.06 -4.73 -29.48
N LEU B 87 -38.02 -5.67 -29.62
CA LEU B 87 -38.91 -5.68 -30.76
C LEU B 87 -40.27 -5.09 -30.46
N GLY B 88 -40.35 -4.26 -29.41
CA GLY B 88 -41.53 -3.42 -29.21
C GLY B 88 -42.15 -3.62 -27.87
N THR B 89 -42.67 -2.54 -27.30
CA THR B 89 -43.31 -2.63 -26.00
C THR B 89 -44.69 -2.02 -26.05
N LYS B 90 -45.29 -1.81 -24.88
CA LYS B 90 -46.59 -1.18 -24.79
C LYS B 90 -46.55 0.32 -25.21
N LYS B 91 -45.87 1.15 -24.42
CA LYS B 91 -45.76 2.56 -24.75
C LYS B 91 -45.38 2.69 -26.20
N TYR B 92 -44.43 1.87 -26.64
CA TYR B 92 -43.83 2.03 -27.96
C TYR B 92 -43.95 0.72 -28.71
N PRO B 93 -45.12 0.49 -29.29
CA PRO B 93 -45.40 -0.79 -29.95
C PRO B 93 -44.76 -0.91 -31.32
N LYS B 94 -44.26 0.20 -31.85
CA LYS B 94 -43.63 0.17 -33.16
C LYS B 94 -42.39 -0.71 -33.06
N GLU B 95 -42.38 -1.80 -33.82
CA GLU B 95 -41.39 -2.87 -33.66
C GLU B 95 -39.94 -2.41 -33.53
N ASN B 96 -39.54 -1.54 -34.44
CA ASN B 96 -38.19 -1.02 -34.46
C ASN B 96 -38.07 0.43 -33.96
N GLU B 97 -39.00 0.86 -33.09
CA GLU B 97 -38.96 2.22 -32.57
C GLU B 97 -37.64 2.48 -31.87
N TYR B 98 -37.20 1.48 -31.11
CA TYR B 98 -35.98 1.58 -30.32
C TYR B 98 -34.76 1.78 -31.21
N SER B 99 -34.37 0.75 -31.99
CA SER B 99 -33.19 0.89 -32.85
C SER B 99 -33.20 2.18 -33.72
N GLN B 100 -34.30 2.46 -34.43
CA GLN B 100 -34.53 3.75 -35.09
C GLN B 100 -34.28 5.05 -34.24
N PHE B 101 -34.81 5.09 -33.03
CA PHE B 101 -34.60 6.26 -32.20
C PHE B 101 -33.11 6.54 -31.98
N LEU B 102 -32.35 5.52 -31.58
CA LEU B 102 -30.94 5.67 -31.31
C LEU B 102 -30.20 6.06 -32.60
N SER B 103 -30.62 5.48 -33.72
CA SER B 103 -30.07 5.80 -35.02
C SER B 103 -30.19 7.30 -35.37
N GLU B 104 -31.29 7.93 -34.98
CA GLU B 104 -31.51 9.34 -35.32
C GLU B 104 -30.98 10.34 -34.28
N HIS B 105 -30.44 9.82 -33.18
CA HIS B 105 -29.85 10.69 -32.16
C HIS B 105 -28.42 10.21 -31.84
N ALA B 106 -27.87 9.45 -32.76
CA ALA B 106 -26.46 9.08 -32.69
C ALA B 106 -26.09 8.03 -31.62
N GLY B 107 -27.05 7.26 -31.18
CA GLY B 107 -26.74 6.18 -30.31
C GLY B 107 -26.59 4.86 -31.04
N SER B 108 -26.20 3.87 -30.27
CA SER B 108 -26.24 2.51 -30.69
C SER B 108 -26.61 1.69 -29.44
N SER B 109 -26.92 0.41 -29.62
CA SER B 109 -27.29 -0.42 -28.51
C SER B 109 -27.09 -1.88 -28.77
N ASN B 110 -27.05 -2.62 -27.67
CA ASN B 110 -26.79 -4.04 -27.66
C ASN B 110 -27.01 -4.72 -26.32
N ALA B 111 -26.95 -6.05 -26.34
CA ALA B 111 -27.03 -6.81 -25.11
C ALA B 111 -26.28 -8.15 -25.19
N PHE B 112 -26.11 -8.80 -24.06
CA PHE B 112 -25.60 -10.16 -24.00
C PHE B 112 -26.27 -11.03 -22.88
N THR B 113 -26.26 -12.35 -23.09
CA THR B 113 -26.73 -13.32 -22.13
C THR B 113 -25.65 -14.39 -21.77
N SER B 114 -25.42 -14.56 -20.47
CA SER B 114 -24.45 -15.50 -19.95
C SER B 114 -25.17 -16.36 -18.93
N GLY B 115 -24.42 -17.29 -18.33
CA GLY B 115 -24.97 -18.27 -17.37
C GLY B 115 -25.87 -17.66 -16.29
N GLU B 116 -25.54 -16.46 -15.84
CA GLU B 116 -26.21 -15.95 -14.64
C GLU B 116 -26.66 -14.56 -14.80
N HIS B 117 -26.61 -14.04 -16.01
CA HIS B 117 -26.73 -12.63 -16.25
C HIS B 117 -27.24 -12.32 -17.64
N THR B 118 -28.11 -11.30 -17.68
CA THR B 118 -28.53 -10.74 -18.92
C THR B 118 -28.39 -9.26 -18.79
N ASN B 119 -27.65 -8.75 -19.75
CA ASN B 119 -27.09 -7.41 -19.64
C ASN B 119 -27.55 -6.64 -20.86
N TYR B 120 -28.15 -5.49 -20.61
CA TYR B 120 -28.70 -4.67 -21.68
C TYR B 120 -28.13 -3.27 -21.60
N TYR B 121 -27.80 -2.68 -22.76
CA TYR B 121 -27.13 -1.38 -22.74
C TYR B 121 -27.21 -0.55 -24.03
N PHE B 122 -27.09 0.77 -23.87
CA PHE B 122 -27.11 1.72 -24.97
C PHE B 122 -26.40 3.02 -24.61
N ASP B 123 -26.04 3.76 -25.66
CA ASP B 123 -25.60 5.16 -25.56
C ASP B 123 -26.31 6.02 -26.63
N VAL B 124 -26.33 7.33 -26.41
CA VAL B 124 -27.05 8.27 -27.25
C VAL B 124 -26.27 9.59 -27.15
N SER B 125 -26.66 10.57 -27.98
CA SER B 125 -26.38 12.00 -27.80
C SER B 125 -26.80 12.26 -26.38
N HIS B 126 -25.95 12.93 -25.61
CA HIS B 126 -26.24 13.40 -24.24
C HIS B 126 -27.48 14.32 -24.07
N GLU B 127 -27.99 14.81 -25.20
CA GLU B 127 -29.14 15.70 -25.28
C GLU B 127 -30.44 14.91 -25.09
N HIS B 128 -30.43 13.68 -25.61
CA HIS B 128 -31.63 12.83 -25.73
C HIS B 128 -31.70 11.67 -24.73
N LEU B 129 -30.99 11.80 -23.61
CA LEU B 129 -31.00 10.76 -22.57
C LEU B 129 -32.43 10.33 -22.17
N GLU B 130 -33.23 11.25 -21.58
CA GLU B 130 -34.61 10.90 -21.12
C GLU B 130 -35.46 10.15 -22.15
N GLY B 131 -35.37 10.60 -23.42
CA GLY B 131 -36.01 9.98 -24.56
C GLY B 131 -35.67 8.51 -24.59
N ALA B 132 -34.38 8.24 -24.79
CA ALA B 132 -33.90 6.89 -24.98
C ALA B 132 -34.14 6.04 -23.75
N LEU B 133 -33.90 6.60 -22.58
CA LEU B 133 -34.02 5.81 -21.36
C LEU B 133 -35.44 5.28 -21.14
N ASP B 134 -36.43 6.16 -21.25
CA ASP B 134 -37.82 5.77 -21.20
C ASP B 134 -38.09 4.64 -22.21
N ARG B 135 -37.89 4.89 -23.49
CA ARG B 135 -38.01 3.80 -24.49
C ARG B 135 -37.48 2.48 -23.95
N PHE B 136 -36.30 2.54 -23.34
CA PHE B 136 -35.56 1.40 -22.82
C PHE B 136 -36.18 0.79 -21.54
N ALA B 137 -36.64 1.62 -20.60
CA ALA B 137 -37.22 1.15 -19.33
C ALA B 137 -38.44 0.26 -19.59
N GLN B 138 -39.23 0.61 -20.60
CA GLN B 138 -40.28 -0.24 -21.15
C GLN B 138 -39.99 -1.73 -21.23
N PHE B 139 -38.76 -2.09 -21.58
CA PHE B 139 -38.39 -3.49 -21.85
C PHE B 139 -38.59 -4.38 -20.64
N PHE B 140 -38.58 -3.73 -19.48
CA PHE B 140 -38.66 -4.45 -18.22
C PHE B 140 -40.00 -4.26 -17.57
N LEU B 141 -40.90 -3.58 -18.29
CA LEU B 141 -42.24 -3.35 -17.84
C LEU B 141 -43.18 -4.23 -18.65
N SER B 142 -43.30 -4.02 -19.97
CA SER B 142 -44.34 -4.68 -20.78
C SER B 142 -44.06 -4.84 -22.31
N PRO B 143 -43.15 -5.76 -22.60
CA PRO B 143 -42.74 -6.02 -23.98
C PRO B 143 -43.85 -6.74 -24.72
N LEU B 144 -43.98 -6.49 -26.01
CA LEU B 144 -45.05 -7.18 -26.71
C LEU B 144 -44.86 -8.68 -26.75
N PHE B 145 -43.66 -9.13 -27.07
CA PHE B 145 -43.48 -10.50 -27.58
C PHE B 145 -44.49 -10.80 -28.67
N ASP B 146 -44.66 -9.89 -29.63
CA ASP B 146 -45.43 -10.18 -30.88
C ASP B 146 -45.25 -11.61 -31.49
N GLU B 147 -46.37 -12.22 -31.92
CA GLU B 147 -46.39 -13.56 -32.55
C GLU B 147 -45.57 -13.60 -33.84
N SER B 148 -45.81 -12.59 -34.68
CA SER B 148 -45.09 -12.37 -35.92
C SER B 148 -43.55 -12.15 -35.74
N ALA B 149 -43.15 -11.37 -34.74
CA ALA B 149 -41.73 -11.16 -34.42
C ALA B 149 -41.04 -12.41 -33.85
N LYS B 150 -41.78 -13.22 -33.12
CA LYS B 150 -41.28 -14.47 -32.60
C LYS B 150 -40.93 -15.41 -33.76
N ASP B 151 -41.81 -15.42 -34.76
CA ASP B 151 -41.62 -16.35 -35.85
C ASP B 151 -40.44 -15.94 -36.72
N ARG B 152 -40.12 -14.64 -36.68
CA ARG B 152 -39.05 -14.07 -37.47
C ARG B 152 -37.71 -14.11 -36.76
N GLU B 153 -37.71 -13.59 -35.53
CA GLU B 153 -36.49 -13.44 -34.77
C GLU B 153 -35.96 -14.79 -34.29
N VAL B 154 -36.79 -15.83 -34.34
CA VAL B 154 -36.28 -17.20 -34.08
C VAL B 154 -35.13 -17.58 -35.03
N ASN B 155 -35.16 -17.02 -36.24
CA ASN B 155 -34.18 -17.28 -37.29
C ASN B 155 -32.83 -16.60 -37.10
N ALA B 156 -32.84 -15.41 -36.50
CA ALA B 156 -31.62 -14.66 -36.14
C ALA B 156 -30.83 -15.45 -35.12
N VAL B 157 -31.51 -15.92 -34.08
CA VAL B 157 -30.92 -16.86 -33.10
C VAL B 157 -30.41 -18.13 -33.81
N ASP B 158 -31.20 -18.68 -34.70
CA ASP B 158 -30.74 -19.83 -35.40
C ASP B 158 -29.45 -19.55 -36.24
N SER B 159 -29.35 -18.37 -36.86
CA SER B 159 -28.07 -17.94 -37.45
C SER B 159 -26.97 -17.76 -36.42
N GLU B 160 -27.24 -17.00 -35.32
CA GLU B 160 -26.27 -16.73 -34.21
C GLU B 160 -25.64 -18.14 -33.98
N HIS B 161 -26.45 -19.18 -33.74
CA HIS B 161 -25.91 -20.53 -33.51
C HIS B 161 -25.28 -21.20 -34.69
N GLU B 162 -25.86 -21.03 -35.86
CA GLU B 162 -25.30 -21.63 -37.06
C GLU B 162 -23.86 -21.23 -37.17
N LYS B 163 -23.56 -19.94 -37.04
CA LYS B 163 -22.24 -19.46 -37.33
C LYS B 163 -21.19 -20.04 -36.38
N ASN B 164 -21.63 -20.46 -35.20
CA ASN B 164 -20.73 -20.84 -34.11
C ASN B 164 -20.45 -22.30 -34.11
N VAL B 165 -21.22 -23.04 -34.91
CA VAL B 165 -21.22 -24.51 -34.94
C VAL B 165 -19.84 -24.94 -35.36
N MET B 166 -19.34 -24.22 -36.35
CA MET B 166 -18.07 -24.60 -36.97
C MET B 166 -16.81 -23.90 -36.36
N ASN B 167 -17.02 -23.14 -35.28
CA ASN B 167 -15.99 -22.53 -34.46
C ASN B 167 -15.44 -23.44 -33.35
N ASP B 168 -14.14 -23.65 -33.38
CA ASP B 168 -13.50 -24.48 -32.40
C ASP B 168 -13.61 -24.07 -30.94
N ALA B 169 -13.77 -22.77 -30.65
CA ALA B 169 -13.89 -22.29 -29.24
C ALA B 169 -15.24 -22.70 -28.62
N TRP B 170 -16.31 -22.45 -29.38
CA TRP B 170 -17.64 -22.85 -28.99
C TRP B 170 -17.77 -24.38 -28.85
N ARG B 171 -17.36 -25.11 -29.89
CA ARG B 171 -17.40 -26.54 -29.80
C ARG B 171 -16.83 -27.02 -28.49
N LEU B 172 -15.65 -26.53 -28.14
CA LEU B 172 -15.03 -26.81 -26.82
C LEU B 172 -15.86 -26.30 -25.64
N PHE B 173 -16.37 -25.09 -25.83
CA PHE B 173 -17.12 -24.44 -24.78
C PHE B 173 -18.21 -25.36 -24.31
N GLN B 174 -18.86 -26.04 -25.26
CA GLN B 174 -20.05 -26.85 -24.98
C GLN B 174 -19.70 -28.28 -24.76
N LEU B 175 -18.55 -28.71 -25.29
CA LEU B 175 -18.06 -30.06 -24.99
C LEU B 175 -17.62 -30.22 -23.52
N GLU B 176 -17.18 -29.14 -22.88
CA GLU B 176 -16.96 -29.20 -21.44
C GLU B 176 -18.31 -29.41 -20.72
N LYS B 177 -19.35 -28.68 -21.11
CA LYS B 177 -20.63 -28.82 -20.45
C LYS B 177 -21.18 -30.24 -20.55
N ALA B 178 -20.95 -30.85 -21.70
CA ALA B 178 -21.48 -32.18 -22.02
C ALA B 178 -20.74 -33.32 -21.35
N THR B 179 -19.57 -33.08 -20.75
CA THR B 179 -18.83 -34.18 -20.13
C THR B 179 -18.85 -34.09 -18.62
N GLY B 180 -19.47 -33.05 -18.09
CA GLY B 180 -19.82 -33.02 -16.69
C GLY B 180 -21.16 -33.69 -16.50
N ASN B 181 -21.75 -33.48 -15.31
CA ASN B 181 -23.00 -34.09 -14.90
C ASN B 181 -24.20 -33.66 -15.79
N PRO B 182 -24.88 -34.64 -16.46
CA PRO B 182 -25.99 -34.14 -17.29
C PRO B 182 -27.18 -33.61 -16.42
N LYS B 183 -27.32 -34.11 -15.20
CA LYS B 183 -28.31 -33.58 -14.27
C LYS B 183 -28.07 -32.10 -13.89
N HIS B 184 -26.83 -31.62 -14.00
CA HIS B 184 -26.46 -30.24 -13.69
C HIS B 184 -26.86 -29.19 -14.75
N PRO B 185 -27.36 -28.03 -14.32
CA PRO B 185 -27.69 -26.99 -15.30
C PRO B 185 -26.46 -26.48 -16.04
N PHE B 186 -25.28 -26.85 -15.57
CA PHE B 186 -24.10 -26.56 -16.35
C PHE B 186 -24.23 -27.17 -17.78
N SER B 187 -24.79 -28.37 -17.88
CA SER B 187 -24.82 -29.04 -19.15
C SER B 187 -25.75 -28.42 -20.18
N LYS B 188 -26.61 -27.48 -19.74
CA LYS B 188 -27.61 -26.88 -20.63
C LYS B 188 -27.00 -26.26 -21.90
N PHE B 189 -27.68 -26.41 -23.04
CA PHE B 189 -27.35 -25.63 -24.26
C PHE B 189 -27.89 -24.13 -24.20
N GLY B 190 -27.00 -23.16 -24.05
CA GLY B 190 -27.44 -21.78 -23.84
C GLY B 190 -27.98 -21.01 -25.04
N THR B 191 -27.48 -21.30 -26.24
CA THR B 191 -27.78 -20.44 -27.38
C THR B 191 -29.19 -20.66 -27.92
N GLY B 192 -29.56 -21.93 -28.04
CA GLY B 192 -30.78 -22.32 -28.70
C GLY B 192 -30.63 -22.21 -30.20
N ASN B 193 -31.49 -22.94 -30.89
CA ASN B 193 -31.68 -22.84 -32.33
C ASN B 193 -33.15 -23.07 -32.67
N LYS B 194 -33.51 -22.78 -33.91
CA LYS B 194 -34.83 -23.07 -34.48
C LYS B 194 -35.41 -24.36 -33.92
N TYR B 195 -34.55 -25.34 -33.74
CA TYR B 195 -35.07 -26.61 -33.29
C TYR B 195 -35.57 -26.53 -31.85
N THR B 196 -34.76 -26.02 -30.92
CA THR B 196 -35.13 -26.08 -29.49
C THR B 196 -36.20 -25.06 -29.14
N LEU B 197 -36.37 -24.08 -30.02
CA LEU B 197 -37.17 -22.87 -29.80
C LEU B 197 -38.41 -22.75 -30.70
N GLU B 198 -38.50 -23.61 -31.70
CA GLU B 198 -39.69 -23.62 -32.53
C GLU B 198 -40.18 -25.07 -32.71
N THR B 199 -39.32 -25.93 -33.24
CA THR B 199 -39.74 -27.19 -33.78
C THR B 199 -40.02 -28.16 -32.66
N ARG B 200 -39.06 -28.40 -31.78
CA ARG B 200 -39.32 -29.26 -30.63
C ARG B 200 -40.51 -28.82 -29.79
N PRO B 201 -40.65 -27.51 -29.50
CA PRO B 201 -41.81 -27.08 -28.72
C PRO B 201 -43.17 -27.37 -29.37
N ASN B 202 -43.29 -27.12 -30.68
CA ASN B 202 -44.56 -27.31 -31.35
C ASN B 202 -44.87 -28.75 -31.46
N GLN B 203 -43.86 -29.57 -31.64
CA GLN B 203 -44.08 -30.98 -31.63
C GLN B 203 -44.68 -31.36 -30.28
N GLU B 204 -44.18 -30.74 -29.21
CA GLU B 204 -44.53 -31.07 -27.83
C GLU B 204 -45.71 -30.21 -27.34
N GLY B 205 -46.26 -29.38 -28.21
CA GLY B 205 -47.44 -28.59 -27.87
C GLY B 205 -47.18 -27.50 -26.84
N ILE B 206 -45.95 -26.99 -26.81
CA ILE B 206 -45.68 -25.83 -25.97
C ILE B 206 -46.02 -24.55 -26.72
N ASP B 207 -46.51 -23.55 -25.97
CA ASP B 207 -46.75 -22.24 -26.53
C ASP B 207 -45.61 -21.29 -26.22
N VAL B 208 -44.78 -21.03 -27.22
CA VAL B 208 -43.57 -20.30 -26.91
C VAL B 208 -43.78 -18.89 -26.33
N ARG B 209 -44.71 -18.14 -26.90
CA ARG B 209 -45.01 -16.82 -26.35
C ARG B 209 -45.45 -16.83 -24.83
N GLN B 210 -46.19 -17.87 -24.42
CA GLN B 210 -46.51 -18.08 -22.99
C GLN B 210 -45.19 -18.08 -22.26
N GLU B 211 -44.39 -19.07 -22.61
CA GLU B 211 -43.14 -19.30 -21.96
C GLU B 211 -42.22 -18.06 -21.87
N LEU B 212 -42.15 -17.24 -22.92
CA LEU B 212 -41.47 -15.95 -22.77
C LEU B 212 -42.12 -15.01 -21.72
N LEU B 213 -43.45 -14.88 -21.76
CA LEU B 213 -44.10 -14.09 -20.71
C LEU B 213 -43.92 -14.74 -19.34
N LYS B 214 -43.87 -16.06 -19.32
CA LYS B 214 -43.78 -16.76 -18.06
C LYS B 214 -42.41 -16.57 -17.45
N PHE B 215 -41.41 -16.63 -18.32
CA PHE B 215 -40.05 -16.58 -17.87
C PHE B 215 -39.83 -15.15 -17.47
N HIS B 216 -40.22 -14.24 -18.34
CA HIS B 216 -40.02 -12.84 -18.05
C HIS B 216 -40.73 -12.48 -16.77
N SER B 217 -41.94 -12.99 -16.58
CA SER B 217 -42.71 -12.56 -15.46
C SER B 217 -42.19 -13.17 -14.20
N ALA B 218 -41.70 -14.41 -14.30
CA ALA B 218 -41.15 -15.13 -13.15
C ALA B 218 -39.74 -14.68 -12.66
N TYR B 219 -38.98 -13.96 -13.51
CA TYR B 219 -37.54 -13.80 -13.24
C TYR B 219 -37.03 -12.37 -13.42
N TYR B 220 -37.74 -11.61 -14.22
CA TYR B 220 -37.33 -10.25 -14.45
C TYR B 220 -37.90 -9.35 -13.33
N SER B 221 -37.37 -9.54 -12.13
CA SER B 221 -37.89 -8.87 -10.96
C SER B 221 -36.94 -7.77 -10.50
N SER B 222 -37.45 -6.66 -10.00
CA SER B 222 -36.55 -5.61 -9.50
C SER B 222 -35.49 -6.14 -8.51
N ASN B 223 -35.88 -6.95 -7.51
CA ASN B 223 -34.89 -7.41 -6.52
C ASN B 223 -33.62 -7.94 -7.20
N LEU B 224 -33.75 -8.48 -8.41
CA LEU B 224 -32.58 -9.00 -9.13
C LEU B 224 -32.02 -8.04 -10.17
N MET B 225 -32.32 -6.78 -10.08
CA MET B 225 -31.81 -5.91 -11.11
C MET B 225 -30.85 -4.88 -10.60
N ALA B 226 -29.94 -4.49 -11.49
CA ALA B 226 -29.05 -3.36 -11.24
C ALA B 226 -29.08 -2.44 -12.44
N VAL B 227 -28.91 -1.13 -12.20
CA VAL B 227 -29.02 -0.14 -13.27
C VAL B 227 -27.91 0.85 -13.15
N VAL B 228 -27.28 1.15 -14.29
CA VAL B 228 -26.30 2.21 -14.36
C VAL B 228 -26.66 3.25 -15.42
N VAL B 229 -26.54 4.51 -15.01
CA VAL B 229 -26.85 5.65 -15.86
C VAL B 229 -25.80 6.76 -15.74
N LEU B 230 -25.46 7.33 -16.89
CA LEU B 230 -24.37 8.30 -17.03
C LEU B 230 -24.83 9.44 -17.91
N GLY B 231 -24.83 10.65 -17.36
CA GLY B 231 -25.22 11.80 -18.13
C GLY B 231 -24.52 13.08 -17.76
N ARG B 232 -24.74 14.10 -18.58
CA ARG B 232 -24.35 15.46 -18.25
C ARG B 232 -25.10 16.07 -17.05
N GLU B 233 -26.33 15.63 -16.80
CA GLU B 233 -27.19 16.17 -15.74
C GLU B 233 -26.58 16.04 -14.37
N SER B 234 -27.01 16.90 -13.43
CA SER B 234 -26.51 16.81 -12.05
C SER B 234 -26.91 15.46 -11.44
N LEU B 235 -26.26 15.07 -10.35
CA LEU B 235 -26.62 13.85 -9.65
C LEU B 235 -28.11 13.90 -9.22
N ASP B 236 -28.53 15.03 -8.64
CA ASP B 236 -29.95 15.19 -8.22
C ASP B 236 -30.94 14.97 -9.36
N ASP B 237 -30.68 15.55 -10.53
CA ASP B 237 -31.52 15.24 -11.67
C ASP B 237 -31.52 13.79 -12.12
N LEU B 238 -30.33 13.24 -12.39
CA LEU B 238 -30.23 11.83 -12.69
C LEU B 238 -30.97 10.95 -11.66
N THR B 239 -31.13 11.45 -10.42
CA THR B 239 -31.87 10.66 -9.42
C THR B 239 -33.36 10.62 -9.77
N ASN B 240 -33.95 11.79 -10.00
CA ASN B 240 -35.39 11.88 -10.23
C ASN B 240 -35.78 11.13 -11.47
N LEU B 241 -35.03 11.39 -12.55
CA LEU B 241 -35.05 10.64 -13.80
C LEU B 241 -35.12 9.12 -13.62
N VAL B 242 -34.24 8.55 -12.79
CA VAL B 242 -34.29 7.09 -12.51
C VAL B 242 -35.57 6.65 -11.81
N VAL B 243 -35.85 7.30 -10.67
CA VAL B 243 -37.04 7.09 -9.85
C VAL B 243 -38.31 7.17 -10.72
N LYS B 244 -38.51 8.32 -11.36
CA LYS B 244 -39.55 8.47 -12.36
C LYS B 244 -39.69 7.19 -13.17
N LEU B 245 -38.59 6.73 -13.77
CA LEU B 245 -38.68 5.68 -14.78
C LEU B 245 -38.59 4.22 -14.31
N PHE B 246 -38.27 3.95 -13.04
CA PHE B 246 -37.96 2.57 -12.61
C PHE B 246 -38.58 2.06 -11.33
N SER B 247 -39.14 2.97 -10.52
CA SER B 247 -39.76 2.67 -9.18
C SER B 247 -40.84 1.63 -9.26
N GLU B 248 -41.58 1.70 -10.35
CA GLU B 248 -42.69 0.79 -10.57
C GLU B 248 -42.26 -0.36 -11.48
N VAL B 249 -41.03 -0.87 -11.33
CA VAL B 249 -40.72 -2.19 -11.89
C VAL B 249 -41.12 -3.16 -10.81
N GLU B 250 -41.78 -4.24 -11.19
CA GLU B 250 -42.41 -5.13 -10.19
C GLU B 250 -41.40 -5.92 -9.33
N ASN B 251 -41.62 -5.97 -8.01
CA ASN B 251 -40.75 -6.80 -7.17
C ASN B 251 -41.31 -8.19 -6.81
N LYS B 252 -40.96 -9.19 -7.61
CA LYS B 252 -41.48 -10.54 -7.43
C LYS B 252 -40.72 -11.29 -6.35
N ASN B 253 -39.70 -10.66 -5.77
CA ASN B 253 -38.89 -11.28 -4.74
C ASN B 253 -38.34 -12.62 -5.12
N VAL B 254 -37.64 -12.67 -6.24
CA VAL B 254 -37.11 -13.95 -6.67
C VAL B 254 -35.88 -14.29 -5.80
N PRO B 255 -35.83 -15.53 -5.30
CA PRO B 255 -34.60 -16.03 -4.75
C PRO B 255 -33.47 -16.17 -5.83
N LEU B 256 -32.24 -15.82 -5.44
CA LEU B 256 -31.08 -15.80 -6.32
C LEU B 256 -30.54 -17.21 -6.46
N PRO B 257 -30.45 -17.72 -7.69
CA PRO B 257 -30.07 -19.13 -7.95
C PRO B 257 -28.68 -19.53 -7.40
N GLU B 258 -28.56 -20.65 -6.69
CA GLU B 258 -27.22 -21.06 -6.23
C GLU B 258 -26.91 -22.35 -6.96
N PHE B 259 -25.65 -22.61 -7.28
CA PHE B 259 -25.29 -23.90 -7.82
C PHE B 259 -24.18 -24.51 -6.97
N PRO B 260 -24.48 -24.84 -5.68
CA PRO B 260 -23.43 -25.22 -4.69
C PRO B 260 -22.72 -26.53 -4.99
N GLU B 261 -23.18 -27.27 -5.98
CA GLU B 261 -22.63 -28.57 -6.25
C GLU B 261 -21.88 -28.51 -7.56
N HIS B 262 -20.63 -28.95 -7.55
CA HIS B 262 -19.77 -28.78 -8.70
C HIS B 262 -20.20 -29.67 -9.84
N PRO B 263 -20.37 -29.11 -11.04
CA PRO B 263 -20.76 -29.91 -12.19
C PRO B 263 -19.79 -31.06 -12.40
N PHE B 264 -18.62 -30.96 -11.81
CA PHE B 264 -17.66 -32.05 -11.89
C PHE B 264 -17.51 -32.82 -10.58
N GLN B 265 -17.91 -34.09 -10.59
CA GLN B 265 -17.83 -34.93 -9.42
C GLN B 265 -16.83 -36.08 -9.62
N GLU B 266 -16.68 -36.96 -8.62
CA GLU B 266 -15.68 -38.04 -8.65
C GLU B 266 -15.53 -38.75 -9.99
N GLU B 267 -16.63 -39.26 -10.50
CA GLU B 267 -16.66 -39.88 -11.83
C GLU B 267 -16.28 -38.91 -12.95
N HIS B 268 -16.33 -37.62 -12.69
CA HIS B 268 -15.96 -36.62 -13.68
C HIS B 268 -14.49 -36.20 -13.57
N LEU B 269 -13.72 -36.92 -12.77
CA LEU B 269 -12.32 -36.60 -12.54
C LEU B 269 -11.44 -37.75 -13.02
N LYS B 270 -10.15 -37.44 -13.23
CA LYS B 270 -9.15 -38.35 -13.82
C LYS B 270 -9.51 -38.73 -15.24
N GLN B 271 -10.29 -37.90 -15.91
CA GLN B 271 -10.73 -38.22 -17.24
C GLN B 271 -9.82 -37.54 -18.26
N LEU B 272 -9.77 -38.15 -19.44
CA LEU B 272 -8.97 -37.66 -20.56
C LEU B 272 -9.80 -37.52 -21.83
N TYR B 273 -9.63 -36.43 -22.56
CA TYR B 273 -10.48 -36.22 -23.75
C TYR B 273 -9.65 -35.99 -25.00
N LYS B 274 -9.94 -36.74 -26.04
CA LYS B 274 -9.23 -36.59 -27.27
C LYS B 274 -10.24 -36.09 -28.26
N ILE B 275 -9.92 -34.99 -28.93
CA ILE B 275 -10.93 -34.24 -29.64
C ILE B 275 -10.45 -33.84 -31.01
N VAL B 276 -11.29 -34.00 -32.02
CA VAL B 276 -10.93 -33.55 -33.35
C VAL B 276 -11.31 -32.06 -33.48
N PRO B 277 -10.32 -31.18 -33.78
CA PRO B 277 -10.69 -29.80 -34.06
C PRO B 277 -11.25 -29.69 -35.46
N ILE B 278 -11.73 -28.49 -35.82
CA ILE B 278 -12.10 -28.18 -37.23
C ILE B 278 -10.81 -27.75 -37.97
N LYS B 279 -10.33 -26.55 -37.61
CA LYS B 279 -8.96 -26.06 -37.81
C LYS B 279 -7.83 -27.05 -37.43
N ASP B 280 -6.66 -26.83 -38.04
CA ASP B 280 -5.48 -27.60 -37.69
C ASP B 280 -4.81 -26.90 -36.51
N ILE B 281 -5.19 -27.33 -35.31
CA ILE B 281 -4.60 -26.80 -34.09
C ILE B 281 -4.36 -27.94 -33.11
N ARG B 282 -3.31 -27.81 -32.30
CA ARG B 282 -3.02 -28.75 -31.19
C ARG B 282 -3.00 -28.04 -29.84
N ASN B 283 -3.93 -28.34 -28.95
CA ASN B 283 -3.94 -27.78 -27.62
C ASN B 283 -4.08 -28.83 -26.56
N LEU B 284 -3.60 -28.50 -25.37
CA LEU B 284 -3.83 -29.24 -24.17
C LEU B 284 -4.53 -28.35 -23.12
N TYR B 285 -5.66 -28.84 -22.60
CA TYR B 285 -6.47 -28.16 -21.61
C TYR B 285 -6.45 -28.99 -20.38
N VAL B 286 -5.98 -28.40 -19.31
CA VAL B 286 -5.91 -29.08 -18.03
C VAL B 286 -6.76 -28.20 -17.15
N THR B 287 -7.59 -28.88 -16.36
CA THR B 287 -8.65 -28.20 -15.65
C THR B 287 -8.93 -28.89 -14.29
N PHE B 288 -8.97 -28.11 -13.21
CA PHE B 288 -9.23 -28.57 -11.87
C PHE B 288 -10.48 -27.88 -11.45
N PRO B 289 -11.49 -28.61 -10.93
CA PRO B 289 -12.64 -27.99 -10.30
C PRO B 289 -12.25 -27.36 -9.00
N ILE B 290 -12.87 -26.25 -8.65
CA ILE B 290 -12.64 -25.59 -7.36
C ILE B 290 -13.96 -24.98 -6.84
N PRO B 291 -14.09 -24.76 -5.52
CA PRO B 291 -15.20 -23.99 -4.93
C PRO B 291 -15.32 -22.55 -5.44
N ASP B 292 -16.49 -21.95 -5.32
CA ASP B 292 -16.62 -20.54 -5.66
C ASP B 292 -15.61 -19.67 -4.84
N LEU B 293 -14.97 -18.69 -5.49
CA LEU B 293 -13.99 -17.84 -4.79
C LEU B 293 -14.34 -16.37 -4.83
N GLN B 294 -15.48 -16.05 -5.40
CA GLN B 294 -16.01 -14.71 -5.33
C GLN B 294 -15.77 -14.06 -3.95
N LYS B 295 -16.13 -14.75 -2.88
CA LYS B 295 -16.18 -14.12 -1.55
C LYS B 295 -14.81 -13.75 -1.01
N TYR B 296 -13.79 -14.35 -1.59
CA TYR B 296 -12.44 -14.08 -1.15
C TYR B 296 -11.84 -12.96 -1.91
N TYR B 297 -12.67 -12.15 -2.54
CA TYR B 297 -12.18 -11.24 -3.55
C TYR B 297 -11.09 -10.28 -3.00
N LYS B 298 -11.19 -9.92 -1.71
CA LYS B 298 -10.25 -8.94 -1.11
C LYS B 298 -8.85 -9.49 -1.03
N SER B 299 -8.72 -10.78 -0.73
CA SER B 299 -7.41 -11.45 -0.70
C SER B 299 -7.00 -11.96 -2.10
N ASN B 300 -8.02 -12.34 -2.88
CA ASN B 300 -7.96 -12.93 -4.21
C ASN B 300 -7.00 -14.08 -4.50
N PRO B 301 -7.03 -15.13 -3.68
CA PRO B 301 -6.07 -16.19 -3.93
C PRO B 301 -5.83 -16.73 -5.36
N GLY B 302 -6.86 -17.01 -6.15
CA GLY B 302 -6.67 -17.51 -7.53
C GLY B 302 -5.93 -16.53 -8.44
N HIS B 303 -6.13 -15.23 -8.23
CA HIS B 303 -5.38 -14.23 -8.96
C HIS B 303 -3.92 -14.44 -8.67
N TYR B 304 -3.59 -14.77 -7.42
CA TYR B 304 -2.18 -14.90 -7.01
C TYR B 304 -1.56 -16.14 -7.63
N LEU B 305 -2.35 -17.20 -7.70
CA LEU B 305 -1.84 -18.44 -8.30
C LEU B 305 -1.86 -18.39 -9.80
N GLY B 306 -2.74 -17.61 -10.37
CA GLY B 306 -2.76 -17.46 -11.80
C GLY B 306 -1.49 -16.72 -12.13
N HIS B 307 -1.16 -15.70 -11.35
CA HIS B 307 -0.03 -14.83 -11.67
C HIS B 307 1.26 -15.59 -11.79
N LEU B 308 1.42 -16.58 -10.93
CA LEU B 308 2.62 -17.36 -10.86
C LEU B 308 2.61 -18.50 -11.90
N ILE B 309 1.53 -19.26 -11.91
CA ILE B 309 1.39 -20.30 -12.91
C ILE B 309 1.41 -19.71 -14.35
N GLY B 310 0.85 -18.52 -14.53
CA GLY B 310 0.75 -17.97 -15.84
C GLY B 310 2.00 -17.28 -16.25
N HIS B 311 2.88 -17.07 -15.30
CA HIS B 311 4.03 -16.18 -15.53
C HIS B 311 4.91 -16.63 -16.73
N GLU B 312 5.50 -15.65 -17.43
CA GLU B 312 6.22 -15.93 -18.66
C GLU B 312 7.68 -15.59 -18.61
N GLY B 313 8.14 -15.05 -17.48
CA GLY B 313 9.53 -14.66 -17.29
C GLY B 313 10.50 -15.83 -17.09
N PRO B 314 11.79 -15.51 -16.87
CA PRO B 314 12.75 -16.59 -16.63
C PRO B 314 12.33 -17.46 -15.42
N GLY B 315 12.41 -18.78 -15.56
CA GLY B 315 12.25 -19.69 -14.43
C GLY B 315 10.82 -20.13 -14.26
N SER B 316 9.96 -19.59 -15.14
CA SER B 316 8.52 -19.91 -15.13
C SER B 316 8.29 -21.18 -15.92
N LEU B 317 7.11 -21.76 -15.71
CA LEU B 317 6.77 -23.04 -16.29
C LEU B 317 6.69 -22.94 -17.82
N LEU B 318 6.11 -21.86 -18.33
CA LEU B 318 6.15 -21.68 -19.78
C LEU B 318 7.58 -21.82 -20.25
N SER B 319 8.46 -21.07 -19.62
CA SER B 319 9.85 -21.04 -20.01
C SER B 319 10.49 -22.36 -20.17
N GLU B 320 10.30 -23.26 -19.22
CA GLU B 320 10.87 -24.58 -19.39
C GLU B 320 10.25 -25.32 -20.58
N LEU B 321 8.92 -25.44 -20.60
CA LEU B 321 8.21 -26.10 -21.68
C LEU B 321 8.52 -25.55 -23.08
N LYS B 322 8.84 -24.27 -23.13
CA LYS B 322 9.21 -23.63 -24.37
C LYS B 322 10.64 -24.00 -24.78
N SER B 323 11.59 -23.92 -23.86
CA SER B 323 12.94 -24.43 -24.08
C SER B 323 12.92 -25.86 -24.52
N LYS B 324 12.14 -26.68 -23.84
CA LYS B 324 12.09 -28.10 -24.05
C LYS B 324 11.47 -28.41 -25.41
N GLY B 325 10.95 -27.39 -26.10
CA GLY B 325 10.51 -27.51 -27.49
C GLY B 325 9.05 -27.94 -27.60
N TRP B 326 8.35 -27.97 -26.46
CA TRP B 326 6.98 -28.48 -26.36
C TRP B 326 5.77 -27.53 -26.61
N VAL B 327 5.84 -26.26 -26.16
CA VAL B 327 4.70 -25.33 -26.29
C VAL B 327 5.14 -23.93 -26.57
N ASN B 328 4.32 -23.19 -27.31
CA ASN B 328 4.54 -21.77 -27.61
C ASN B 328 3.91 -20.80 -26.60
N THR B 329 2.73 -21.16 -26.11
CA THR B 329 1.96 -20.24 -25.29
C THR B 329 1.29 -21.05 -24.18
N LEU B 330 1.00 -20.36 -23.09
CA LEU B 330 0.36 -20.95 -21.93
C LEU B 330 -0.57 -19.90 -21.28
N VAL B 331 -1.75 -20.34 -20.80
CA VAL B 331 -2.52 -19.52 -19.89
C VAL B 331 -2.98 -20.34 -18.67
N GLY B 332 -3.04 -19.67 -17.52
CA GLY B 332 -3.39 -20.34 -16.27
C GLY B 332 -4.21 -19.44 -15.37
N GLY B 333 -4.81 -19.98 -14.32
CA GLY B 333 -5.57 -19.12 -13.41
C GLY B 333 -7.02 -19.53 -13.26
N GLN B 334 -7.74 -18.79 -12.42
CA GLN B 334 -9.13 -19.13 -12.13
C GLN B 334 -10.02 -18.75 -13.28
N LYS B 335 -10.90 -19.68 -13.63
CA LYS B 335 -11.92 -19.50 -14.66
C LYS B 335 -13.30 -19.55 -13.95
N GLU B 336 -14.14 -18.58 -14.28
CA GLU B 336 -15.44 -18.43 -13.67
C GLU B 336 -16.50 -19.44 -14.05
N GLY B 337 -17.39 -19.77 -13.10
CA GLY B 337 -18.45 -20.75 -13.36
C GLY B 337 -19.83 -20.20 -13.08
N ALA B 338 -20.21 -20.25 -11.81
CA ALA B 338 -21.44 -19.61 -11.33
C ALA B 338 -21.34 -19.59 -9.81
N ARG B 339 -22.35 -19.01 -9.13
CA ARG B 339 -22.39 -18.99 -7.67
C ARG B 339 -22.27 -20.38 -7.09
N GLY B 340 -21.19 -20.65 -6.40
CA GLY B 340 -21.01 -21.96 -5.82
C GLY B 340 -19.98 -22.84 -6.47
N PHE B 341 -19.57 -22.53 -7.71
CA PHE B 341 -18.49 -23.28 -8.38
C PHE B 341 -17.72 -22.49 -9.42
N MET B 342 -16.44 -22.85 -9.52
CA MET B 342 -15.42 -22.24 -10.34
C MET B 342 -14.40 -23.29 -10.79
N PHE B 343 -13.49 -22.80 -11.62
CA PHE B 343 -12.49 -23.64 -12.28
C PHE B 343 -11.11 -23.09 -12.14
N PHE B 344 -10.14 -23.97 -12.00
CA PHE B 344 -8.78 -23.57 -12.24
C PHE B 344 -8.25 -24.23 -13.49
N ILE B 345 -7.56 -23.43 -14.30
CA ILE B 345 -7.04 -23.96 -15.58
C ILE B 345 -5.60 -23.69 -16.00
N ILE B 346 -5.08 -24.62 -16.78
CA ILE B 346 -3.77 -24.45 -17.41
C ILE B 346 -3.87 -25.00 -18.78
N ASN B 347 -3.77 -24.10 -19.75
CA ASN B 347 -3.91 -24.49 -21.17
C ASN B 347 -2.69 -24.04 -21.94
N VAL B 348 -2.07 -24.99 -22.62
CA VAL B 348 -0.92 -24.69 -23.48
C VAL B 348 -1.32 -24.95 -24.94
N ASP B 349 -0.65 -24.34 -25.92
CA ASP B 349 -0.76 -24.91 -27.27
C ASP B 349 0.33 -26.00 -27.44
N LEU B 350 0.45 -26.64 -28.57
CA LEU B 350 1.42 -27.73 -28.65
C LEU B 350 2.14 -27.73 -30.00
N THR B 351 3.45 -27.99 -29.94
CA THR B 351 4.24 -28.27 -31.14
C THR B 351 4.01 -29.71 -31.45
N GLU B 352 4.44 -30.15 -32.64
CA GLU B 352 4.38 -31.60 -33.06
C GLU B 352 5.05 -32.52 -32.04
N GLU B 353 6.24 -32.11 -31.66
CA GLU B 353 6.97 -32.76 -30.63
C GLU B 353 6.14 -32.81 -29.32
N GLY B 354 5.50 -31.71 -28.91
CA GLY B 354 4.91 -31.60 -27.59
C GLY B 354 3.63 -32.39 -27.52
N LEU B 355 3.04 -32.58 -28.69
CA LEU B 355 1.92 -33.47 -28.82
C LEU B 355 2.35 -34.91 -28.48
N LEU B 356 3.62 -35.23 -28.68
CA LEU B 356 4.12 -36.55 -28.28
C LEU B 356 4.55 -36.61 -26.85
N HIS B 357 4.62 -35.46 -26.18
CA HIS B 357 5.15 -35.47 -24.83
C HIS B 357 4.19 -35.02 -23.75
N VAL B 358 2.90 -35.34 -23.93
CA VAL B 358 1.87 -34.82 -23.04
C VAL B 358 1.91 -35.33 -21.59
N GLU B 359 2.35 -36.57 -21.39
CA GLU B 359 2.56 -37.06 -20.02
C GLU B 359 3.52 -36.09 -19.37
N ASP B 360 4.68 -35.93 -20.01
CA ASP B 360 5.77 -35.09 -19.50
C ASP B 360 5.38 -33.62 -19.27
N ILE B 361 4.71 -32.99 -20.24
CA ILE B 361 4.28 -31.61 -20.05
C ILE B 361 3.53 -31.50 -18.74
N ILE B 362 2.56 -32.39 -18.52
CA ILE B 362 1.76 -32.36 -17.30
C ILE B 362 2.62 -32.55 -16.03
N LEU B 363 3.50 -33.54 -16.06
CA LEU B 363 4.43 -33.71 -14.98
C LEU B 363 5.09 -32.39 -14.64
N HIS B 364 5.56 -31.69 -15.67
CA HIS B 364 6.17 -30.38 -15.48
C HIS B 364 5.19 -29.35 -14.92
N MET B 365 3.92 -29.46 -15.20
CA MET B 365 2.96 -28.66 -14.49
C MET B 365 2.93 -29.00 -12.99
N PHE B 366 2.87 -30.28 -12.66
CA PHE B 366 2.77 -30.62 -11.28
C PHE B 366 4.07 -30.35 -10.50
N GLN B 367 5.20 -30.44 -11.17
CA GLN B 367 6.44 -30.10 -10.53
C GLN B 367 6.48 -28.64 -10.23
N TYR B 368 5.90 -27.80 -11.09
CA TYR B 368 5.89 -26.38 -10.77
C TYR B 368 4.99 -26.17 -9.61
N ILE B 369 3.80 -26.74 -9.64
CA ILE B 369 2.88 -26.61 -8.53
C ILE B 369 3.57 -27.03 -7.25
N GLN B 370 4.36 -28.11 -7.35
CA GLN B 370 5.06 -28.67 -6.21
C GLN B 370 6.06 -27.66 -5.61
N LYS B 371 6.90 -27.06 -6.46
CA LYS B 371 7.75 -25.96 -6.02
C LYS B 371 6.96 -24.94 -5.19
N LEU B 372 5.80 -24.54 -5.68
CA LEU B 372 5.03 -23.50 -5.00
C LEU B 372 4.63 -23.95 -3.62
N ARG B 373 4.23 -25.22 -3.52
CA ARG B 373 3.77 -25.78 -2.25
C ARG B 373 4.88 -25.74 -1.21
N ALA B 374 6.07 -26.21 -1.60
CA ALA B 374 7.21 -26.29 -0.69
C ALA B 374 8.02 -24.97 -0.48
N GLU B 375 7.49 -23.83 -0.94
CA GLU B 375 8.06 -22.50 -0.74
C GLU B 375 6.98 -21.62 -0.10
N GLY B 376 5.79 -22.19 0.09
CA GLY B 376 4.69 -21.49 0.73
C GLY B 376 4.14 -20.35 -0.13
N PRO B 377 3.41 -19.41 0.51
CA PRO B 377 3.00 -18.16 -0.07
C PRO B 377 4.12 -17.17 -0.06
N GLN B 378 4.07 -16.14 -0.90
CA GLN B 378 5.09 -15.11 -0.91
C GLN B 378 4.46 -13.75 -0.80
N GLU B 379 4.60 -13.10 0.37
CA GLU B 379 3.99 -11.78 0.59
C GLU B 379 4.50 -10.67 -0.32
N TRP B 380 5.77 -10.75 -0.70
CA TRP B 380 6.34 -9.71 -1.50
C TRP B 380 5.65 -9.66 -2.85
N VAL B 381 5.39 -10.85 -3.39
CA VAL B 381 4.67 -11.01 -4.67
C VAL B 381 3.27 -10.41 -4.61
N PHE B 382 2.49 -10.84 -3.62
CA PHE B 382 1.19 -10.30 -3.39
C PHE B 382 1.25 -8.76 -3.25
N GLN B 383 2.19 -8.27 -2.45
CA GLN B 383 2.46 -6.82 -2.36
C GLN B 383 2.73 -6.19 -3.73
N GLU B 384 3.61 -6.83 -4.49
CA GLU B 384 3.99 -6.29 -5.76
C GLU B 384 2.67 -6.16 -6.58
N LEU B 385 1.80 -7.16 -6.45
CA LEU B 385 0.49 -7.09 -7.11
C LEU B 385 -0.40 -5.98 -6.59
N LYS B 386 -0.55 -5.91 -5.26
CA LYS B 386 -1.35 -4.86 -4.61
C LYS B 386 -1.01 -3.46 -5.16
N ASP B 387 0.29 -3.17 -5.17
CA ASP B 387 0.85 -1.86 -5.47
C ASP B 387 0.68 -1.52 -6.89
N LEU B 388 0.80 -2.56 -7.72
CA LEU B 388 0.63 -2.43 -9.17
C LEU B 388 -0.79 -2.06 -9.53
N ASN B 389 -1.74 -2.72 -8.87
CA ASN B 389 -3.13 -2.40 -9.01
C ASN B 389 -3.42 -1.01 -8.51
N ALA B 390 -2.74 -0.58 -7.46
CA ALA B 390 -2.97 0.78 -6.98
C ALA B 390 -2.61 1.81 -8.07
N VAL B 391 -1.50 1.57 -8.76
CA VAL B 391 -1.07 2.43 -9.86
C VAL B 391 -2.01 2.30 -11.05
N ALA B 392 -2.31 1.06 -11.43
CA ALA B 392 -3.25 0.82 -12.54
C ALA B 392 -4.50 1.68 -12.33
N PHE B 393 -5.03 1.64 -11.09
CA PHE B 393 -6.24 2.30 -10.69
C PHE B 393 -6.10 3.81 -10.60
N ARG B 394 -5.04 4.31 -9.99
CA ARG B 394 -4.83 5.75 -9.89
C ARG B 394 -4.93 6.36 -11.29
N PHE B 395 -4.24 5.72 -12.22
CA PHE B 395 -3.95 6.29 -13.51
C PHE B 395 -4.71 5.64 -14.66
N LYS B 396 -5.99 5.34 -14.42
CA LYS B 396 -6.80 4.57 -15.34
C LYS B 396 -7.31 5.46 -16.48
N ASP B 397 -7.44 4.88 -17.67
CA ASP B 397 -7.92 5.65 -18.80
C ASP B 397 -9.44 5.78 -18.73
N LYS B 398 -9.94 7.01 -18.92
CA LYS B 398 -11.35 7.31 -18.79
C LYS B 398 -12.07 6.50 -19.82
N GLU B 399 -12.96 5.65 -19.32
CA GLU B 399 -13.72 4.71 -20.14
C GLU B 399 -14.75 5.38 -21.09
N ARG B 400 -15.06 4.67 -22.19
CA ARG B 400 -16.11 5.03 -23.11
C ARG B 400 -17.38 4.70 -22.34
N PRO B 401 -18.40 5.56 -22.36
CA PRO B 401 -19.65 5.39 -21.62
C PRO B 401 -20.36 4.04 -21.80
N ARG B 402 -20.68 3.66 -23.03
CA ARG B 402 -21.45 2.43 -23.28
C ARG B 402 -20.91 1.21 -22.51
N GLY B 403 -19.76 0.70 -22.93
CA GLY B 403 -19.01 -0.29 -22.19
C GLY B 403 -18.93 -0.09 -20.68
N TYR B 404 -18.75 1.15 -20.22
CA TYR B 404 -18.55 1.41 -18.79
C TYR B 404 -19.81 1.18 -17.94
N THR B 405 -20.95 1.74 -18.40
CA THR B 405 -22.21 1.57 -17.72
C THR B 405 -22.55 0.09 -17.70
N SER B 406 -22.39 -0.56 -18.86
CA SER B 406 -22.67 -1.99 -18.97
C SER B 406 -21.84 -2.82 -18.01
N LYS B 407 -20.57 -2.48 -17.88
CA LYS B 407 -19.66 -3.26 -17.07
C LYS B 407 -20.07 -3.19 -15.60
N ILE B 408 -20.24 -1.96 -15.14
CA ILE B 408 -20.60 -1.64 -13.76
C ILE B 408 -22.00 -2.13 -13.38
N ALA B 409 -22.98 -1.89 -14.27
CA ALA B 409 -24.26 -2.54 -14.15
C ALA B 409 -24.04 -4.01 -13.80
N GLY B 410 -23.06 -4.65 -14.44
CA GLY B 410 -22.72 -6.02 -14.13
C GLY B 410 -22.21 -6.24 -12.71
N ILE B 411 -21.25 -5.43 -12.25
CA ILE B 411 -20.61 -5.76 -10.96
C ILE B 411 -21.34 -5.33 -9.65
N LEU B 412 -22.44 -4.61 -9.85
CA LEU B 412 -23.20 -4.05 -8.78
C LEU B 412 -23.89 -5.13 -8.00
N HIS B 413 -23.98 -6.33 -8.57
CA HIS B 413 -24.55 -7.50 -7.91
C HIS B 413 -23.56 -8.24 -6.99
N TYR B 414 -22.34 -7.71 -6.86
CA TYR B 414 -21.29 -8.47 -6.19
C TYR B 414 -20.65 -7.73 -5.02
N TYR B 415 -20.72 -6.39 -5.08
CA TYR B 415 -20.06 -5.46 -4.16
C TYR B 415 -20.97 -4.34 -3.68
N PRO B 416 -20.87 -3.93 -2.40
CA PRO B 416 -21.67 -2.79 -1.87
C PRO B 416 -21.57 -1.51 -2.70
N LEU B 417 -22.58 -0.65 -2.74
CA LEU B 417 -22.55 0.48 -3.70
C LEU B 417 -21.25 1.30 -3.69
N GLU B 418 -20.59 1.34 -2.54
CA GLU B 418 -19.46 2.27 -2.28
C GLU B 418 -18.10 1.71 -2.77
N GLU B 419 -18.02 0.39 -2.87
CA GLU B 419 -16.83 -0.32 -3.34
C GLU B 419 -16.88 -0.80 -4.80
N VAL B 420 -17.88 -0.43 -5.58
CA VAL B 420 -18.03 -1.08 -6.90
C VAL B 420 -16.97 -0.59 -7.88
N LEU B 421 -16.48 0.61 -7.62
CA LEU B 421 -15.56 1.24 -8.51
C LEU B 421 -14.17 0.67 -8.36
N THR B 422 -13.89 0.09 -7.21
CA THR B 422 -12.56 -0.35 -6.85
C THR B 422 -12.52 -1.80 -6.49
N ALA B 423 -13.67 -2.44 -6.57
CA ALA B 423 -13.78 -3.84 -6.29
C ALA B 423 -12.75 -4.54 -7.10
N GLU B 424 -12.89 -4.47 -8.42
CA GLU B 424 -12.18 -5.39 -9.30
C GLU B 424 -10.80 -4.88 -9.69
N TYR B 425 -10.37 -3.82 -9.02
CA TYR B 425 -9.02 -3.34 -9.13
C TYR B 425 -8.17 -3.54 -7.92
N LEU B 426 -8.74 -3.38 -6.73
CA LEU B 426 -7.91 -3.35 -5.53
C LEU B 426 -7.83 -4.71 -4.79
N LEU B 427 -6.75 -4.86 -4.03
CA LEU B 427 -6.44 -6.07 -3.30
C LEU B 427 -6.03 -5.59 -1.96
N GLU B 428 -6.34 -6.39 -0.94
CA GLU B 428 -6.31 -5.86 0.41
C GLU B 428 -5.54 -6.65 1.44
N GLU B 429 -5.80 -7.93 1.60
CA GLU B 429 -4.97 -8.65 2.54
C GLU B 429 -4.52 -10.05 2.13
N PHE B 430 -3.24 -10.26 2.39
CA PHE B 430 -2.55 -11.46 2.06
C PHE B 430 -3.00 -12.62 2.92
N ARG B 431 -3.55 -13.65 2.32
CA ARG B 431 -4.06 -14.72 3.11
C ARG B 431 -3.45 -16.02 2.71
N PRO B 432 -2.25 -16.28 3.24
CA PRO B 432 -1.44 -17.46 2.96
C PRO B 432 -2.23 -18.78 3.03
N ASP B 433 -3.30 -18.73 3.84
CA ASP B 433 -4.06 -19.91 4.23
C ASP B 433 -5.03 -20.29 3.11
N LEU B 434 -5.75 -19.29 2.57
CA LEU B 434 -6.60 -19.46 1.38
C LEU B 434 -5.74 -19.82 0.19
N ILE B 435 -4.60 -19.19 0.07
CA ILE B 435 -3.72 -19.55 -1.02
C ILE B 435 -3.38 -21.05 -0.93
N GLU B 436 -3.14 -21.56 0.27
CA GLU B 436 -2.70 -22.92 0.34
C GLU B 436 -3.93 -23.83 0.22
N MET B 437 -5.07 -23.33 0.69
CA MET B 437 -6.32 -24.08 0.62
C MET B 437 -6.74 -24.36 -0.83
N VAL B 438 -6.33 -23.49 -1.74
CA VAL B 438 -6.67 -23.56 -3.16
C VAL B 438 -5.64 -24.44 -3.85
N LEU B 439 -4.36 -24.17 -3.59
CA LEU B 439 -3.26 -24.96 -4.15
C LEU B 439 -3.43 -26.40 -3.81
N ASP B 440 -4.04 -26.63 -2.66
CA ASP B 440 -4.34 -27.96 -2.25
C ASP B 440 -5.32 -28.65 -3.18
N LYS B 441 -6.19 -27.88 -3.83
CA LYS B 441 -7.14 -28.41 -4.79
C LYS B 441 -6.50 -28.93 -6.11
N LEU B 442 -5.33 -28.42 -6.45
CA LEU B 442 -4.67 -28.71 -7.76
C LEU B 442 -3.70 -29.88 -7.74
N ARG B 443 -4.23 -31.08 -7.54
CA ARG B 443 -3.43 -32.30 -7.37
C ARG B 443 -3.90 -33.30 -8.42
N PRO B 444 -2.99 -34.17 -8.90
CA PRO B 444 -3.33 -35.14 -9.95
C PRO B 444 -4.75 -35.74 -9.84
N GLU B 445 -5.07 -36.34 -8.71
CA GLU B 445 -6.39 -36.95 -8.48
C GLU B 445 -7.61 -36.02 -8.71
N ASN B 446 -7.40 -34.73 -8.86
CA ASN B 446 -8.51 -33.78 -8.96
C ASN B 446 -8.62 -33.14 -10.40
N VAL B 447 -8.16 -33.91 -11.39
CA VAL B 447 -7.84 -33.33 -12.67
C VAL B 447 -8.57 -33.94 -13.84
N ARG B 448 -8.63 -33.16 -14.92
CA ARG B 448 -9.35 -33.49 -16.13
C ARG B 448 -8.42 -33.01 -17.19
N VAL B 449 -8.18 -33.85 -18.19
CA VAL B 449 -7.30 -33.46 -19.29
C VAL B 449 -7.98 -33.52 -20.65
N ALA B 450 -7.77 -32.50 -21.48
CA ALA B 450 -8.18 -32.60 -22.87
C ALA B 450 -7.06 -32.29 -23.90
N ILE B 451 -6.97 -33.13 -24.92
CA ILE B 451 -6.07 -32.87 -26.02
C ILE B 451 -6.86 -32.65 -27.29
N VAL B 452 -6.48 -31.64 -28.07
CA VAL B 452 -7.23 -31.34 -29.29
C VAL B 452 -6.24 -31.48 -30.43
N SER B 453 -6.63 -32.15 -31.53
CA SER B 453 -5.67 -32.60 -32.56
C SER B 453 -6.22 -33.27 -33.79
N LYS B 454 -5.81 -32.83 -34.96
CA LYS B 454 -6.27 -33.48 -36.15
C LYS B 454 -5.97 -34.97 -36.16
N SER B 455 -5.10 -35.44 -35.30
CA SER B 455 -4.68 -36.82 -35.42
C SER B 455 -5.48 -37.81 -34.60
N PHE B 456 -6.64 -37.39 -34.11
CA PHE B 456 -7.57 -38.35 -33.53
C PHE B 456 -8.68 -38.64 -34.51
N GLU B 457 -8.60 -37.98 -35.67
CA GLU B 457 -9.52 -38.22 -36.77
C GLU B 457 -9.51 -39.69 -37.20
N GLY B 458 -10.71 -40.22 -37.42
CA GLY B 458 -10.92 -41.66 -37.56
C GLY B 458 -10.99 -42.41 -36.24
N LYS B 459 -10.36 -41.89 -35.18
CA LYS B 459 -10.15 -42.71 -33.97
C LYS B 459 -11.00 -42.32 -32.77
N THR B 460 -12.03 -41.48 -32.98
CA THR B 460 -12.98 -41.08 -31.94
C THR B 460 -14.41 -41.50 -32.23
N ASP B 461 -15.19 -41.82 -31.21
CA ASP B 461 -16.31 -42.74 -31.22
C ASP B 461 -17.56 -42.08 -30.69
N ARG B 462 -17.38 -40.92 -30.08
CA ARG B 462 -18.42 -40.19 -29.35
C ARG B 462 -18.70 -38.92 -30.13
N THR B 463 -19.96 -38.49 -30.18
CA THR B 463 -20.31 -37.23 -30.90
C THR B 463 -21.08 -36.39 -29.89
N GLU B 464 -20.88 -35.08 -29.89
CA GLU B 464 -21.60 -34.20 -28.98
C GLU B 464 -22.76 -33.63 -29.76
N GLU B 465 -23.98 -33.74 -29.22
CA GLU B 465 -25.19 -33.49 -30.00
C GLU B 465 -25.32 -32.04 -30.54
N TRP B 466 -25.10 -31.02 -29.73
CA TRP B 466 -25.30 -29.64 -30.20
C TRP B 466 -24.37 -29.13 -31.28
N TYR B 467 -23.12 -29.57 -31.28
CA TYR B 467 -22.14 -29.14 -32.30
C TYR B 467 -21.64 -30.27 -33.19
N GLY B 468 -21.99 -31.49 -32.85
CA GLY B 468 -21.46 -32.65 -33.54
C GLY B 468 -19.98 -32.94 -33.32
N THR B 469 -19.36 -32.43 -32.24
CA THR B 469 -17.91 -32.49 -32.02
C THR B 469 -17.52 -33.93 -31.73
N GLN B 470 -16.57 -34.45 -32.50
CA GLN B 470 -16.08 -35.85 -32.40
C GLN B 470 -15.01 -36.03 -31.33
N TYR B 471 -15.24 -36.91 -30.38
CA TYR B 471 -14.26 -37.01 -29.32
C TYR B 471 -14.27 -38.39 -28.71
N LYS B 472 -13.36 -38.65 -27.79
CA LYS B 472 -13.42 -39.89 -27.09
C LYS B 472 -12.77 -39.73 -25.74
N GLN B 473 -13.17 -40.58 -24.82
CA GLN B 473 -12.90 -40.34 -23.43
C GLN B 473 -12.39 -41.55 -22.67
N GLU B 474 -11.30 -41.37 -21.94
CA GLU B 474 -10.70 -42.48 -21.23
C GLU B 474 -10.48 -42.13 -19.79
N ALA B 475 -10.45 -43.14 -18.93
CA ALA B 475 -9.93 -42.94 -17.59
C ALA B 475 -8.39 -42.86 -17.68
N ILE B 476 -7.79 -41.93 -16.95
CA ILE B 476 -6.35 -41.86 -16.93
C ILE B 476 -5.84 -42.98 -16.03
N PRO B 477 -4.93 -43.84 -16.54
CA PRO B 477 -4.47 -45.00 -15.80
C PRO B 477 -3.91 -44.60 -14.45
N ASP B 478 -4.17 -45.44 -13.42
CA ASP B 478 -3.73 -45.15 -12.06
C ASP B 478 -2.24 -44.94 -11.95
N GLU B 479 -1.50 -45.62 -12.80
CA GLU B 479 -0.05 -45.46 -12.80
C GLU B 479 0.41 -44.08 -13.32
N VAL B 480 -0.35 -43.47 -14.22
CA VAL B 480 -0.01 -42.16 -14.74
C VAL B 480 -0.37 -41.10 -13.71
N ILE B 481 -1.49 -41.30 -13.02
CA ILE B 481 -1.86 -40.38 -11.92
C ILE B 481 -0.80 -40.41 -10.84
N LYS B 482 -0.40 -41.62 -10.44
CA LYS B 482 0.46 -41.79 -9.27
C LYS B 482 1.84 -41.24 -9.56
N LYS B 483 2.28 -41.44 -10.79
CA LYS B 483 3.57 -40.96 -11.24
C LYS B 483 3.61 -39.41 -11.19
N TRP B 484 2.50 -38.76 -11.55
CA TRP B 484 2.35 -37.29 -11.44
C TRP B 484 2.26 -36.76 -10.00
N GLN B 485 1.89 -37.63 -9.07
CA GLN B 485 1.78 -37.25 -7.68
C GLN B 485 3.08 -37.27 -6.90
N ASN B 486 3.97 -38.11 -7.41
CA ASN B 486 5.34 -38.13 -6.88
C ASN B 486 6.23 -37.07 -7.53
N ALA B 487 5.67 -36.02 -8.16
CA ALA B 487 6.36 -34.86 -8.72
C ALA B 487 7.62 -34.46 -7.95
N ASP B 488 8.73 -34.46 -8.67
CA ASP B 488 10.04 -34.17 -8.10
C ASP B 488 10.33 -32.67 -8.25
N LEU B 489 11.23 -32.13 -7.45
CA LEU B 489 11.64 -30.73 -7.62
C LEU B 489 12.54 -30.46 -8.84
N ASN B 490 12.27 -29.39 -9.56
CA ASN B 490 12.92 -29.17 -10.85
C ASN B 490 13.70 -27.86 -10.84
N GLY B 491 15.02 -27.99 -10.89
CA GLY B 491 15.93 -26.86 -10.87
C GLY B 491 15.71 -25.75 -11.90
N LYS B 492 14.85 -25.95 -12.88
CA LYS B 492 14.59 -24.92 -13.90
C LYS B 492 13.41 -24.00 -13.51
N PHE B 493 12.82 -24.28 -12.34
CA PHE B 493 11.63 -23.58 -11.86
C PHE B 493 11.84 -22.68 -10.66
N LYS B 494 12.20 -21.42 -10.91
CA LYS B 494 12.38 -20.40 -9.87
C LYS B 494 11.12 -19.54 -9.81
N LEU B 495 10.85 -18.92 -8.68
CA LEU B 495 9.88 -17.85 -8.68
C LEU B 495 10.36 -16.66 -9.53
N PRO B 496 9.44 -15.72 -9.83
CA PRO B 496 9.88 -14.53 -10.52
C PRO B 496 10.76 -13.67 -9.64
N THR B 497 11.55 -12.84 -10.30
CA THR B 497 12.43 -11.93 -9.63
C THR B 497 11.60 -10.65 -9.51
N LYS B 498 12.05 -9.65 -8.74
CA LYS B 498 11.25 -8.43 -8.55
C LYS B 498 11.04 -7.78 -9.89
N ASN B 499 9.81 -7.36 -10.19
CA ASN B 499 9.54 -6.71 -11.44
C ASN B 499 10.46 -5.51 -11.48
N GLU B 500 11.30 -5.47 -12.52
CA GLU B 500 12.25 -4.38 -12.68
C GLU B 500 11.55 -3.16 -13.29
N PHE B 501 10.36 -3.34 -13.89
CA PHE B 501 9.79 -2.27 -14.72
C PHE B 501 8.76 -1.39 -14.05
N ILE B 502 8.45 -1.65 -12.79
CA ILE B 502 7.42 -0.89 -12.15
C ILE B 502 7.77 0.59 -12.18
N PRO B 503 6.93 1.42 -12.83
CA PRO B 503 7.14 2.87 -12.90
C PRO B 503 7.12 3.55 -11.54
N THR B 504 8.03 4.47 -11.33
CA THR B 504 8.09 5.23 -10.09
C THR B 504 7.92 6.74 -10.32
N ASN B 505 8.25 7.19 -11.54
CA ASN B 505 8.15 8.60 -11.90
C ASN B 505 6.86 9.02 -12.61
N PHE B 506 5.89 9.57 -11.90
CA PHE B 506 4.63 9.90 -12.54
C PHE B 506 4.51 11.35 -12.76
N GLU B 507 5.63 12.04 -12.86
CA GLU B 507 5.52 13.48 -13.00
C GLU B 507 4.81 13.91 -14.30
N ILE B 508 3.74 14.68 -14.16
CA ILE B 508 3.17 15.28 -15.35
C ILE B 508 4.01 16.51 -15.77
N LEU B 509 4.82 16.36 -16.83
CA LEU B 509 5.76 17.39 -17.27
C LEU B 509 4.98 18.61 -17.71
N PRO B 510 5.32 19.81 -17.22
CA PRO B 510 4.47 21.01 -17.49
C PRO B 510 4.39 21.28 -18.97
N LEU B 511 3.36 21.99 -19.38
CA LEU B 511 3.11 22.23 -20.79
C LEU B 511 4.06 23.30 -21.37
N GLU B 512 4.53 23.09 -22.59
CA GLU B 512 5.51 23.98 -23.19
C GLU B 512 4.90 25.23 -23.85
N LYS B 513 5.71 26.28 -24.06
CA LYS B 513 5.22 27.51 -24.69
C LYS B 513 4.96 27.26 -26.19
N GLU B 514 5.82 26.47 -26.81
CA GLU B 514 5.59 25.98 -28.18
C GLU B 514 4.38 25.01 -28.35
N ALA B 515 3.91 24.36 -27.28
CA ALA B 515 2.88 23.30 -27.38
C ALA B 515 1.75 23.52 -28.40
N THR B 516 1.53 22.51 -29.24
CA THR B 516 0.54 22.54 -30.32
C THR B 516 -0.71 21.74 -29.96
N PRO B 517 -1.87 22.17 -30.48
CA PRO B 517 -3.12 21.43 -30.25
C PRO B 517 -3.21 20.15 -31.13
N TYR B 518 -2.49 20.15 -32.26
CA TYR B 518 -2.41 19.02 -33.21
C TYR B 518 -0.97 18.71 -33.47
N PRO B 519 -0.65 17.48 -33.94
CA PRO B 519 0.78 17.10 -33.96
C PRO B 519 1.51 17.94 -34.96
N ALA B 520 2.69 18.43 -34.58
CA ALA B 520 3.43 19.27 -35.49
C ALA B 520 4.60 18.46 -35.97
N LEU B 521 5.09 18.77 -37.16
CA LEU B 521 6.18 18.00 -37.73
C LEU B 521 7.53 18.57 -37.31
N ILE B 522 8.20 17.94 -36.37
CA ILE B 522 9.36 18.59 -35.81
C ILE B 522 10.73 18.06 -36.29
N LYS B 523 10.72 17.06 -37.16
CA LYS B 523 11.95 16.59 -37.86
C LYS B 523 11.52 16.06 -39.22
N ASP B 524 12.22 16.48 -40.26
CA ASP B 524 11.89 16.07 -41.65
C ASP B 524 13.17 15.85 -42.42
N THR B 525 13.88 14.78 -42.08
CA THR B 525 15.02 14.41 -42.86
C THR B 525 14.58 13.37 -43.88
N ALA B 526 15.50 13.01 -44.77
CA ALA B 526 15.40 11.83 -45.63
C ALA B 526 15.24 10.56 -44.78
N MET B 527 15.95 10.48 -43.66
CA MET B 527 15.85 9.31 -42.83
C MET B 527 14.57 9.27 -42.01
N SER B 528 13.99 10.40 -41.59
CA SER B 528 12.77 10.30 -40.78
C SER B 528 11.83 11.49 -40.75
N LYS B 529 10.54 11.21 -40.92
CA LYS B 529 9.52 12.20 -40.60
C LYS B 529 9.01 12.01 -39.17
N LEU B 530 9.28 12.96 -38.27
CA LEU B 530 8.80 12.88 -36.90
C LEU B 530 7.67 13.84 -36.55
N TRP B 531 6.52 13.31 -36.16
CA TRP B 531 5.35 14.12 -35.76
C TRP B 531 5.21 14.07 -34.26
N PHE B 532 4.88 15.21 -33.68
CA PHE B 532 4.88 15.29 -32.24
C PHE B 532 3.75 16.11 -31.64
N LYS B 533 3.12 15.56 -30.63
CA LYS B 533 2.26 16.36 -29.79
C LYS B 533 2.36 15.99 -28.32
N GLN B 534 2.52 17.05 -27.52
CA GLN B 534 2.43 16.96 -26.07
C GLN B 534 0.98 16.94 -25.59
N ASP B 535 0.63 15.87 -24.87
CA ASP B 535 -0.73 15.65 -24.34
C ASP B 535 -1.25 16.92 -23.71
N ASP B 536 -2.47 17.34 -24.07
CA ASP B 536 -3.05 18.52 -23.43
C ASP B 536 -4.47 18.29 -22.90
N LYS B 537 -4.87 17.03 -22.80
CA LYS B 537 -6.23 16.71 -22.35
C LYS B 537 -6.27 15.77 -21.14
N PHE B 538 -5.41 14.77 -21.10
CA PHE B 538 -5.64 13.71 -20.15
C PHE B 538 -4.78 13.92 -18.95
N PHE B 539 -3.58 14.47 -19.17
CA PHE B 539 -2.60 14.66 -18.09
C PHE B 539 -2.41 13.41 -17.27
N LEU B 540 -2.36 12.25 -17.95
CA LEU B 540 -1.87 11.00 -17.38
C LEU B 540 -0.39 10.73 -17.69
N PRO B 541 0.35 10.05 -16.79
CA PRO B 541 1.80 9.89 -17.00
C PRO B 541 2.16 8.73 -17.95
N LYS B 542 1.74 8.89 -19.21
CA LYS B 542 1.76 7.79 -20.17
C LYS B 542 2.02 8.39 -21.50
N ALA B 543 2.71 7.67 -22.37
CA ALA B 543 2.93 8.15 -23.74
C ALA B 543 2.72 7.03 -24.78
N ASN B 544 2.52 7.44 -26.03
CA ASN B 544 2.26 6.53 -27.12
C ASN B 544 3.25 6.82 -28.21
N LEU B 545 4.10 5.84 -28.51
CA LEU B 545 5.13 6.04 -29.50
C LEU B 545 4.96 5.18 -30.74
N ASN B 546 4.62 5.80 -31.86
CA ASN B 546 4.28 5.00 -33.03
C ASN B 546 5.25 5.17 -34.15
N PHE B 547 5.66 4.07 -34.74
CA PHE B 547 6.61 4.10 -35.83
C PHE B 547 6.32 3.21 -37.04
N GLU B 548 6.25 3.80 -38.24
CA GLU B 548 6.29 3.03 -39.51
C GLU B 548 7.69 3.02 -40.05
N PHE B 549 8.19 1.83 -40.35
CA PHE B 549 9.46 1.70 -41.01
C PHE B 549 9.16 1.31 -42.44
N PHE B 550 9.61 2.06 -43.43
CA PHE B 550 9.34 1.61 -44.79
C PHE B 550 10.52 0.94 -45.41
N SER B 551 10.30 -0.29 -45.91
CA SER B 551 11.24 -0.95 -46.81
C SER B 551 10.49 -1.54 -47.97
N PRO B 552 11.08 -1.49 -49.18
CA PRO B 552 10.38 -2.22 -50.24
C PRO B 552 10.56 -3.75 -50.15
N PHE B 553 11.53 -4.24 -49.39
CA PHE B 553 11.70 -5.69 -49.30
C PHE B 553 10.84 -6.37 -48.27
N ALA B 554 9.94 -5.60 -47.66
CA ALA B 554 8.96 -6.14 -46.72
C ALA B 554 7.93 -6.90 -47.53
N TYR B 555 7.54 -6.33 -48.66
CA TYR B 555 6.48 -6.92 -49.43
C TYR B 555 6.79 -7.23 -50.94
N VAL B 556 8.07 -7.30 -51.29
CA VAL B 556 8.42 -7.34 -52.71
C VAL B 556 7.95 -8.61 -53.37
N ASP B 557 7.84 -9.68 -52.62
CA ASP B 557 7.23 -10.89 -53.14
C ASP B 557 6.84 -11.82 -51.98
N PRO B 558 6.00 -12.82 -52.24
CA PRO B 558 5.57 -13.71 -51.19
C PRO B 558 6.66 -14.14 -50.26
N LEU B 559 7.65 -14.85 -50.77
CA LEU B 559 8.77 -15.28 -49.96
C LEU B 559 9.30 -14.22 -48.97
N HIS B 560 9.45 -13.00 -49.47
CA HIS B 560 9.94 -11.88 -48.69
C HIS B 560 8.92 -11.44 -47.68
N SER B 561 7.69 -11.48 -48.12
CA SER B 561 6.58 -11.16 -47.29
C SER B 561 6.54 -12.18 -46.19
N ASN B 562 6.76 -13.45 -46.50
CA ASN B 562 6.96 -14.48 -45.46
C ASN B 562 8.06 -14.22 -44.44
N MET B 563 9.18 -13.71 -44.91
CA MET B 563 10.31 -13.51 -44.06
C MET B 563 10.10 -12.33 -43.13
N ALA B 564 9.61 -11.22 -43.65
CA ALA B 564 9.14 -10.14 -42.84
C ALA B 564 8.33 -10.77 -41.66
N TYR B 565 7.16 -11.36 -41.93
CA TYR B 565 6.39 -11.96 -40.85
C TYR B 565 7.24 -12.74 -39.84
N LEU B 566 7.97 -13.75 -40.33
CA LEU B 566 8.74 -14.67 -39.48
C LEU B 566 9.77 -13.95 -38.61
N TYR B 567 10.50 -13.07 -39.27
CA TYR B 567 11.53 -12.29 -38.60
C TYR B 567 10.92 -11.70 -37.31
N LEU B 568 9.81 -10.97 -37.51
CA LEU B 568 9.08 -10.32 -36.44
C LEU B 568 8.52 -11.24 -35.35
N GLU B 569 7.95 -12.37 -35.75
CA GLU B 569 7.46 -13.32 -34.80
C GLU B 569 8.62 -13.82 -33.97
N LEU B 570 9.76 -14.05 -34.62
CA LEU B 570 10.91 -14.68 -33.95
C LEU B 570 11.55 -13.77 -32.90
N LEU B 571 11.72 -12.51 -33.30
CA LEU B 571 12.03 -11.40 -32.40
C LEU B 571 11.18 -11.40 -31.17
N LYS B 572 9.86 -11.43 -31.38
CA LYS B 572 8.87 -11.30 -30.30
C LYS B 572 8.98 -12.48 -29.41
N ASP B 573 9.19 -13.65 -30.00
CA ASP B 573 9.25 -14.83 -29.20
C ASP B 573 10.47 -14.66 -28.35
N SER B 574 11.50 -14.08 -28.93
CA SER B 574 12.78 -14.00 -28.26
C SER B 574 12.84 -12.94 -27.18
N LEU B 575 12.07 -11.88 -27.34
CA LEU B 575 12.02 -10.74 -26.41
C LEU B 575 11.08 -10.94 -25.27
N ASN B 576 10.33 -12.02 -25.34
CA ASN B 576 9.16 -12.19 -24.53
C ASN B 576 9.42 -12.36 -23.04
N GLU B 577 10.35 -13.25 -22.65
CA GLU B 577 10.69 -13.40 -21.22
C GLU B 577 11.01 -12.02 -20.69
N TYR B 578 11.81 -11.25 -21.39
CA TYR B 578 12.07 -9.87 -20.99
C TYR B 578 10.84 -8.92 -20.94
N ALA B 579 9.97 -8.91 -21.95
CA ALA B 579 8.96 -7.83 -22.06
C ALA B 579 7.70 -8.14 -21.33
N TYR B 580 7.62 -9.39 -20.87
CA TYR B 580 6.45 -9.84 -20.14
C TYR B 580 6.29 -9.03 -18.88
N ALA B 581 7.36 -8.96 -18.09
CA ALA B 581 7.38 -8.11 -16.92
C ALA B 581 6.97 -6.66 -17.21
N ALA B 582 7.44 -6.15 -18.33
CA ALA B 582 7.15 -4.76 -18.65
C ALA B 582 5.66 -4.65 -18.80
N GLU B 583 5.08 -5.66 -19.42
CA GLU B 583 3.67 -5.69 -19.78
C GLU B 583 2.86 -5.67 -18.51
N LEU B 584 3.30 -6.48 -17.55
CA LEU B 584 2.70 -6.55 -16.20
C LEU B 584 2.66 -5.22 -15.49
N ALA B 585 3.53 -4.34 -15.94
CA ALA B 585 3.81 -3.10 -15.26
C ALA B 585 3.26 -1.96 -16.07
N GLY B 586 2.34 -2.23 -16.99
CA GLY B 586 1.66 -1.14 -17.70
C GLY B 586 2.48 -0.55 -18.83
N LEU B 587 3.48 -1.29 -19.29
CA LEU B 587 4.30 -0.84 -20.38
C LEU B 587 4.32 -1.85 -21.52
N SER B 588 3.59 -1.61 -22.61
CA SER B 588 3.48 -2.70 -23.59
C SER B 588 3.93 -2.36 -25.00
N TYR B 589 4.20 -3.38 -25.80
CA TYR B 589 4.56 -3.08 -27.20
C TYR B 589 3.86 -3.89 -28.26
N ASP B 590 4.06 -3.43 -29.48
CA ASP B 590 3.33 -3.93 -30.59
C ASP B 590 4.23 -3.95 -31.83
N LEU B 591 4.40 -5.12 -32.43
CA LEU B 591 5.36 -5.25 -33.51
C LEU B 591 4.90 -6.22 -34.59
N GLN B 592 4.64 -5.70 -35.79
CA GLN B 592 4.27 -6.56 -36.93
C GLN B 592 4.57 -5.99 -38.27
N ASN B 593 4.57 -6.87 -39.27
CA ASN B 593 4.78 -6.47 -40.68
C ASN B 593 3.58 -5.78 -41.24
N THR B 594 3.85 -4.86 -42.14
CA THR B 594 2.80 -4.32 -42.97
C THR B 594 3.16 -4.58 -44.46
N ILE B 595 2.29 -4.20 -45.37
CA ILE B 595 2.67 -4.32 -46.78
C ILE B 595 3.75 -3.26 -47.21
N TYR B 596 4.18 -2.41 -46.26
CA TYR B 596 5.16 -1.37 -46.60
C TYR B 596 6.39 -1.51 -45.74
N GLY B 597 6.35 -2.40 -44.76
CA GLY B 597 7.46 -2.62 -43.84
C GLY B 597 7.09 -3.19 -42.48
N MET B 598 7.46 -2.45 -41.45
CA MET B 598 7.27 -2.84 -40.05
C MET B 598 6.56 -1.76 -39.32
N TYR B 599 5.81 -2.14 -38.31
CA TYR B 599 5.13 -1.17 -37.48
C TYR B 599 5.45 -1.47 -36.04
N LEU B 600 5.91 -0.46 -35.34
CA LEU B 600 6.20 -0.66 -33.96
C LEU B 600 5.45 0.39 -33.17
N SER B 601 4.89 -0.06 -32.06
CA SER B 601 4.24 0.85 -31.15
C SER B 601 4.54 0.50 -29.71
N VAL B 602 4.89 1.51 -28.95
CA VAL B 602 5.04 1.34 -27.53
C VAL B 602 4.08 2.27 -26.82
N LYS B 603 3.36 1.73 -25.84
CA LYS B 603 2.53 2.58 -25.01
C LYS B 603 2.46 2.27 -23.52
N GLY B 604 1.94 3.26 -22.77
CA GLY B 604 1.82 3.18 -21.32
C GLY B 604 2.69 4.19 -20.59
N TYR B 605 3.01 3.88 -19.33
CA TYR B 605 3.78 4.78 -18.49
C TYR B 605 5.06 5.31 -19.17
N ASN B 606 5.23 6.64 -19.16
CA ASN B 606 6.40 7.16 -19.85
C ASN B 606 7.70 6.75 -19.19
N ASP B 607 7.69 6.59 -17.86
CA ASP B 607 8.88 6.40 -17.03
C ASP B 607 9.94 5.40 -17.56
N LYS B 608 9.62 4.13 -17.82
CA LYS B 608 10.66 3.18 -18.29
C LYS B 608 10.60 3.00 -19.80
N GLN B 609 9.85 3.85 -20.50
CA GLN B 609 9.68 3.61 -21.96
C GLN B 609 11.00 3.57 -22.69
N PRO B 610 11.76 4.68 -22.66
CA PRO B 610 13.08 4.61 -23.23
C PRO B 610 13.84 3.27 -23.07
N ILE B 611 13.85 2.68 -21.88
CA ILE B 611 14.60 1.43 -21.72
C ILE B 611 14.09 0.44 -22.73
N LEU B 612 12.77 0.19 -22.71
CA LEU B 612 12.16 -0.83 -23.55
C LEU B 612 12.38 -0.54 -25.01
N LEU B 613 11.91 0.61 -25.50
CA LEU B 613 12.14 0.93 -26.88
C LEU B 613 13.57 0.62 -27.28
N LYS B 614 14.54 1.15 -26.53
CA LYS B 614 15.95 0.95 -26.87
C LYS B 614 16.26 -0.53 -26.97
N LYS B 615 15.75 -1.32 -26.04
CA LYS B 615 16.06 -2.73 -26.01
C LYS B 615 15.60 -3.44 -27.29
N ILE B 616 14.47 -2.97 -27.82
CA ILE B 616 13.87 -3.52 -29.02
C ILE B 616 14.60 -3.12 -30.32
N ILE B 617 15.01 -1.87 -30.46
CA ILE B 617 15.66 -1.50 -31.70
C ILE B 617 17.00 -2.16 -31.68
N GLU B 618 17.62 -2.19 -30.53
CA GLU B 618 18.89 -2.88 -30.36
C GLU B 618 18.77 -4.30 -30.90
N LYS B 619 17.77 -5.02 -30.40
CA LYS B 619 17.68 -6.46 -30.64
C LYS B 619 17.21 -6.75 -32.05
N MET B 620 16.46 -5.82 -32.63
CA MET B 620 15.99 -6.10 -33.98
C MET B 620 17.08 -5.87 -34.98
N ALA B 621 18.09 -5.12 -34.57
CA ALA B 621 19.20 -4.73 -35.41
C ALA B 621 20.43 -5.61 -35.22
N THR B 622 20.38 -6.61 -34.34
CA THR B 622 21.56 -7.39 -33.94
C THR B 622 21.10 -8.77 -33.71
N PHE B 623 19.94 -9.07 -34.26
CA PHE B 623 19.21 -10.27 -33.89
C PHE B 623 19.85 -11.62 -34.32
N GLU B 624 20.04 -12.53 -33.36
CA GLU B 624 20.40 -13.91 -33.72
C GLU B 624 19.29 -14.96 -33.54
N ILE B 625 19.06 -15.73 -34.59
CA ILE B 625 17.98 -16.74 -34.62
C ILE B 625 18.26 -18.09 -33.94
N ASP B 626 17.36 -18.59 -33.10
CA ASP B 626 17.53 -19.95 -32.62
C ASP B 626 16.95 -20.93 -33.64
N GLU B 627 17.76 -21.91 -34.07
CA GLU B 627 17.33 -22.89 -35.09
C GLU B 627 15.96 -23.52 -34.75
N LYS B 628 15.82 -24.12 -33.56
CA LYS B 628 14.58 -24.75 -33.08
C LYS B 628 13.37 -23.80 -33.04
N ARG B 629 13.54 -22.67 -32.36
CA ARG B 629 12.59 -21.56 -32.50
C ARG B 629 12.09 -21.39 -33.95
N PHE B 630 13.03 -21.25 -34.88
CA PHE B 630 12.75 -21.09 -36.29
C PHE B 630 11.84 -22.16 -36.82
N GLU B 631 12.24 -23.41 -36.64
CA GLU B 631 11.48 -24.48 -37.26
C GLU B 631 10.05 -24.64 -36.61
N ILE B 632 9.93 -24.27 -35.34
CA ILE B 632 8.67 -24.36 -34.61
C ILE B 632 7.62 -23.33 -35.07
N ILE B 633 8.10 -22.10 -35.25
CA ILE B 633 7.25 -21.00 -35.60
C ILE B 633 6.85 -21.04 -37.06
N LYS B 634 7.70 -21.63 -37.90
CA LYS B 634 7.43 -21.79 -39.32
C LYS B 634 6.33 -22.78 -39.49
N GLU B 635 6.34 -23.82 -38.66
CA GLU B 635 5.32 -24.85 -38.74
C GLU B 635 3.99 -24.27 -38.30
N ALA B 636 4.03 -23.39 -37.29
CA ALA B 636 2.84 -22.73 -36.76
C ALA B 636 2.25 -21.72 -37.77
N TYR B 637 3.11 -21.07 -38.50
CA TYR B 637 2.68 -20.15 -39.52
C TYR B 637 2.08 -20.88 -40.71
N MET B 638 2.53 -22.13 -40.93
CA MET B 638 2.03 -22.95 -42.02
C MET B 638 0.57 -23.29 -41.77
N ARG B 639 0.30 -23.94 -40.62
CA ARG B 639 -1.07 -24.20 -40.15
C ARG B 639 -1.88 -22.92 -40.13
N SER B 640 -1.32 -21.89 -39.53
CA SER B 640 -2.00 -20.62 -39.54
C SER B 640 -2.52 -20.16 -40.95
N LEU B 641 -1.70 -20.24 -41.99
CA LEU B 641 -2.20 -19.95 -43.33
C LEU B 641 -3.27 -20.92 -43.86
N ASN B 642 -3.09 -22.24 -43.70
CA ASN B 642 -4.15 -23.20 -44.10
C ASN B 642 -5.42 -23.01 -43.29
N ASN B 643 -5.32 -22.69 -42.01
CA ASN B 643 -6.54 -22.52 -41.24
C ASN B 643 -7.44 -21.44 -41.78
N PHE B 644 -7.01 -20.65 -42.75
CA PHE B 644 -7.98 -19.70 -43.30
C PHE B 644 -9.22 -20.31 -43.99
N ARG B 645 -9.08 -21.53 -44.52
CA ARG B 645 -10.20 -22.25 -45.12
C ARG B 645 -11.41 -22.36 -44.15
N ALA B 646 -11.14 -22.36 -42.83
CA ALA B 646 -12.19 -22.56 -41.82
C ALA B 646 -12.65 -21.27 -41.11
N GLU B 647 -12.26 -20.13 -41.63
CA GLU B 647 -12.84 -18.87 -41.24
C GLU B 647 -14.20 -18.73 -41.90
N GLN B 648 -14.92 -17.69 -41.55
CA GLN B 648 -16.29 -17.62 -41.99
C GLN B 648 -16.45 -17.09 -43.39
N PRO B 649 -17.53 -17.51 -44.08
CA PRO B 649 -17.88 -16.93 -45.39
C PRO B 649 -17.83 -15.42 -45.40
N HIS B 650 -18.50 -14.73 -44.48
CA HIS B 650 -18.48 -13.29 -44.61
C HIS B 650 -17.06 -12.72 -44.49
N GLN B 651 -16.19 -13.41 -43.76
CA GLN B 651 -14.79 -12.99 -43.73
C GLN B 651 -14.05 -13.32 -45.02
N HIS B 652 -14.24 -14.54 -45.53
CA HIS B 652 -13.78 -14.86 -46.86
C HIS B 652 -14.18 -13.78 -47.85
N ALA B 653 -15.44 -13.35 -47.89
CA ALA B 653 -15.77 -12.29 -48.84
C ALA B 653 -14.82 -11.11 -48.72
N MET B 654 -14.76 -10.51 -47.54
CA MET B 654 -14.00 -9.29 -47.35
C MET B 654 -12.57 -9.46 -47.88
N TYR B 655 -12.10 -10.69 -47.79
CA TYR B 655 -10.72 -10.95 -48.06
C TYR B 655 -10.43 -10.89 -49.58
N TYR B 656 -11.21 -11.67 -50.32
CA TYR B 656 -11.19 -11.64 -51.76
C TYR B 656 -11.36 -10.22 -52.22
N LEU B 657 -12.23 -9.46 -51.57
CA LEU B 657 -12.51 -8.13 -52.06
C LEU B 657 -11.27 -7.26 -51.92
N ARG B 658 -10.61 -7.33 -50.77
CA ARG B 658 -9.33 -6.68 -50.52
C ARG B 658 -8.34 -7.10 -51.65
N LEU B 659 -8.26 -8.40 -51.97
CA LEU B 659 -7.36 -8.90 -53.01
C LEU B 659 -7.72 -8.42 -54.38
N LEU B 660 -8.99 -8.33 -54.69
CA LEU B 660 -9.35 -7.85 -55.99
C LEU B 660 -9.04 -6.35 -56.10
N MET B 661 -9.15 -5.59 -55.02
CA MET B 661 -9.27 -4.19 -55.27
C MET B 661 -7.96 -3.42 -55.24
N THR B 662 -6.92 -4.05 -54.68
CA THR B 662 -5.63 -3.39 -54.39
C THR B 662 -4.56 -3.80 -55.38
N GLU B 663 -3.80 -2.81 -55.80
CA GLU B 663 -2.74 -3.01 -56.79
C GLU B 663 -1.90 -4.31 -56.61
N VAL B 664 -1.42 -4.54 -55.39
CA VAL B 664 -0.56 -5.68 -55.14
C VAL B 664 -0.93 -6.29 -53.80
N ALA B 665 -1.15 -7.61 -53.80
CA ALA B 665 -1.53 -8.32 -52.59
C ALA B 665 -1.24 -9.81 -52.77
N TRP B 666 -0.39 -10.39 -51.94
CA TRP B 666 -0.12 -11.82 -52.04
C TRP B 666 -1.22 -12.55 -51.32
N THR B 667 -1.64 -13.67 -51.89
CA THR B 667 -2.71 -14.47 -51.34
C THR B 667 -2.12 -15.50 -50.40
N LYS B 668 -2.97 -16.17 -49.62
CA LYS B 668 -2.53 -17.18 -48.69
C LYS B 668 -2.01 -18.40 -49.41
N ASP B 669 -2.51 -18.71 -50.61
CA ASP B 669 -1.97 -19.86 -51.35
C ASP B 669 -0.56 -19.51 -51.83
N GLU B 670 -0.44 -18.30 -52.34
CA GLU B 670 0.83 -17.78 -52.77
C GLU B 670 1.84 -17.84 -51.64
N LEU B 671 1.46 -17.28 -50.48
CA LEU B 671 2.31 -17.20 -49.30
C LEU B 671 2.68 -18.55 -48.76
N LYS B 672 1.78 -19.51 -48.91
CA LYS B 672 1.88 -20.83 -48.31
C LYS B 672 2.84 -21.70 -49.07
N GLU B 673 2.81 -21.56 -50.39
CA GLU B 673 3.61 -22.42 -51.24
C GLU B 673 5.03 -21.86 -51.32
N ALA B 674 5.12 -20.54 -51.17
CA ALA B 674 6.41 -19.83 -51.07
C ALA B 674 7.10 -19.98 -49.74
N LEU B 675 6.40 -20.55 -48.74
CA LEU B 675 6.93 -20.66 -47.39
C LEU B 675 7.84 -21.85 -47.22
N ASP B 676 7.61 -22.89 -48.01
CA ASP B 676 8.48 -24.08 -48.06
C ASP B 676 9.94 -23.65 -48.26
N ASP B 677 10.15 -22.46 -48.81
CA ASP B 677 11.45 -22.07 -49.30
C ASP B 677 12.32 -21.16 -48.46
N VAL B 678 11.67 -20.43 -47.52
CA VAL B 678 12.32 -19.81 -46.34
C VAL B 678 13.17 -20.86 -45.63
N THR B 679 14.47 -20.62 -45.60
CA THR B 679 15.43 -21.49 -44.91
C THR B 679 16.22 -20.62 -43.95
N LEU B 680 16.83 -21.25 -42.94
CA LEU B 680 17.61 -20.50 -41.99
C LEU B 680 18.49 -19.46 -42.69
N PRO B 681 19.47 -19.91 -43.50
CA PRO B 681 20.35 -18.93 -44.12
C PRO B 681 19.61 -17.84 -44.92
N ARG B 682 18.52 -18.19 -45.60
CA ARG B 682 17.85 -17.13 -46.33
C ARG B 682 17.23 -16.04 -45.46
N LEU B 683 16.75 -16.44 -44.28
CA LEU B 683 16.19 -15.51 -43.31
C LEU B 683 17.30 -14.66 -42.73
N LYS B 684 18.41 -15.34 -42.41
CA LYS B 684 19.60 -14.72 -41.84
C LYS B 684 20.10 -13.61 -42.78
N ALA B 685 20.09 -13.92 -44.08
CA ALA B 685 20.51 -12.96 -45.05
C ALA B 685 19.44 -11.90 -45.33
N PHE B 686 18.18 -12.26 -45.09
CA PHE B 686 17.11 -11.28 -45.22
C PHE B 686 17.16 -10.04 -44.26
N ILE B 687 17.56 -10.24 -43.02
CA ILE B 687 17.45 -9.17 -42.04
C ILE B 687 18.33 -7.95 -42.32
N PRO B 688 19.66 -8.12 -42.39
CA PRO B 688 20.47 -6.91 -42.68
C PRO B 688 20.04 -6.23 -44.01
N GLN B 689 19.76 -7.07 -45.01
CA GLN B 689 19.16 -6.63 -46.25
C GLN B 689 17.94 -5.74 -46.02
N LEU B 690 17.03 -6.19 -45.18
CA LEU B 690 15.81 -5.45 -44.89
C LEU B 690 16.10 -4.16 -44.15
N LEU B 691 17.00 -4.27 -43.19
CA LEU B 691 17.29 -3.16 -42.34
C LEU B 691 18.12 -2.09 -42.99
N SER B 692 18.80 -2.46 -44.07
CA SER B 692 19.86 -1.61 -44.64
C SER B 692 19.38 -0.29 -45.24
N ARG B 693 18.17 -0.24 -45.78
CA ARG B 693 17.70 1.03 -46.28
C ARG B 693 16.24 1.23 -45.88
N LEU B 694 16.02 2.31 -45.12
CA LEU B 694 14.77 2.59 -44.42
C LEU B 694 14.37 4.06 -44.52
N HIS B 695 13.08 4.29 -44.36
CA HIS B 695 12.59 5.58 -43.95
C HIS B 695 11.75 5.33 -42.71
N ILE B 696 11.79 6.25 -41.77
CA ILE B 696 10.97 6.11 -40.58
C ILE B 696 9.90 7.14 -40.57
N GLU B 697 8.66 6.77 -40.24
CA GLU B 697 7.69 7.81 -39.81
C GLU B 697 7.19 7.59 -38.38
N ALA B 698 7.21 8.64 -37.55
CA ALA B 698 6.80 8.50 -36.17
C ALA B 698 5.78 9.51 -35.71
N LEU B 699 4.92 9.03 -34.80
CA LEU B 699 4.05 9.87 -33.99
C LEU B 699 4.41 9.58 -32.54
N LEU B 700 4.89 10.60 -31.86
CA LEU B 700 5.20 10.45 -30.46
C LEU B 700 4.29 11.43 -29.80
N HIS B 701 3.41 10.90 -28.96
CA HIS B 701 2.27 11.63 -28.45
C HIS B 701 2.06 11.22 -27.02
N GLY B 702 1.98 12.21 -26.13
CA GLY B 702 1.76 11.94 -24.71
C GLY B 702 2.44 12.93 -23.81
N ASN B 703 2.92 12.40 -22.69
CA ASN B 703 3.58 13.15 -21.63
C ASN B 703 5.08 13.10 -21.85
N ILE B 704 5.54 13.84 -22.88
CA ILE B 704 6.96 14.03 -23.16
C ILE B 704 7.12 15.35 -23.90
N THR B 705 8.33 15.92 -23.83
CA THR B 705 8.61 17.25 -24.41
C THR B 705 9.26 17.14 -25.79
N LYS B 706 9.05 18.19 -26.61
CA LYS B 706 9.60 18.27 -27.99
C LYS B 706 11.05 17.81 -28.02
N GLN B 707 11.79 18.34 -27.07
CA GLN B 707 13.20 18.08 -26.97
C GLN B 707 13.45 16.61 -26.59
N ALA B 708 12.62 16.04 -25.72
CA ALA B 708 12.77 14.62 -25.37
C ALA B 708 12.41 13.76 -26.56
N ALA B 709 11.49 14.26 -27.37
CA ALA B 709 10.99 13.53 -28.53
C ALA B 709 12.10 13.31 -29.53
N LEU B 710 12.74 14.43 -29.89
CA LEU B 710 13.89 14.47 -30.78
C LEU B 710 14.95 13.49 -30.31
N GLY B 711 15.08 13.39 -29.00
CA GLY B 711 16.06 12.50 -28.41
C GLY B 711 15.71 11.03 -28.54
N ILE B 712 14.42 10.69 -28.54
CA ILE B 712 14.03 9.29 -28.75
C ILE B 712 14.24 8.92 -30.21
N MET B 713 13.76 9.79 -31.10
CA MET B 713 13.98 9.56 -32.51
C MET B 713 15.49 9.35 -32.77
N GLN B 714 16.29 10.28 -32.28
CA GLN B 714 17.73 10.19 -32.46
C GLN B 714 18.23 8.82 -31.97
N MET B 715 17.78 8.42 -30.81
CA MET B 715 18.21 7.15 -30.25
C MET B 715 17.81 5.96 -31.16
N VAL B 716 16.67 6.09 -31.85
CA VAL B 716 16.19 5.08 -32.78
C VAL B 716 17.08 5.01 -34.01
N GLU B 717 17.29 6.13 -34.70
CA GLU B 717 18.20 6.13 -35.84
C GLU B 717 19.62 5.70 -35.44
N ASP B 718 20.13 6.27 -34.35
CA ASP B 718 21.49 5.98 -33.93
C ASP B 718 21.72 4.52 -33.69
N THR B 719 20.76 3.84 -33.09
CA THR B 719 20.90 2.39 -32.90
C THR B 719 20.82 1.61 -34.22
N LEU B 720 20.02 2.11 -35.14
CA LEU B 720 19.92 1.49 -36.46
C LEU B 720 21.16 1.72 -37.30
N ILE B 721 21.47 3.02 -37.53
CA ILE B 721 22.72 3.45 -38.15
C ILE B 721 23.92 2.68 -37.66
N GLU B 722 24.07 2.51 -36.34
CA GLU B 722 25.25 1.84 -35.78
C GLU B 722 25.29 0.31 -35.87
N HIS B 723 24.15 -0.34 -35.75
CA HIS B 723 24.16 -1.79 -35.72
C HIS B 723 23.77 -2.41 -37.06
N ALA B 724 23.13 -1.61 -37.89
CA ALA B 724 22.56 -2.12 -39.13
C ALA B 724 23.04 -1.31 -40.33
N HIS B 725 23.84 -0.28 -40.05
CA HIS B 725 24.37 0.56 -41.11
C HIS B 725 23.23 1.09 -41.95
N THR B 726 22.17 1.53 -41.29
CA THR B 726 21.00 1.93 -42.02
C THR B 726 21.24 3.25 -42.76
N LYS B 727 21.00 3.23 -44.07
CA LYS B 727 21.07 4.40 -44.94
C LYS B 727 19.67 4.78 -45.49
N PRO B 728 19.44 6.10 -45.75
CA PRO B 728 18.07 6.49 -46.09
C PRO B 728 17.66 6.14 -47.52
N LEU B 729 16.37 6.28 -47.78
CA LEU B 729 15.70 5.80 -48.97
C LEU B 729 15.40 6.99 -49.86
N LEU B 730 15.31 6.75 -51.16
CA LEU B 730 15.07 7.84 -52.07
C LEU B 730 13.59 8.17 -52.12
N PRO B 731 13.23 9.48 -52.19
CA PRO B 731 11.82 9.85 -52.15
C PRO B 731 10.94 9.02 -53.11
N SER B 732 11.42 8.74 -54.31
CA SER B 732 10.63 7.96 -55.28
C SER B 732 10.51 6.48 -54.92
N GLN B 733 11.18 6.06 -53.85
CA GLN B 733 11.22 4.68 -53.54
C GLN B 733 10.13 4.39 -52.53
N LEU B 734 9.41 5.42 -52.11
CA LEU B 734 8.33 5.26 -51.14
C LEU B 734 6.96 5.22 -51.78
N VAL B 735 6.63 4.13 -52.48
CA VAL B 735 5.33 3.98 -53.18
C VAL B 735 4.17 3.43 -52.31
N ARG B 736 3.03 4.12 -52.36
CA ARG B 736 1.80 3.59 -51.83
C ARG B 736 1.03 2.86 -52.92
N TYR B 737 0.42 1.71 -52.62
CA TYR B 737 -0.43 1.02 -53.58
C TYR B 737 -1.70 1.78 -53.93
N ARG B 738 -2.23 1.51 -55.12
CA ARG B 738 -3.46 2.16 -55.60
C ARG B 738 -4.64 1.19 -55.65
N GLU B 739 -5.84 1.73 -55.75
CA GLU B 739 -6.98 0.88 -55.98
C GLU B 739 -7.38 0.83 -57.46
N VAL B 740 -7.70 -0.40 -57.91
CA VAL B 740 -8.26 -0.68 -59.21
C VAL B 740 -9.42 0.26 -59.42
N GLN B 741 -9.46 0.87 -60.60
CA GLN B 741 -10.52 1.80 -60.94
C GLN B 741 -11.51 1.05 -61.84
N LEU B 742 -12.79 1.15 -61.49
CA LEU B 742 -13.85 0.34 -62.07
C LEU B 742 -14.59 1.14 -63.14
N PRO B 743 -14.98 0.47 -64.23
CA PRO B 743 -15.53 1.22 -65.36
C PRO B 743 -16.95 1.68 -65.03
N ASP B 744 -17.31 2.90 -65.48
CA ASP B 744 -18.71 3.41 -65.44
C ASP B 744 -19.72 2.36 -65.92
N ARG B 745 -20.65 1.94 -65.06
CA ARG B 745 -21.72 1.00 -65.43
C ARG B 745 -21.28 -0.46 -65.46
N GLY B 746 -20.07 -0.75 -65.01
CA GLY B 746 -19.65 -2.14 -65.07
C GLY B 746 -20.17 -2.88 -63.86
N TRP B 747 -20.25 -4.19 -63.97
CA TRP B 747 -20.49 -5.01 -62.79
C TRP B 747 -19.80 -6.36 -62.90
N PHE B 748 -19.08 -6.66 -61.83
CA PHE B 748 -18.21 -7.80 -61.76
C PHE B 748 -18.52 -8.71 -60.56
N VAL B 749 -18.49 -10.01 -60.80
CA VAL B 749 -18.77 -10.97 -59.77
C VAL B 749 -17.60 -11.95 -59.70
N TYR B 750 -17.07 -12.14 -58.49
CA TYR B 750 -16.07 -13.20 -58.19
C TYR B 750 -16.71 -14.20 -57.23
N GLN B 751 -16.41 -15.48 -57.43
CA GLN B 751 -17.16 -16.56 -56.81
C GLN B 751 -16.25 -17.65 -56.24
N GLN B 752 -16.42 -18.00 -54.97
CA GLN B 752 -15.64 -19.04 -54.35
C GLN B 752 -16.52 -19.85 -53.41
N ARG B 753 -16.00 -20.98 -52.96
CA ARG B 753 -16.72 -21.79 -52.00
C ARG B 753 -16.02 -21.70 -50.66
N ASN B 754 -16.74 -22.05 -49.59
CA ASN B 754 -16.16 -22.17 -48.29
C ASN B 754 -16.24 -23.64 -47.96
N GLU B 755 -15.13 -24.33 -47.85
CA GLU B 755 -15.21 -25.80 -47.76
C GLU B 755 -15.69 -26.25 -46.40
N VAL B 756 -16.04 -25.30 -45.52
CA VAL B 756 -16.26 -25.63 -44.09
C VAL B 756 -17.63 -25.26 -43.54
N HIS B 757 -18.02 -24.02 -43.80
CA HIS B 757 -19.26 -23.55 -43.30
C HIS B 757 -20.36 -23.84 -44.30
N ASN B 758 -21.51 -24.25 -43.78
CA ASN B 758 -22.64 -24.43 -44.65
C ASN B 758 -23.53 -23.19 -44.68
N ASN B 759 -22.92 -22.01 -44.63
CA ASN B 759 -23.61 -20.77 -44.94
C ASN B 759 -22.85 -20.08 -46.03
N SER B 760 -23.43 -19.07 -46.64
CA SER B 760 -22.76 -18.36 -47.69
C SER B 760 -22.57 -16.91 -47.26
N GLY B 761 -21.57 -16.26 -47.86
CA GLY B 761 -21.33 -14.83 -47.65
C GLY B 761 -21.37 -13.99 -48.91
N ILE B 762 -21.54 -12.69 -48.72
CA ILE B 762 -21.45 -11.75 -49.81
C ILE B 762 -20.91 -10.37 -49.41
N GLU B 763 -20.06 -9.80 -50.25
CA GLU B 763 -19.83 -8.37 -50.18
C GLU B 763 -20.18 -7.68 -51.51
N ILE B 764 -20.74 -6.50 -51.37
CA ILE B 764 -21.10 -5.73 -52.50
C ILE B 764 -20.48 -4.37 -52.30
N TYR B 765 -19.67 -3.98 -53.29
CA TYR B 765 -18.96 -2.76 -53.20
C TYR B 765 -19.40 -1.89 -54.35
N TYR B 766 -19.89 -0.72 -53.98
CA TYR B 766 -20.37 0.27 -54.90
C TYR B 766 -19.31 1.32 -54.87
N GLN B 767 -18.28 1.15 -55.68
CA GLN B 767 -17.21 2.13 -55.67
C GLN B 767 -17.68 3.54 -56.11
N THR B 768 -17.36 4.57 -55.33
CA THR B 768 -17.68 5.94 -55.75
C THR B 768 -16.54 6.78 -56.33
N ASP B 769 -15.62 7.27 -55.52
CA ASP B 769 -14.47 8.07 -56.00
C ASP B 769 -13.31 8.14 -54.98
N MET B 770 -12.36 9.02 -55.27
CA MET B 770 -11.30 9.35 -54.36
C MET B 770 -11.89 10.10 -53.20
N GLN B 771 -11.24 10.02 -52.06
CA GLN B 771 -11.74 10.74 -50.93
C GLN B 771 -11.52 12.21 -51.18
N SER B 772 -12.34 13.01 -50.50
CA SER B 772 -12.35 14.46 -50.54
C SER B 772 -13.45 14.90 -49.57
N THR B 773 -13.44 16.16 -49.18
CA THR B 773 -14.44 16.64 -48.26
C THR B 773 -15.88 16.45 -48.80
N SER B 774 -16.11 16.75 -50.08
CA SER B 774 -17.45 16.53 -50.67
C SER B 774 -17.83 15.03 -50.81
N GLU B 775 -17.03 14.29 -51.58
CA GLU B 775 -17.31 12.89 -51.80
C GLU B 775 -17.42 12.11 -50.47
N ASN B 776 -16.54 12.42 -49.51
CA ASN B 776 -16.61 11.78 -48.20
C ASN B 776 -17.93 11.99 -47.53
N MET B 777 -18.38 13.24 -47.50
CA MET B 777 -19.62 13.55 -46.80
C MET B 777 -20.92 13.10 -47.51
N PHE B 778 -20.97 13.15 -48.83
CA PHE B 778 -22.11 12.54 -49.50
C PHE B 778 -22.27 11.12 -48.99
N LEU B 779 -21.19 10.36 -49.15
CA LEU B 779 -21.18 8.96 -48.79
C LEU B 779 -21.52 8.71 -47.33
N GLU B 780 -20.83 9.36 -46.39
CA GLU B 780 -21.05 9.14 -44.97
C GLU B 780 -22.46 9.43 -44.53
N LEU B 781 -23.13 10.40 -45.16
CA LEU B 781 -24.52 10.82 -44.82
C LEU B 781 -25.56 9.84 -45.36
N PHE B 782 -25.36 9.48 -46.61
CA PHE B 782 -26.14 8.43 -47.20
C PHE B 782 -26.05 7.21 -46.29
N ALA B 783 -24.84 6.76 -46.03
CA ALA B 783 -24.63 5.55 -45.25
C ALA B 783 -25.42 5.62 -43.94
N GLN B 784 -25.49 6.83 -43.38
CA GLN B 784 -26.17 7.15 -42.11
C GLN B 784 -27.66 6.95 -42.26
N ILE B 785 -28.19 7.52 -43.34
CA ILE B 785 -29.60 7.50 -43.58
C ILE B 785 -30.14 6.08 -43.73
N ILE B 786 -29.38 5.27 -44.47
CA ILE B 786 -29.83 3.95 -44.85
C ILE B 786 -29.38 2.94 -43.81
N SER B 787 -28.54 3.39 -42.89
CA SER B 787 -27.98 2.51 -41.85
C SER B 787 -28.90 1.47 -41.17
N GLU B 788 -29.85 1.93 -40.38
CA GLU B 788 -30.67 0.96 -39.63
C GLU B 788 -31.86 0.45 -40.47
N PRO B 789 -32.37 1.29 -41.40
CA PRO B 789 -33.32 0.70 -42.35
C PRO B 789 -32.72 -0.55 -42.96
N ALA B 790 -31.44 -0.47 -43.32
CA ALA B 790 -30.72 -1.58 -43.93
C ALA B 790 -30.81 -2.81 -43.07
N PHE B 791 -30.57 -2.62 -41.78
CA PHE B 791 -30.58 -3.70 -40.80
C PHE B 791 -32.01 -4.16 -40.53
N ASN B 792 -32.93 -3.19 -40.45
CA ASN B 792 -34.33 -3.52 -40.18
C ASN B 792 -34.94 -4.36 -41.25
N THR B 793 -34.75 -3.96 -42.51
CA THR B 793 -35.30 -4.69 -43.64
C THR B 793 -34.63 -6.03 -43.87
N LEU B 794 -33.31 -6.01 -43.88
CA LEU B 794 -32.56 -7.15 -44.36
C LEU B 794 -32.43 -8.23 -43.31
N ARG B 795 -32.31 -7.78 -42.04
CA ARG B 795 -32.30 -8.72 -40.90
C ARG B 795 -33.68 -8.87 -40.21
N THR B 796 -34.08 -7.84 -39.45
CA THR B 796 -35.28 -7.88 -38.62
C THR B 796 -36.52 -8.31 -39.39
N LYS B 797 -36.69 -7.78 -40.59
CA LYS B 797 -37.82 -8.15 -41.44
C LYS B 797 -37.60 -9.45 -42.21
N GLU B 798 -36.67 -9.42 -43.16
CA GLU B 798 -36.50 -10.50 -44.13
C GLU B 798 -35.70 -11.65 -43.56
N GLN B 799 -34.95 -11.42 -42.49
CA GLN B 799 -34.25 -12.51 -41.79
C GLN B 799 -33.27 -13.33 -42.64
N LEU B 800 -32.44 -12.63 -43.42
CA LEU B 800 -31.42 -13.25 -44.23
C LEU B 800 -30.29 -13.95 -43.41
N GLY B 801 -29.75 -13.25 -42.42
CA GLY B 801 -28.82 -13.87 -41.47
C GLY B 801 -28.65 -13.02 -40.20
N TYR B 802 -27.95 -13.58 -39.22
CA TYR B 802 -27.55 -12.81 -38.04
C TYR B 802 -26.69 -11.62 -38.47
N ILE B 803 -25.80 -11.88 -39.43
CA ILE B 803 -24.86 -10.88 -39.88
C ILE B 803 -25.34 -10.18 -41.10
N VAL B 804 -25.46 -8.86 -40.98
CA VAL B 804 -25.92 -8.00 -42.05
C VAL B 804 -25.38 -6.65 -41.71
N PHE B 805 -24.49 -6.14 -42.55
CA PHE B 805 -23.77 -4.94 -42.26
C PHE B 805 -23.87 -4.05 -43.49
N SER B 806 -23.86 -2.74 -43.27
CA SER B 806 -23.86 -1.78 -44.37
C SER B 806 -23.02 -0.58 -43.92
N GLY B 807 -22.45 0.17 -44.84
CA GLY B 807 -21.54 1.24 -44.42
C GLY B 807 -20.48 1.58 -45.43
N PRO B 808 -19.71 2.68 -45.17
CA PRO B 808 -18.59 3.08 -46.02
C PRO B 808 -17.50 1.99 -46.22
N ARG B 809 -16.84 1.98 -47.39
CA ARG B 809 -15.54 1.32 -47.47
C ARG B 809 -14.50 2.33 -47.92
N ARG B 810 -13.41 2.43 -47.14
CA ARG B 810 -12.29 3.33 -47.41
C ARG B 810 -10.97 2.60 -47.59
N ALA B 811 -10.31 2.77 -48.76
CA ALA B 811 -9.01 2.08 -49.07
C ALA B 811 -8.08 2.74 -50.12
N ASN B 812 -6.78 2.76 -49.83
CA ASN B 812 -5.80 3.29 -50.74
C ASN B 812 -6.19 4.67 -51.24
N GLY B 813 -7.16 5.31 -50.58
CA GLY B 813 -7.51 6.70 -50.83
C GLY B 813 -8.90 6.83 -51.43
N ILE B 814 -9.48 5.69 -51.74
CA ILE B 814 -10.75 5.58 -52.47
C ILE B 814 -11.83 5.21 -51.49
N GLN B 815 -13.09 5.28 -51.98
CA GLN B 815 -14.23 4.94 -51.17
C GLN B 815 -15.44 4.59 -52.00
N GLY B 816 -16.41 4.02 -51.30
CA GLY B 816 -17.72 3.69 -51.82
C GLY B 816 -18.53 3.04 -50.69
N LEU B 817 -19.57 2.32 -51.09
CA LEU B 817 -20.52 1.78 -50.15
C LEU B 817 -20.52 0.30 -50.29
N ARG B 818 -20.56 -0.38 -49.15
CA ARG B 818 -20.53 -1.81 -49.20
C ARG B 818 -21.54 -2.48 -48.28
N PHE B 819 -21.93 -3.70 -48.66
CA PHE B 819 -22.92 -4.47 -47.97
C PHE B 819 -22.35 -5.82 -47.73
N ILE B 820 -22.47 -6.28 -46.48
CA ILE B 820 -22.04 -7.62 -46.13
C ILE B 820 -23.12 -8.44 -45.47
N ILE B 821 -23.34 -9.64 -46.01
CA ILE B 821 -24.27 -10.58 -45.44
C ILE B 821 -23.79 -12.04 -45.27
N GLN B 822 -24.15 -12.64 -44.14
CA GLN B 822 -23.99 -14.07 -44.01
C GLN B 822 -25.34 -14.73 -43.84
N SER B 823 -25.60 -15.75 -44.64
CA SER B 823 -26.97 -16.20 -44.90
C SER B 823 -27.01 -17.67 -45.26
N GLU B 824 -28.15 -18.31 -45.01
CA GLU B 824 -28.32 -19.69 -45.42
C GLU B 824 -28.81 -19.67 -46.85
N LYS B 825 -29.45 -18.56 -47.24
CA LYS B 825 -29.82 -18.33 -48.65
C LYS B 825 -28.57 -18.20 -49.53
N PRO B 826 -28.69 -18.51 -50.84
CA PRO B 826 -27.64 -18.32 -51.82
C PRO B 826 -27.40 -16.85 -52.20
N PRO B 827 -26.15 -16.49 -52.52
CA PRO B 827 -25.77 -15.11 -52.79
C PRO B 827 -26.48 -14.45 -53.94
N HIS B 828 -26.62 -15.11 -55.10
CA HIS B 828 -27.33 -14.50 -56.25
C HIS B 828 -28.70 -13.86 -55.82
N TYR B 829 -29.24 -14.41 -54.74
CA TYR B 829 -30.52 -14.02 -54.20
C TYR B 829 -30.38 -12.77 -53.33
N LEU B 830 -29.37 -12.80 -52.45
CA LEU B 830 -29.15 -11.70 -51.53
C LEU B 830 -28.97 -10.42 -52.33
N GLU B 831 -28.15 -10.49 -53.38
CA GLU B 831 -28.07 -9.44 -54.39
C GLU B 831 -29.43 -8.80 -54.78
N SER B 832 -30.43 -9.60 -55.11
CA SER B 832 -31.74 -9.04 -55.45
C SER B 832 -32.30 -8.20 -54.31
N ARG B 833 -32.28 -8.80 -53.13
CA ARG B 833 -32.85 -8.21 -51.94
C ARG B 833 -32.12 -6.93 -51.55
N VAL B 834 -30.79 -6.95 -51.68
CA VAL B 834 -29.98 -5.72 -51.50
C VAL B 834 -30.39 -4.62 -52.51
N GLU B 835 -30.61 -5.03 -53.74
CA GLU B 835 -31.07 -4.14 -54.78
C GLU B 835 -32.44 -3.67 -54.51
N ALA B 836 -33.28 -4.55 -53.99
CA ALA B 836 -34.69 -4.26 -53.79
C ALA B 836 -34.85 -3.14 -52.80
N PHE B 837 -34.10 -3.33 -51.72
CA PHE B 837 -34.03 -2.43 -50.61
C PHE B 837 -33.54 -1.06 -51.03
N LEU B 838 -32.66 -1.05 -52.02
CA LEU B 838 -32.00 0.16 -52.43
C LEU B 838 -33.02 1.10 -53.00
N ILE B 839 -34.06 0.52 -53.60
CA ILE B 839 -35.18 1.28 -54.15
C ILE B 839 -36.16 1.81 -53.08
N THR B 840 -36.63 0.91 -52.22
CA THR B 840 -37.28 1.23 -50.94
C THR B 840 -36.68 2.50 -50.34
N MET B 841 -35.36 2.58 -50.41
CA MET B 841 -34.64 3.61 -49.75
C MET B 841 -34.67 4.87 -50.59
N GLU B 842 -34.72 4.70 -51.91
CA GLU B 842 -34.75 5.83 -52.82
C GLU B 842 -36.04 6.56 -52.54
N LYS B 843 -37.13 5.79 -52.56
CA LYS B 843 -38.46 6.30 -52.30
C LYS B 843 -38.51 6.93 -50.91
N SER B 844 -38.07 6.18 -49.90
CA SER B 844 -38.06 6.65 -48.49
C SER B 844 -37.47 8.03 -48.29
N ILE B 845 -36.64 8.44 -49.24
CA ILE B 845 -35.97 9.74 -49.15
C ILE B 845 -36.76 10.82 -49.85
N GLU B 846 -37.39 10.51 -50.98
CA GLU B 846 -38.32 11.47 -51.57
C GLU B 846 -39.44 11.85 -50.57
N ASP B 847 -39.80 10.90 -49.72
CA ASP B 847 -40.94 11.04 -48.82
C ASP B 847 -40.58 11.42 -47.38
N MET B 848 -39.31 11.68 -47.10
CA MET B 848 -38.93 12.10 -45.74
C MET B 848 -38.86 13.61 -45.62
N THR B 849 -39.24 14.10 -44.45
CA THR B 849 -39.35 15.52 -44.21
C THR B 849 -37.98 16.21 -44.14
N GLU B 850 -38.00 17.52 -43.95
CA GLU B 850 -36.85 18.27 -43.45
C GLU B 850 -36.51 17.88 -41.98
N GLU B 851 -37.51 17.39 -41.28
CA GLU B 851 -37.41 16.97 -39.90
C GLU B 851 -36.42 15.82 -39.83
N ALA B 852 -36.79 14.73 -40.51
CA ALA B 852 -36.10 13.46 -40.44
C ALA B 852 -34.65 13.59 -40.94
N PHE B 853 -34.49 14.36 -42.01
CA PHE B 853 -33.21 14.63 -42.62
C PHE B 853 -32.23 15.39 -41.68
N GLN B 854 -32.67 16.52 -41.15
CA GLN B 854 -31.78 17.27 -40.28
C GLN B 854 -31.34 16.45 -39.09
N LYS B 855 -32.18 15.49 -38.67
CA LYS B 855 -31.84 14.63 -37.52
C LYS B 855 -30.70 13.71 -37.87
N HIS B 856 -30.66 13.28 -39.14
CA HIS B 856 -29.56 12.45 -39.63
C HIS B 856 -28.24 13.24 -39.72
N ILE B 857 -28.26 14.36 -40.45
CA ILE B 857 -27.17 15.32 -40.41
C ILE B 857 -26.67 15.49 -38.97
N GLN B 858 -27.61 15.69 -38.06
CA GLN B 858 -27.29 16.00 -36.70
C GLN B 858 -26.69 14.76 -35.99
N ALA B 859 -27.16 13.56 -36.30
CA ALA B 859 -26.60 12.38 -35.66
C ALA B 859 -25.21 12.12 -36.20
N LEU B 860 -25.04 12.30 -37.51
CA LEU B 860 -23.73 12.14 -38.13
C LEU B 860 -22.72 13.06 -37.46
N ALA B 861 -23.04 14.35 -37.48
CA ALA B 861 -22.23 15.38 -36.84
C ALA B 861 -21.85 14.94 -35.43
N ILE B 862 -22.83 14.63 -34.60
CA ILE B 862 -22.48 14.20 -33.27
C ILE B 862 -21.50 13.01 -33.21
N ARG B 863 -21.75 11.96 -34.01
CA ARG B 863 -20.82 10.82 -34.18
C ARG B 863 -19.40 11.29 -34.49
N ARG B 864 -19.27 12.09 -35.56
CA ARG B 864 -17.96 12.49 -36.05
C ARG B 864 -17.21 13.35 -35.08
N LEU B 865 -17.87 14.31 -34.46
CA LEU B 865 -17.21 15.25 -33.58
C LEU B 865 -17.05 14.79 -32.14
N ASP B 866 -17.24 13.50 -31.90
CA ASP B 866 -17.19 12.94 -30.57
C ASP B 866 -15.77 13.02 -30.01
N LYS B 867 -15.60 13.75 -28.89
CA LYS B 867 -14.28 13.91 -28.25
C LYS B 867 -13.63 12.55 -27.92
N PRO B 868 -12.31 12.40 -28.15
CA PRO B 868 -11.61 11.20 -27.66
C PRO B 868 -11.54 11.14 -26.11
N LYS B 869 -11.89 10.02 -25.47
CA LYS B 869 -11.87 10.02 -23.99
C LYS B 869 -10.56 9.53 -23.38
N LYS B 870 -9.68 8.93 -24.18
CA LYS B 870 -8.33 8.57 -23.69
C LYS B 870 -7.21 8.78 -24.68
N LEU B 871 -5.99 8.73 -24.20
CA LEU B 871 -4.86 9.08 -25.03
C LEU B 871 -4.81 8.27 -26.32
N SER B 872 -4.82 6.95 -26.24
CA SER B 872 -4.63 6.16 -27.45
C SER B 872 -5.78 6.23 -28.43
N ALA B 873 -6.94 6.66 -27.96
CA ALA B 873 -8.01 7.04 -28.89
C ALA B 873 -7.62 8.30 -29.67
N GLU B 874 -7.14 9.32 -28.97
CA GLU B 874 -6.64 10.50 -29.66
C GLU B 874 -5.51 10.16 -30.65
N SER B 875 -4.57 9.31 -30.23
CA SER B 875 -3.43 8.89 -31.06
C SER B 875 -3.89 8.20 -32.35
N ALA B 876 -4.78 7.22 -32.19
CA ALA B 876 -5.27 6.42 -33.29
C ALA B 876 -5.75 7.33 -34.38
N LYS B 877 -6.47 8.35 -33.96
CA LYS B 877 -7.02 9.33 -34.85
C LYS B 877 -5.95 10.00 -35.71
N TYR B 878 -4.89 10.51 -35.08
CA TYR B 878 -3.81 11.17 -35.83
C TYR B 878 -3.11 10.18 -36.75
N TRP B 879 -2.78 9.02 -36.19
CA TRP B 879 -2.11 7.94 -36.91
C TRP B 879 -2.85 7.61 -38.21
N GLY B 880 -4.17 7.62 -38.17
CA GLY B 880 -4.95 7.43 -39.37
C GLY B 880 -4.58 8.44 -40.44
N GLU B 881 -4.50 9.71 -40.09
CA GLU B 881 -4.09 10.77 -41.00
C GLU B 881 -2.68 10.53 -41.54
N ILE B 882 -1.77 10.15 -40.62
CA ILE B 882 -0.38 9.84 -40.96
C ILE B 882 -0.17 8.64 -41.91
N ILE B 883 -0.67 7.44 -41.59
CA ILE B 883 -0.48 6.34 -42.50
C ILE B 883 -1.20 6.56 -43.84
N SER B 884 -2.39 7.13 -43.80
CA SER B 884 -3.10 7.40 -45.02
C SER B 884 -2.42 8.50 -45.83
N GLN B 885 -1.43 9.16 -45.24
CA GLN B 885 -0.71 10.31 -45.86
C GLN B 885 -1.61 11.51 -46.15
N GLN B 886 -2.64 11.70 -45.35
CA GLN B 886 -3.60 12.73 -45.68
C GLN B 886 -3.37 13.87 -44.76
N TYR B 887 -2.88 13.53 -43.57
CA TYR B 887 -2.35 14.53 -42.64
C TYR B 887 -3.37 15.59 -42.26
N ASN B 888 -4.66 15.30 -42.36
CA ASN B 888 -5.67 16.31 -42.08
C ASN B 888 -6.19 16.31 -40.64
N PHE B 889 -5.50 16.98 -39.73
CA PHE B 889 -5.78 16.79 -38.32
C PHE B 889 -7.01 17.49 -37.80
N ASP B 890 -7.43 18.50 -38.55
CA ASP B 890 -8.62 19.30 -38.23
C ASP B 890 -9.78 18.81 -39.13
N ARG B 891 -9.68 17.57 -39.59
CA ARG B 891 -10.59 16.97 -40.57
C ARG B 891 -12.04 17.15 -40.22
N ASP B 892 -12.37 16.78 -38.97
CA ASP B 892 -13.74 16.64 -38.47
C ASP B 892 -14.53 17.92 -38.50
N ASN B 893 -13.91 19.00 -38.03
CA ASN B 893 -14.54 20.31 -38.07
C ASN B 893 -14.82 20.79 -39.49
N THR B 894 -13.78 20.74 -40.33
CA THR B 894 -13.90 21.01 -41.74
C THR B 894 -15.05 20.24 -42.41
N GLU B 895 -15.15 18.96 -42.11
CA GLU B 895 -16.07 18.08 -42.81
C GLU B 895 -17.49 18.18 -42.28
N VAL B 896 -17.61 18.30 -40.96
CA VAL B 896 -18.91 18.54 -40.34
C VAL B 896 -19.49 19.89 -40.80
N ALA B 897 -18.65 20.94 -40.86
CA ALA B 897 -19.06 22.24 -41.36
C ALA B 897 -19.58 22.09 -42.75
N TYR B 898 -18.93 21.29 -43.57
CA TYR B 898 -19.46 21.04 -44.90
C TYR B 898 -20.74 20.21 -44.86
N LEU B 899 -20.74 19.12 -44.08
CA LEU B 899 -21.94 18.31 -43.89
C LEU B 899 -23.24 19.14 -43.71
N LYS B 900 -23.18 20.16 -42.87
CA LYS B 900 -24.36 20.97 -42.57
C LYS B 900 -24.94 21.68 -43.79
N THR B 901 -24.10 22.04 -44.76
CA THR B 901 -24.51 22.59 -46.07
C THR B 901 -25.47 21.69 -46.83
N LEU B 902 -25.26 20.39 -46.72
CA LEU B 902 -25.87 19.37 -47.59
C LEU B 902 -27.39 19.29 -47.54
N THR B 903 -28.00 19.33 -48.72
CA THR B 903 -29.46 19.31 -48.84
C THR B 903 -29.93 17.98 -49.39
N LYS B 904 -31.12 17.56 -48.94
CA LYS B 904 -31.75 16.30 -49.34
C LYS B 904 -31.70 16.20 -50.86
N GLU B 905 -31.73 17.35 -51.49
CA GLU B 905 -31.71 17.42 -52.91
C GLU B 905 -30.35 16.90 -53.43
N ASP B 906 -29.27 17.35 -52.78
CA ASP B 906 -27.91 16.98 -53.13
C ASP B 906 -27.71 15.48 -53.00
N ILE B 907 -28.17 14.91 -51.89
CA ILE B 907 -28.11 13.46 -51.66
C ILE B 907 -28.79 12.69 -52.76
N ILE B 908 -29.97 13.15 -53.14
CA ILE B 908 -30.71 12.50 -54.20
C ILE B 908 -29.85 12.46 -55.44
N LYS B 909 -29.41 13.64 -55.88
CA LYS B 909 -28.50 13.76 -57.06
C LYS B 909 -27.42 12.68 -57.06
N PHE B 910 -26.63 12.71 -55.98
CA PHE B 910 -25.58 11.74 -55.68
C PHE B 910 -25.99 10.27 -55.82
N TYR B 911 -27.14 9.91 -55.23
CA TYR B 911 -27.67 8.56 -55.37
C TYR B 911 -27.98 8.24 -56.83
N LYS B 912 -28.53 9.21 -57.54
CA LYS B 912 -28.97 8.97 -58.88
C LYS B 912 -27.81 9.00 -59.85
N GLU B 913 -26.73 9.71 -59.52
CA GLU B 913 -25.50 9.60 -60.34
C GLU B 913 -24.60 8.35 -60.09
N MET B 914 -24.59 7.85 -58.85
CA MET B 914 -23.59 6.85 -58.43
C MET B 914 -24.04 5.45 -58.08
N LEU B 915 -25.15 5.32 -57.34
CA LEU B 915 -25.55 4.02 -56.75
C LEU B 915 -26.79 3.37 -57.37
N ALA B 916 -27.73 4.18 -57.84
CA ALA B 916 -28.98 3.65 -58.39
C ALA B 916 -28.63 2.66 -59.47
N VAL B 917 -29.52 1.72 -59.74
CA VAL B 917 -29.25 0.64 -60.71
C VAL B 917 -29.04 1.10 -62.18
N ASP B 918 -29.45 2.33 -62.48
CA ASP B 918 -29.48 2.92 -63.85
C ASP B 918 -28.56 4.15 -63.89
N ALA B 919 -27.80 4.28 -62.81
CA ALA B 919 -26.83 5.35 -62.64
C ALA B 919 -25.75 5.24 -63.74
N PRO B 920 -25.37 6.40 -64.31
CA PRO B 920 -24.31 6.46 -65.36
C PRO B 920 -22.91 6.10 -64.84
N ARG B 921 -22.66 6.35 -63.55
CA ARG B 921 -21.36 6.12 -62.93
C ARG B 921 -21.40 5.00 -61.90
N ARG B 922 -22.22 3.99 -62.12
CA ARG B 922 -22.34 2.93 -61.17
C ARG B 922 -21.18 1.93 -61.35
N HIS B 923 -20.36 1.79 -60.30
CA HIS B 923 -19.25 0.86 -60.32
C HIS B 923 -19.44 -0.28 -59.33
N LYS B 924 -19.87 -1.43 -59.85
CA LYS B 924 -20.23 -2.48 -58.94
C LYS B 924 -19.38 -3.75 -58.91
N VAL B 925 -18.79 -4.06 -57.76
CA VAL B 925 -18.19 -5.39 -57.59
C VAL B 925 -18.82 -6.18 -56.47
N SER B 926 -18.84 -7.49 -56.66
CA SER B 926 -19.50 -8.43 -55.79
C SER B 926 -18.72 -9.70 -55.58
N VAL B 927 -18.48 -10.01 -54.30
CA VAL B 927 -17.87 -11.30 -53.92
C VAL B 927 -18.91 -12.32 -53.39
N HIS B 928 -19.04 -13.45 -54.07
CA HIS B 928 -19.98 -14.49 -53.68
C HIS B 928 -19.23 -15.68 -53.09
N VAL B 929 -19.50 -15.97 -51.81
CA VAL B 929 -18.94 -17.17 -51.21
C VAL B 929 -20.05 -18.15 -50.92
N LEU B 930 -20.08 -19.26 -51.65
CA LEU B 930 -21.10 -20.27 -51.53
C LEU B 930 -20.87 -21.10 -50.29
N ALA B 931 -21.94 -21.51 -49.65
CA ALA B 931 -21.90 -22.43 -48.53
C ALA B 931 -21.24 -23.73 -48.93
N ARG B 932 -20.90 -24.54 -47.93
CA ARG B 932 -20.27 -25.81 -48.21
C ARG B 932 -20.98 -26.64 -49.31
N GLU B 933 -22.32 -26.66 -49.37
CA GLU B 933 -23.02 -27.57 -50.33
C GLU B 933 -23.83 -26.96 -51.49
N MET B 934 -23.72 -25.67 -51.78
CA MET B 934 -24.51 -25.10 -52.91
C MET B 934 -23.87 -25.40 -54.28
N ASP B 935 -24.46 -24.93 -55.40
CA ASP B 935 -23.76 -25.00 -56.74
C ASP B 935 -24.32 -24.07 -57.84
N SER B 936 -23.62 -22.94 -58.09
CA SER B 936 -23.96 -21.97 -59.18
C SER B 936 -24.91 -22.48 -60.29
N ASN B 950 -45.71 -11.08 -48.22
CA ASN B 950 -44.87 -10.69 -49.35
C ASN B 950 -43.75 -9.67 -49.01
N LEU B 951 -42.92 -9.39 -50.03
CA LEU B 951 -41.65 -8.63 -49.91
C LEU B 951 -41.60 -7.72 -51.12
N SER B 952 -40.73 -6.72 -51.07
CA SER B 952 -40.67 -5.72 -52.13
C SER B 952 -40.15 -6.29 -53.45
N GLN B 953 -40.00 -5.39 -54.41
CA GLN B 953 -39.95 -5.71 -55.82
C GLN B 953 -38.50 -5.56 -56.29
N ALA B 954 -37.82 -6.69 -56.51
CA ALA B 954 -36.44 -6.63 -56.97
C ALA B 954 -36.37 -6.08 -58.40
N PRO B 955 -35.39 -5.17 -58.68
CA PRO B 955 -35.15 -4.64 -60.05
C PRO B 955 -34.35 -5.63 -60.93
N ALA B 956 -34.41 -5.46 -62.26
CA ALA B 956 -33.78 -6.41 -63.18
C ALA B 956 -32.34 -6.04 -63.46
N LEU B 957 -31.47 -7.04 -63.38
CA LEU B 957 -30.04 -6.81 -63.38
C LEU B 957 -29.30 -7.36 -64.62
N PRO B 958 -28.26 -6.62 -65.09
CA PRO B 958 -27.36 -7.06 -66.17
C PRO B 958 -26.64 -8.40 -65.92
N GLN B 959 -26.27 -9.07 -67.01
CA GLN B 959 -25.38 -10.23 -66.98
C GLN B 959 -24.05 -9.68 -66.47
N PRO B 960 -23.57 -10.13 -65.28
CA PRO B 960 -22.32 -9.51 -64.82
C PRO B 960 -21.13 -10.20 -65.41
N GLU B 961 -20.02 -9.48 -65.45
CA GLU B 961 -18.76 -9.99 -65.95
C GLU B 961 -18.10 -10.83 -64.85
N VAL B 962 -17.93 -12.13 -65.12
CA VAL B 962 -17.43 -13.11 -64.15
C VAL B 962 -15.89 -13.23 -64.15
N ILE B 963 -15.27 -12.63 -63.14
CA ILE B 963 -13.85 -12.71 -62.91
C ILE B 963 -13.36 -14.13 -62.74
N GLN B 964 -12.49 -14.44 -63.68
CA GLN B 964 -11.89 -15.74 -63.92
C GLN B 964 -10.63 -15.90 -63.09
N ASN B 965 -9.87 -14.82 -62.92
CA ASN B 965 -8.50 -14.84 -62.43
C ASN B 965 -8.23 -13.47 -61.89
N MET B 966 -7.68 -13.34 -60.68
CA MET B 966 -7.54 -11.99 -60.08
C MET B 966 -6.48 -11.07 -60.74
N THR B 967 -5.39 -11.68 -61.20
CA THR B 967 -4.33 -10.98 -61.93
C THR B 967 -4.90 -10.43 -63.22
N GLU B 968 -5.38 -11.30 -64.11
CA GLU B 968 -6.07 -10.87 -65.35
C GLU B 968 -7.02 -9.71 -65.09
N PHE B 969 -7.77 -9.81 -64.00
CA PHE B 969 -8.76 -8.81 -63.69
C PHE B 969 -8.05 -7.46 -63.56
N LYS B 970 -7.21 -7.32 -62.53
CA LYS B 970 -6.44 -6.11 -62.29
C LYS B 970 -5.76 -5.58 -63.54
N ARG B 971 -5.03 -6.44 -64.26
CA ARG B 971 -4.37 -6.10 -65.55
C ARG B 971 -5.28 -5.31 -66.54
N GLY B 972 -6.49 -5.86 -66.76
CA GLY B 972 -7.46 -5.27 -67.69
C GLY B 972 -8.11 -3.97 -67.25
N LEU B 973 -7.69 -3.34 -66.13
CA LEU B 973 -8.21 -1.99 -65.81
C LEU B 973 -7.19 -1.00 -65.31
N PRO B 974 -7.59 0.30 -65.29
CA PRO B 974 -6.74 1.39 -64.79
C PRO B 974 -6.59 1.36 -63.28
N LEU B 975 -5.66 2.12 -62.75
CA LEU B 975 -5.54 2.31 -61.32
C LEU B 975 -5.76 3.77 -61.00
N PHE B 976 -6.33 4.05 -59.83
CA PHE B 976 -6.64 5.45 -59.44
C PHE B 976 -5.36 6.21 -59.20
N PRO B 977 -5.42 7.56 -59.17
CA PRO B 977 -4.30 8.29 -58.56
C PRO B 977 -4.13 7.89 -57.08
N LEU B 978 -3.05 8.34 -56.43
CA LEU B 978 -2.98 8.39 -54.98
C LEU B 978 -3.49 9.76 -54.49
N VAL B 979 -3.99 9.83 -53.25
CA VAL B 979 -4.59 11.08 -52.71
C VAL B 979 -3.51 12.15 -52.38
N LYS B 980 -3.65 13.38 -52.88
CA LYS B 980 -2.73 14.49 -52.46
C LYS B 980 -2.83 14.84 -50.92
N PRO B 981 -1.67 15.12 -50.24
CA PRO B 981 -1.68 15.36 -48.79
C PRO B 981 -2.22 16.74 -48.38
N HIS B 982 -1.67 17.32 -47.33
CA HIS B 982 -2.25 18.55 -46.75
C HIS B 982 -1.14 19.54 -46.30
N ILE B 983 -1.15 20.73 -46.89
ZN ZN C . 18.70 7.90 15.62
C10 MGW D . 23.69 6.05 44.18
N12 MGW D . 25.94 2.33 41.03
C13 MGW D . 25.40 2.86 39.92
C15 MGW D . 26.38 3.02 38.76
C17 MGW D . 26.70 4.43 36.80
C20 MGW D . 26.64 6.77 34.78
C21 MGW D . 26.54 7.85 33.85
C22 MGW D . 26.51 7.57 32.46
C24 MGW D . 26.67 5.18 32.93
C26 MGW D . 23.87 2.46 36.12
O04 MGW D . 24.50 0.05 43.40
C03 MGW D . 25.21 0.51 42.53
O02 MGW D . 25.96 -0.45 41.69
C01 MGW D . 25.37 -1.23 40.64
C05 MGW D . 25.34 2.02 42.34
C06 MGW D . 24.01 2.79 42.47
C07 MGW D . 24.16 4.19 43.07
C08 MGW D . 25.23 5.07 42.94
N09 MGW D . 24.92 6.18 43.62
N11 MGW D . 23.21 4.84 43.83
O14 MGW D . 24.23 3.20 39.86
N16 MGW D . 25.75 3.53 37.53
C25 MGW D . 25.25 2.35 36.78
O27 MGW D . 23.47 3.52 35.57
O28 MGW D . 23.16 1.44 36.12
C18 MGW D . 26.82 4.23 35.28
C19 MGW D . 26.70 5.43 34.34
C23 MGW D . 26.57 6.24 32.01
ZN ZN E . -27.98 -12.76 -29.50
C10 MGW F . -1.00 -14.85 -20.60
N12 MGW F . -4.46 -16.30 -16.77
C13 MGW F . -5.62 -15.73 -17.12
C15 MGW F . -6.80 -16.70 -17.13
C17 MGW F . -8.96 -17.39 -18.00
C20 MGW F . -10.52 -18.94 -20.89
C21 MGW F . -10.25 -19.57 -22.11
C22 MGW F . -9.19 -19.15 -22.94
C24 MGW F . -8.67 -17.44 -21.30
C26 MGW F . -8.66 -13.84 -18.02
O04 MGW F . -1.75 -13.89 -16.46
C03 MGW F . -2.73 -14.48 -16.01
O02 MGW F . -3.55 -13.90 -14.94
C01 MGW F . -3.24 -13.97 -13.55
C05 MGW F . -3.05 -15.87 -16.53
C06 MGW F . -2.05 -16.55 -17.51
C07 MGW F . -1.39 -15.91 -18.71
C08 MGW F . -0.06 -16.10 -19.06
N09 MGW F . 0.16 -15.43 -20.19
N11 MGW F . -1.95 -15.15 -19.69
O14 MGW F . -5.74 -14.57 -17.42
N16 MGW F . -8.01 -16.26 -17.86
C25 MGW F . -8.61 -15.10 -17.16
O27 MGW F . -9.30 -13.83 -19.09
O28 MGW F . -8.06 -12.83 -17.60
C18 MGW F . -10.02 -17.16 -19.10
C19 MGW F . -9.73 -17.86 -20.44
C23 MGW F . -8.40 -18.07 -22.53
#